data_6GLJ
# 
_entry.id   6GLJ 
# 
_audit_conform.dict_name       mmcif_pdbx.dic 
_audit_conform.dict_version    5.383 
_audit_conform.dict_location   http://mmcif.pdb.org/dictionaries/ascii/mmcif_pdbx.dic 
# 
loop_
_database_2.database_id 
_database_2.database_code 
_database_2.pdbx_database_accession 
_database_2.pdbx_DOI 
PDB   6GLJ         pdb_00006glj 10.2210/pdb6glj/pdb 
WWPDB D_1200010102 ?            ?                   
# 
loop_
_pdbx_audit_revision_history.ordinal 
_pdbx_audit_revision_history.data_content_type 
_pdbx_audit_revision_history.major_revision 
_pdbx_audit_revision_history.minor_revision 
_pdbx_audit_revision_history.revision_date 
1 'Structure model' 1 0 2019-02-20 
2 'Structure model' 1 1 2024-01-17 
# 
_pdbx_audit_revision_details.ordinal             1 
_pdbx_audit_revision_details.revision_ordinal    1 
_pdbx_audit_revision_details.data_content_type   'Structure model' 
_pdbx_audit_revision_details.provider            repository 
_pdbx_audit_revision_details.type                'Initial release' 
_pdbx_audit_revision_details.description         ? 
_pdbx_audit_revision_details.details             ? 
# 
loop_
_pdbx_audit_revision_group.ordinal 
_pdbx_audit_revision_group.revision_ordinal 
_pdbx_audit_revision_group.data_content_type 
_pdbx_audit_revision_group.group 
1 2 'Structure model' 'Data collection'        
2 2 'Structure model' 'Database references'    
3 2 'Structure model' 'Refinement description' 
# 
loop_
_pdbx_audit_revision_category.ordinal 
_pdbx_audit_revision_category.revision_ordinal 
_pdbx_audit_revision_category.data_content_type 
_pdbx_audit_revision_category.category 
1 2 'Structure model' chem_comp_atom                
2 2 'Structure model' chem_comp_bond                
3 2 'Structure model' database_2                    
4 2 'Structure model' pdbx_initial_refinement_model 
# 
loop_
_pdbx_audit_revision_item.ordinal 
_pdbx_audit_revision_item.revision_ordinal 
_pdbx_audit_revision_item.data_content_type 
_pdbx_audit_revision_item.item 
1 2 'Structure model' '_database_2.pdbx_DOI'                
2 2 'Structure model' '_database_2.pdbx_database_accession' 
# 
_pdbx_database_status.status_code                     REL 
_pdbx_database_status.status_code_sf                  REL 
_pdbx_database_status.status_code_mr                  ? 
_pdbx_database_status.entry_id                        6GLJ 
_pdbx_database_status.recvd_initial_deposition_date   2018-05-23 
_pdbx_database_status.SG_entry                        N 
_pdbx_database_status.deposit_site                    PDBE 
_pdbx_database_status.process_site                    PDBE 
_pdbx_database_status.status_code_cs                  ? 
_pdbx_database_status.methods_development_category    ? 
_pdbx_database_status.pdb_format_compatible           Y 
_pdbx_database_status.status_code_nmr_data            ? 
# 
loop_
_audit_author.name 
_audit_author.pdbx_ordinal 
_audit_author.identifier_ORCID 
'Eberle, S.A.' 1 ? 
'Wiedmer, L.'  2 ? 
'Sledz, P.'    3 ? 
'Caflisch, A.' 4 ? 
# 
_citation.abstract                  ? 
_citation.abstract_id_CAS           ? 
_citation.book_id_ISBN              ? 
_citation.book_publisher            ? 
_citation.book_publisher_city       ? 
_citation.book_title                ? 
_citation.coordinate_linkage        ? 
_citation.country                   ? 
_citation.database_id_Medline       ? 
_citation.details                   ? 
_citation.id                        primary 
_citation.journal_abbrev            'To Be Published' 
_citation.journal_id_ASTM           ? 
_citation.journal_id_CSD            0353 
_citation.journal_id_ISSN           ? 
_citation.journal_full              ? 
_citation.journal_issue             ? 
_citation.journal_volume            ? 
_citation.language                  ? 
_citation.page_first                ? 
_citation.page_last                 ? 
_citation.title                     'hMTH1 F27A in complex with TH scaffold 1.' 
_citation.year                      ? 
_citation.database_id_CSD           ? 
_citation.pdbx_database_id_DOI      ? 
_citation.pdbx_database_id_PubMed   ? 
_citation.unpublished_flag          ? 
# 
loop_
_citation_author.citation_id 
_citation_author.name 
_citation_author.ordinal 
_citation_author.identifier_ORCID 
primary 'Eberle, S.A.' 1 ? 
primary 'Wiedmer, L.'  2 ? 
primary 'Sledz, P.'    3 ? 
primary 'Caflisch, A.' 4 ? 
# 
loop_
_entity.id 
_entity.type 
_entity.src_method 
_entity.pdbx_description 
_entity.formula_weight 
_entity.pdbx_number_of_molecules 
_entity.pdbx_ec 
_entity.pdbx_mutation 
_entity.pdbx_fragment 
_entity.details 
1 polymer     man '7,8-dihydro-8-oxoguanine triphosphatase' 21028.830 1   3.6.1.55,3.6.1.56 ? ? ? 
2 non-polymer syn 'SULFATE ION'                             96.063    4   ?                 ? ? ? 
3 non-polymer syn 4-phenylpyrimidin-2-amine                 171.199   1   ?                 ? ? ? 
4 water       nat water                                     18.015    206 ?                 ? ? ? 
# 
_entity_name_com.entity_id   1 
_entity_name_com.name        
'2-hydroxy-dATP diphosphatase,8-oxo-dGTPase,Nucleoside diphosphate-linked moiety X motif 1,Nudix motif 1' 
# 
_entity_poly.entity_id                      1 
_entity_poly.type                           'polypeptide(L)' 
_entity_poly.nstd_linkage                   no 
_entity_poly.nstd_monomer                   no 
_entity_poly.pdbx_seq_one_letter_code       
;MKHHHHHHPMSDYDIPTTENLYFQGAMGASRLYTLVLVLQPQRVLLGMKKRGAGAGRWNGFGGKVQEGETIEDGARRELQ
EESGLTVDALHKVGQIVFEFVGEPELMDVHVFCTDSIQGTPVESDEMRPCWFQLDQIPFKDMWPDDSYWFPLLLQKKKFH
GYFKFQGQDTILDYTLREVDTV
;
_entity_poly.pdbx_seq_one_letter_code_can   
;MKHHHHHHPMSDYDIPTTENLYFQGAMGASRLYTLVLVLQPQRVLLGMKKRGAGAGRWNGFGGKVQEGETIEDGARRELQ
EESGLTVDALHKVGQIVFEFVGEPELMDVHVFCTDSIQGTPVESDEMRPCWFQLDQIPFKDMWPDDSYWFPLLLQKKKFH
GYFKFQGQDTILDYTLREVDTV
;
_entity_poly.pdbx_strand_id                 A 
_entity_poly.pdbx_target_identifier         ? 
# 
loop_
_pdbx_entity_nonpoly.entity_id 
_pdbx_entity_nonpoly.name 
_pdbx_entity_nonpoly.comp_id 
2 'SULFATE ION'             SO4 
3 4-phenylpyrimidin-2-amine F3E 
4 water                     HOH 
# 
loop_
_entity_poly_seq.entity_id 
_entity_poly_seq.num 
_entity_poly_seq.mon_id 
_entity_poly_seq.hetero 
1 1   MET n 
1 2   LYS n 
1 3   HIS n 
1 4   HIS n 
1 5   HIS n 
1 6   HIS n 
1 7   HIS n 
1 8   HIS n 
1 9   PRO n 
1 10  MET n 
1 11  SER n 
1 12  ASP n 
1 13  TYR n 
1 14  ASP n 
1 15  ILE n 
1 16  PRO n 
1 17  THR n 
1 18  THR n 
1 19  GLU n 
1 20  ASN n 
1 21  LEU n 
1 22  TYR n 
1 23  PHE n 
1 24  GLN n 
1 25  GLY n 
1 26  ALA n 
1 27  MET n 
1 28  GLY n 
1 29  ALA n 
1 30  SER n 
1 31  ARG n 
1 32  LEU n 
1 33  TYR n 
1 34  THR n 
1 35  LEU n 
1 36  VAL n 
1 37  LEU n 
1 38  VAL n 
1 39  LEU n 
1 40  GLN n 
1 41  PRO n 
1 42  GLN n 
1 43  ARG n 
1 44  VAL n 
1 45  LEU n 
1 46  LEU n 
1 47  GLY n 
1 48  MET n 
1 49  LYS n 
1 50  LYS n 
1 51  ARG n 
1 52  GLY n 
1 53  ALA n 
1 54  GLY n 
1 55  ALA n 
1 56  GLY n 
1 57  ARG n 
1 58  TRP n 
1 59  ASN n 
1 60  GLY n 
1 61  PHE n 
1 62  GLY n 
1 63  GLY n 
1 64  LYS n 
1 65  VAL n 
1 66  GLN n 
1 67  GLU n 
1 68  GLY n 
1 69  GLU n 
1 70  THR n 
1 71  ILE n 
1 72  GLU n 
1 73  ASP n 
1 74  GLY n 
1 75  ALA n 
1 76  ARG n 
1 77  ARG n 
1 78  GLU n 
1 79  LEU n 
1 80  GLN n 
1 81  GLU n 
1 82  GLU n 
1 83  SER n 
1 84  GLY n 
1 85  LEU n 
1 86  THR n 
1 87  VAL n 
1 88  ASP n 
1 89  ALA n 
1 90  LEU n 
1 91  HIS n 
1 92  LYS n 
1 93  VAL n 
1 94  GLY n 
1 95  GLN n 
1 96  ILE n 
1 97  VAL n 
1 98  PHE n 
1 99  GLU n 
1 100 PHE n 
1 101 VAL n 
1 102 GLY n 
1 103 GLU n 
1 104 PRO n 
1 105 GLU n 
1 106 LEU n 
1 107 MET n 
1 108 ASP n 
1 109 VAL n 
1 110 HIS n 
1 111 VAL n 
1 112 PHE n 
1 113 CYS n 
1 114 THR n 
1 115 ASP n 
1 116 SER n 
1 117 ILE n 
1 118 GLN n 
1 119 GLY n 
1 120 THR n 
1 121 PRO n 
1 122 VAL n 
1 123 GLU n 
1 124 SER n 
1 125 ASP n 
1 126 GLU n 
1 127 MET n 
1 128 ARG n 
1 129 PRO n 
1 130 CYS n 
1 131 TRP n 
1 132 PHE n 
1 133 GLN n 
1 134 LEU n 
1 135 ASP n 
1 136 GLN n 
1 137 ILE n 
1 138 PRO n 
1 139 PHE n 
1 140 LYS n 
1 141 ASP n 
1 142 MET n 
1 143 TRP n 
1 144 PRO n 
1 145 ASP n 
1 146 ASP n 
1 147 SER n 
1 148 TYR n 
1 149 TRP n 
1 150 PHE n 
1 151 PRO n 
1 152 LEU n 
1 153 LEU n 
1 154 LEU n 
1 155 GLN n 
1 156 LYS n 
1 157 LYS n 
1 158 LYS n 
1 159 PHE n 
1 160 HIS n 
1 161 GLY n 
1 162 TYR n 
1 163 PHE n 
1 164 LYS n 
1 165 PHE n 
1 166 GLN n 
1 167 GLY n 
1 168 GLN n 
1 169 ASP n 
1 170 THR n 
1 171 ILE n 
1 172 LEU n 
1 173 ASP n 
1 174 TYR n 
1 175 THR n 
1 176 LEU n 
1 177 ARG n 
1 178 GLU n 
1 179 VAL n 
1 180 ASP n 
1 181 THR n 
1 182 VAL n 
# 
_entity_src_gen.entity_id                          1 
_entity_src_gen.pdbx_src_id                        1 
_entity_src_gen.pdbx_alt_source_flag               sample 
_entity_src_gen.pdbx_seq_type                      'Biological sequence' 
_entity_src_gen.pdbx_beg_seq_num                   1 
_entity_src_gen.pdbx_end_seq_num                   182 
_entity_src_gen.gene_src_common_name               Human 
_entity_src_gen.gene_src_genus                     ? 
_entity_src_gen.pdbx_gene_src_gene                 'NUDT1, MTH1' 
_entity_src_gen.gene_src_species                   ? 
_entity_src_gen.gene_src_strain                    ? 
_entity_src_gen.gene_src_tissue                    ? 
_entity_src_gen.gene_src_tissue_fraction           ? 
_entity_src_gen.gene_src_details                   ? 
_entity_src_gen.pdbx_gene_src_fragment             ? 
_entity_src_gen.pdbx_gene_src_scientific_name      'Homo sapiens' 
_entity_src_gen.pdbx_gene_src_ncbi_taxonomy_id     9606 
_entity_src_gen.pdbx_gene_src_variant              ? 
_entity_src_gen.pdbx_gene_src_cell_line            ? 
_entity_src_gen.pdbx_gene_src_atcc                 ? 
_entity_src_gen.pdbx_gene_src_organ                ? 
_entity_src_gen.pdbx_gene_src_organelle            ? 
_entity_src_gen.pdbx_gene_src_cell                 ? 
_entity_src_gen.pdbx_gene_src_cellular_location    ? 
_entity_src_gen.host_org_common_name               ? 
_entity_src_gen.pdbx_host_org_scientific_name      'Escherichia coli BL21(DE3)' 
_entity_src_gen.pdbx_host_org_ncbi_taxonomy_id     469008 
_entity_src_gen.host_org_genus                     ? 
_entity_src_gen.pdbx_host_org_gene                 ? 
_entity_src_gen.pdbx_host_org_organ                ? 
_entity_src_gen.host_org_species                   ? 
_entity_src_gen.pdbx_host_org_tissue               ? 
_entity_src_gen.pdbx_host_org_tissue_fraction      ? 
_entity_src_gen.pdbx_host_org_strain               ? 
_entity_src_gen.pdbx_host_org_variant              ? 
_entity_src_gen.pdbx_host_org_cell_line            ? 
_entity_src_gen.pdbx_host_org_atcc                 ? 
_entity_src_gen.pdbx_host_org_culture_collection   ? 
_entity_src_gen.pdbx_host_org_cell                 ? 
_entity_src_gen.pdbx_host_org_organelle            ? 
_entity_src_gen.pdbx_host_org_cellular_location    ? 
_entity_src_gen.pdbx_host_org_vector_type          ? 
_entity_src_gen.pdbx_host_org_vector               ? 
_entity_src_gen.host_org_details                   ? 
_entity_src_gen.expression_system_id               ? 
_entity_src_gen.plasmid_name                       ? 
_entity_src_gen.plasmid_details                    ? 
_entity_src_gen.pdbx_description                   ? 
# 
loop_
_chem_comp.id 
_chem_comp.type 
_chem_comp.mon_nstd_flag 
_chem_comp.name 
_chem_comp.pdbx_synonyms 
_chem_comp.formula 
_chem_comp.formula_weight 
ALA 'L-peptide linking' y ALANINE                   ? 'C3 H7 N O2'     89.093  
ARG 'L-peptide linking' y ARGININE                  ? 'C6 H15 N4 O2 1' 175.209 
ASN 'L-peptide linking' y ASPARAGINE                ? 'C4 H8 N2 O3'    132.118 
ASP 'L-peptide linking' y 'ASPARTIC ACID'           ? 'C4 H7 N O4'     133.103 
CYS 'L-peptide linking' y CYSTEINE                  ? 'C3 H7 N O2 S'   121.158 
F3E non-polymer         . 4-phenylpyrimidin-2-amine ? 'C10 H9 N3'      171.199 
GLN 'L-peptide linking' y GLUTAMINE                 ? 'C5 H10 N2 O3'   146.144 
GLU 'L-peptide linking' y 'GLUTAMIC ACID'           ? 'C5 H9 N O4'     147.129 
GLY 'peptide linking'   y GLYCINE                   ? 'C2 H5 N O2'     75.067  
HIS 'L-peptide linking' y HISTIDINE                 ? 'C6 H10 N3 O2 1' 156.162 
HOH non-polymer         . WATER                     ? 'H2 O'           18.015  
ILE 'L-peptide linking' y ISOLEUCINE                ? 'C6 H13 N O2'    131.173 
LEU 'L-peptide linking' y LEUCINE                   ? 'C6 H13 N O2'    131.173 
LYS 'L-peptide linking' y LYSINE                    ? 'C6 H15 N2 O2 1' 147.195 
MET 'L-peptide linking' y METHIONINE                ? 'C5 H11 N O2 S'  149.211 
PHE 'L-peptide linking' y PHENYLALANINE             ? 'C9 H11 N O2'    165.189 
PRO 'L-peptide linking' y PROLINE                   ? 'C5 H9 N O2'     115.130 
SER 'L-peptide linking' y SERINE                    ? 'C3 H7 N O3'     105.093 
SO4 non-polymer         . 'SULFATE ION'             ? 'O4 S -2'        96.063  
THR 'L-peptide linking' y THREONINE                 ? 'C4 H9 N O3'     119.119 
TRP 'L-peptide linking' y TRYPTOPHAN                ? 'C11 H12 N2 O2'  204.225 
TYR 'L-peptide linking' y TYROSINE                  ? 'C9 H11 N O3'    181.189 
VAL 'L-peptide linking' y VALINE                    ? 'C5 H11 N O2'    117.146 
# 
loop_
_pdbx_poly_seq_scheme.asym_id 
_pdbx_poly_seq_scheme.entity_id 
_pdbx_poly_seq_scheme.seq_id 
_pdbx_poly_seq_scheme.mon_id 
_pdbx_poly_seq_scheme.ndb_seq_num 
_pdbx_poly_seq_scheme.pdb_seq_num 
_pdbx_poly_seq_scheme.auth_seq_num 
_pdbx_poly_seq_scheme.pdb_mon_id 
_pdbx_poly_seq_scheme.auth_mon_id 
_pdbx_poly_seq_scheme.pdb_strand_id 
_pdbx_poly_seq_scheme.pdb_ins_code 
_pdbx_poly_seq_scheme.hetero 
A 1 1   MET 1   -25 ?   ?   ?   A . n 
A 1 2   LYS 2   -24 ?   ?   ?   A . n 
A 1 3   HIS 3   -23 ?   ?   ?   A . n 
A 1 4   HIS 4   -22 ?   ?   ?   A . n 
A 1 5   HIS 5   -21 ?   ?   ?   A . n 
A 1 6   HIS 6   -20 ?   ?   ?   A . n 
A 1 7   HIS 7   -19 ?   ?   ?   A . n 
A 1 8   HIS 8   -18 ?   ?   ?   A . n 
A 1 9   PRO 9   -17 ?   ?   ?   A . n 
A 1 10  MET 10  -16 ?   ?   ?   A . n 
A 1 11  SER 11  -15 ?   ?   ?   A . n 
A 1 12  ASP 12  -14 ?   ?   ?   A . n 
A 1 13  TYR 13  -13 ?   ?   ?   A . n 
A 1 14  ASP 14  -12 ?   ?   ?   A . n 
A 1 15  ILE 15  -11 ?   ?   ?   A . n 
A 1 16  PRO 16  -10 ?   ?   ?   A . n 
A 1 17  THR 17  -9  ?   ?   ?   A . n 
A 1 18  THR 18  -8  ?   ?   ?   A . n 
A 1 19  GLU 19  -7  ?   ?   ?   A . n 
A 1 20  ASN 20  -6  ?   ?   ?   A . n 
A 1 21  LEU 21  -5  ?   ?   ?   A . n 
A 1 22  TYR 22  -4  ?   ?   ?   A . n 
A 1 23  PHE 23  -3  ?   ?   ?   A . n 
A 1 24  GLN 24  -2  ?   ?   ?   A . n 
A 1 25  GLY 25  -1  ?   ?   ?   A . n 
A 1 26  ALA 26  0   ?   ?   ?   A . n 
A 1 27  MET 27  1   ?   ?   ?   A . n 
A 1 28  GLY 28  2   ?   ?   ?   A . n 
A 1 29  ALA 29  3   3   ALA ALA A . n 
A 1 30  SER 30  4   4   SER SER A . n 
A 1 31  ARG 31  5   5   ARG ARG A . n 
A 1 32  LEU 32  6   6   LEU LEU A . n 
A 1 33  TYR 33  7   7   TYR TYR A . n 
A 1 34  THR 34  8   8   THR THR A . n 
A 1 35  LEU 35  9   9   LEU LEU A . n 
A 1 36  VAL 36  10  10  VAL VAL A . n 
A 1 37  LEU 37  11  11  LEU LEU A . n 
A 1 38  VAL 38  12  12  VAL VAL A . n 
A 1 39  LEU 39  13  13  LEU LEU A . n 
A 1 40  GLN 40  14  14  GLN GLN A . n 
A 1 41  PRO 41  15  15  PRO PRO A . n 
A 1 42  GLN 42  16  16  GLN GLN A . n 
A 1 43  ARG 43  17  17  ARG ARG A . n 
A 1 44  VAL 44  18  18  VAL VAL A . n 
A 1 45  LEU 45  19  19  LEU LEU A . n 
A 1 46  LEU 46  20  20  LEU LEU A . n 
A 1 47  GLY 47  21  21  GLY GLY A . n 
A 1 48  MET 48  22  22  MET MET A . n 
A 1 49  LYS 49  23  23  LYS LYS A . n 
A 1 50  LYS 50  24  24  LYS LYS A . n 
A 1 51  ARG 51  25  25  ARG ARG A . n 
A 1 52  GLY 52  26  26  GLY GLY A . n 
A 1 53  ALA 53  27  27  ALA ALA A . n 
A 1 54  GLY 54  28  28  GLY GLY A . n 
A 1 55  ALA 55  29  29  ALA ALA A . n 
A 1 56  GLY 56  30  30  GLY GLY A . n 
A 1 57  ARG 57  31  31  ARG ARG A . n 
A 1 58  TRP 58  32  32  TRP TRP A . n 
A 1 59  ASN 59  33  33  ASN ASN A . n 
A 1 60  GLY 60  34  34  GLY GLY A . n 
A 1 61  PHE 61  35  35  PHE PHE A . n 
A 1 62  GLY 62  36  36  GLY GLY A . n 
A 1 63  GLY 63  37  37  GLY GLY A . n 
A 1 64  LYS 64  38  38  LYS LYS A . n 
A 1 65  VAL 65  39  39  VAL VAL A . n 
A 1 66  GLN 66  40  40  GLN GLN A . n 
A 1 67  GLU 67  41  41  GLU GLU A . n 
A 1 68  GLY 68  42  42  GLY GLY A . n 
A 1 69  GLU 69  43  43  GLU GLU A . n 
A 1 70  THR 70  44  44  THR THR A . n 
A 1 71  ILE 71  45  45  ILE ILE A . n 
A 1 72  GLU 72  46  46  GLU GLU A . n 
A 1 73  ASP 73  47  47  ASP ASP A . n 
A 1 74  GLY 74  48  48  GLY GLY A . n 
A 1 75  ALA 75  49  49  ALA ALA A . n 
A 1 76  ARG 76  50  50  ARG ARG A . n 
A 1 77  ARG 77  51  51  ARG ARG A . n 
A 1 78  GLU 78  52  52  GLU GLU A . n 
A 1 79  LEU 79  53  53  LEU LEU A . n 
A 1 80  GLN 80  54  54  GLN GLN A . n 
A 1 81  GLU 81  55  55  GLU GLU A . n 
A 1 82  GLU 82  56  56  GLU GLU A . n 
A 1 83  SER 83  57  57  SER SER A . n 
A 1 84  GLY 84  58  58  GLY GLY A . n 
A 1 85  LEU 85  59  59  LEU LEU A . n 
A 1 86  THR 86  60  60  THR THR A . n 
A 1 87  VAL 87  61  61  VAL VAL A . n 
A 1 88  ASP 88  62  62  ASP ASP A . n 
A 1 89  ALA 89  63  63  ALA ALA A . n 
A 1 90  LEU 90  64  64  LEU LEU A . n 
A 1 91  HIS 91  65  65  HIS HIS A . n 
A 1 92  LYS 92  66  66  LYS LYS A . n 
A 1 93  VAL 93  67  67  VAL VAL A . n 
A 1 94  GLY 94  68  68  GLY GLY A . n 
A 1 95  GLN 95  69  69  GLN GLN A . n 
A 1 96  ILE 96  70  70  ILE ILE A . n 
A 1 97  VAL 97  71  71  VAL VAL A . n 
A 1 98  PHE 98  72  72  PHE PHE A . n 
A 1 99  GLU 99  73  73  GLU GLU A . n 
A 1 100 PHE 100 74  74  PHE PHE A . n 
A 1 101 VAL 101 75  75  VAL VAL A . n 
A 1 102 GLY 102 76  76  GLY GLY A . n 
A 1 103 GLU 103 77  77  GLU GLU A . n 
A 1 104 PRO 104 78  78  PRO PRO A . n 
A 1 105 GLU 105 79  79  GLU GLU A . n 
A 1 106 LEU 106 80  80  LEU LEU A . n 
A 1 107 MET 107 81  81  MET MET A . n 
A 1 108 ASP 108 82  82  ASP ASP A . n 
A 1 109 VAL 109 83  83  VAL VAL A . n 
A 1 110 HIS 110 84  84  HIS HIS A . n 
A 1 111 VAL 111 85  85  VAL VAL A . n 
A 1 112 PHE 112 86  86  PHE PHE A . n 
A 1 113 CYS 113 87  87  CYS CYS A . n 
A 1 114 THR 114 88  88  THR THR A . n 
A 1 115 ASP 115 89  89  ASP ASP A . n 
A 1 116 SER 116 90  90  SER SER A . n 
A 1 117 ILE 117 91  91  ILE ILE A . n 
A 1 118 GLN 118 92  92  GLN GLN A . n 
A 1 119 GLY 119 93  93  GLY GLY A . n 
A 1 120 THR 120 94  94  THR THR A . n 
A 1 121 PRO 121 95  95  PRO PRO A . n 
A 1 122 VAL 122 96  96  VAL VAL A . n 
A 1 123 GLU 123 97  97  GLU GLU A . n 
A 1 124 SER 124 98  98  SER SER A . n 
A 1 125 ASP 125 99  99  ASP ASP A . n 
A 1 126 GLU 126 100 100 GLU GLU A . n 
A 1 127 MET 127 101 101 MET MET A . n 
A 1 128 ARG 128 102 102 ARG ARG A . n 
A 1 129 PRO 129 103 103 PRO PRO A . n 
A 1 130 CYS 130 104 104 CYS CYS A . n 
A 1 131 TRP 131 105 105 TRP TRP A . n 
A 1 132 PHE 132 106 106 PHE PHE A . n 
A 1 133 GLN 133 107 107 GLN GLN A . n 
A 1 134 LEU 134 108 108 LEU LEU A . n 
A 1 135 ASP 135 109 109 ASP ASP A . n 
A 1 136 GLN 136 110 110 GLN GLN A . n 
A 1 137 ILE 137 111 111 ILE ILE A . n 
A 1 138 PRO 138 112 112 PRO PRO A . n 
A 1 139 PHE 139 113 113 PHE PHE A . n 
A 1 140 LYS 140 114 114 LYS LYS A . n 
A 1 141 ASP 141 115 115 ASP ASP A . n 
A 1 142 MET 142 116 116 MET MET A . n 
A 1 143 TRP 143 117 117 TRP TRP A . n 
A 1 144 PRO 144 118 118 PRO PRO A . n 
A 1 145 ASP 145 119 119 ASP ASP A . n 
A 1 146 ASP 146 120 120 ASP ASP A . n 
A 1 147 SER 147 121 121 SER SER A . n 
A 1 148 TYR 148 122 122 TYR TYR A . n 
A 1 149 TRP 149 123 123 TRP TRP A . n 
A 1 150 PHE 150 124 124 PHE PHE A . n 
A 1 151 PRO 151 125 125 PRO PRO A . n 
A 1 152 LEU 152 126 126 LEU LEU A . n 
A 1 153 LEU 153 127 127 LEU LEU A . n 
A 1 154 LEU 154 128 128 LEU LEU A . n 
A 1 155 GLN 155 129 129 GLN GLN A . n 
A 1 156 LYS 156 130 130 LYS LYS A . n 
A 1 157 LYS 157 131 131 LYS LYS A . n 
A 1 158 LYS 158 132 132 LYS LYS A . n 
A 1 159 PHE 159 133 133 PHE PHE A . n 
A 1 160 HIS 160 134 134 HIS HIS A . n 
A 1 161 GLY 161 135 135 GLY GLY A . n 
A 1 162 TYR 162 136 136 TYR TYR A . n 
A 1 163 PHE 163 137 137 PHE PHE A . n 
A 1 164 LYS 164 138 138 LYS LYS A . n 
A 1 165 PHE 165 139 139 PHE PHE A . n 
A 1 166 GLN 166 140 140 GLN GLN A . n 
A 1 167 GLY 167 141 141 GLY GLY A . n 
A 1 168 GLN 168 142 142 GLN GLN A . n 
A 1 169 ASP 169 143 143 ASP ASP A . n 
A 1 170 THR 170 144 144 THR THR A . n 
A 1 171 ILE 171 145 145 ILE ILE A . n 
A 1 172 LEU 172 146 146 LEU LEU A . n 
A 1 173 ASP 173 147 147 ASP ASP A . n 
A 1 174 TYR 174 148 148 TYR TYR A . n 
A 1 175 THR 175 149 149 THR THR A . n 
A 1 176 LEU 176 150 150 LEU LEU A . n 
A 1 177 ARG 177 151 151 ARG ARG A . n 
A 1 178 GLU 178 152 152 GLU GLU A . n 
A 1 179 VAL 179 153 153 VAL VAL A . n 
A 1 180 ASP 180 154 154 ASP ASP A . n 
A 1 181 THR 181 155 155 THR THR A . n 
A 1 182 VAL 182 156 156 VAL VAL A . n 
# 
loop_
_pdbx_nonpoly_scheme.asym_id 
_pdbx_nonpoly_scheme.entity_id 
_pdbx_nonpoly_scheme.mon_id 
_pdbx_nonpoly_scheme.ndb_seq_num 
_pdbx_nonpoly_scheme.pdb_seq_num 
_pdbx_nonpoly_scheme.auth_seq_num 
_pdbx_nonpoly_scheme.pdb_mon_id 
_pdbx_nonpoly_scheme.auth_mon_id 
_pdbx_nonpoly_scheme.pdb_strand_id 
_pdbx_nonpoly_scheme.pdb_ins_code 
B 2 SO4 1   201 2   SO4 SO4 A . 
C 2 SO4 1   202 3   SO4 SO4 A . 
D 2 SO4 1   203 4   SO4 SO4 A . 
E 2 SO4 1   204 5   SO4 SO4 A . 
F 3 F3E 1   205 1   F3E LIG A . 
G 4 HOH 1   301 171 HOH HOH A . 
G 4 HOH 2   302 161 HOH HOH A . 
G 4 HOH 3   303 204 HOH HOH A . 
G 4 HOH 4   304 111 HOH HOH A . 
G 4 HOH 5   305 205 HOH HOH A . 
G 4 HOH 6   306 112 HOH HOH A . 
G 4 HOH 7   307 201 HOH HOH A . 
G 4 HOH 8   308 61  HOH HOH A . 
G 4 HOH 9   309 206 HOH HOH A . 
G 4 HOH 10  310 169 HOH HOH A . 
G 4 HOH 11  311 8   HOH HOH A . 
G 4 HOH 12  312 25  HOH HOH A . 
G 4 HOH 13  313 135 HOH HOH A . 
G 4 HOH 14  314 94  HOH HOH A . 
G 4 HOH 15  315 172 HOH HOH A . 
G 4 HOH 16  316 66  HOH HOH A . 
G 4 HOH 17  317 106 HOH HOH A . 
G 4 HOH 18  318 196 HOH HOH A . 
G 4 HOH 19  319 39  HOH HOH A . 
G 4 HOH 20  320 74  HOH HOH A . 
G 4 HOH 21  321 73  HOH HOH A . 
G 4 HOH 22  322 42  HOH HOH A . 
G 4 HOH 23  323 101 HOH HOH A . 
G 4 HOH 24  324 21  HOH HOH A . 
G 4 HOH 25  325 214 HOH HOH A . 
G 4 HOH 26  326 174 HOH HOH A . 
G 4 HOH 27  327 105 HOH HOH A . 
G 4 HOH 28  328 49  HOH HOH A . 
G 4 HOH 29  329 71  HOH HOH A . 
G 4 HOH 30  330 22  HOH HOH A . 
G 4 HOH 31  331 7   HOH HOH A . 
G 4 HOH 32  332 17  HOH HOH A . 
G 4 HOH 33  333 91  HOH HOH A . 
G 4 HOH 34  334 54  HOH HOH A . 
G 4 HOH 35  335 43  HOH HOH A . 
G 4 HOH 36  336 131 HOH HOH A . 
G 4 HOH 37  337 27  HOH HOH A . 
G 4 HOH 38  338 110 HOH HOH A . 
G 4 HOH 39  339 67  HOH HOH A . 
G 4 HOH 40  340 33  HOH HOH A . 
G 4 HOH 41  341 28  HOH HOH A . 
G 4 HOH 42  342 5   HOH HOH A . 
G 4 HOH 43  343 154 HOH HOH A . 
G 4 HOH 44  344 53  HOH HOH A . 
G 4 HOH 45  345 167 HOH HOH A . 
G 4 HOH 46  346 29  HOH HOH A . 
G 4 HOH 47  347 230 HOH HOH A . 
G 4 HOH 48  348 83  HOH HOH A . 
G 4 HOH 49  349 127 HOH HOH A . 
G 4 HOH 50  350 160 HOH HOH A . 
G 4 HOH 51  351 4   HOH HOH A . 
G 4 HOH 52  352 60  HOH HOH A . 
G 4 HOH 53  353 107 HOH HOH A . 
G 4 HOH 54  354 62  HOH HOH A . 
G 4 HOH 55  355 57  HOH HOH A . 
G 4 HOH 56  356 14  HOH HOH A . 
G 4 HOH 57  357 99  HOH HOH A . 
G 4 HOH 58  358 116 HOH HOH A . 
G 4 HOH 59  359 31  HOH HOH A . 
G 4 HOH 60  360 120 HOH HOH A . 
G 4 HOH 61  361 173 HOH HOH A . 
G 4 HOH 62  362 18  HOH HOH A . 
G 4 HOH 63  363 224 HOH HOH A . 
G 4 HOH 64  364 151 HOH HOH A . 
G 4 HOH 65  365 100 HOH HOH A . 
G 4 HOH 66  366 152 HOH HOH A . 
G 4 HOH 67  367 47  HOH HOH A . 
G 4 HOH 68  368 59  HOH HOH A . 
G 4 HOH 69  369 19  HOH HOH A . 
G 4 HOH 70  370 165 HOH HOH A . 
G 4 HOH 71  371 162 HOH HOH A . 
G 4 HOH 72  372 35  HOH HOH A . 
G 4 HOH 73  373 50  HOH HOH A . 
G 4 HOH 74  374 11  HOH HOH A . 
G 4 HOH 75  375 38  HOH HOH A . 
G 4 HOH 76  376 92  HOH HOH A . 
G 4 HOH 77  377 130 HOH HOH A . 
G 4 HOH 78  378 137 HOH HOH A . 
G 4 HOH 79  379 20  HOH HOH A . 
G 4 HOH 80  380 72  HOH HOH A . 
G 4 HOH 81  381 155 HOH HOH A . 
G 4 HOH 82  382 34  HOH HOH A . 
G 4 HOH 83  383 23  HOH HOH A . 
G 4 HOH 84  384 9   HOH HOH A . 
G 4 HOH 85  385 103 HOH HOH A . 
G 4 HOH 86  386 211 HOH HOH A . 
G 4 HOH 87  387 126 HOH HOH A . 
G 4 HOH 88  388 2   HOH HOH A . 
G 4 HOH 89  389 41  HOH HOH A . 
G 4 HOH 90  390 76  HOH HOH A . 
G 4 HOH 91  391 209 HOH HOH A . 
G 4 HOH 92  392 65  HOH HOH A . 
G 4 HOH 93  393 98  HOH HOH A . 
G 4 HOH 94  394 223 HOH HOH A . 
G 4 HOH 95  395 44  HOH HOH A . 
G 4 HOH 96  396 166 HOH HOH A . 
G 4 HOH 97  397 80  HOH HOH A . 
G 4 HOH 98  398 81  HOH HOH A . 
G 4 HOH 99  399 24  HOH HOH A . 
G 4 HOH 100 400 45  HOH HOH A . 
G 4 HOH 101 401 97  HOH HOH A . 
G 4 HOH 102 402 40  HOH HOH A . 
G 4 HOH 103 403 87  HOH HOH A . 
G 4 HOH 104 404 10  HOH HOH A . 
G 4 HOH 105 405 37  HOH HOH A . 
G 4 HOH 106 406 70  HOH HOH A . 
G 4 HOH 107 407 3   HOH HOH A . 
G 4 HOH 108 408 48  HOH HOH A . 
G 4 HOH 109 409 132 HOH HOH A . 
G 4 HOH 110 410 84  HOH HOH A . 
G 4 HOH 111 411 16  HOH HOH A . 
G 4 HOH 112 412 85  HOH HOH A . 
G 4 HOH 113 413 96  HOH HOH A . 
G 4 HOH 114 414 52  HOH HOH A . 
G 4 HOH 115 415 63  HOH HOH A . 
G 4 HOH 116 416 86  HOH HOH A . 
G 4 HOH 117 417 182 HOH HOH A . 
G 4 HOH 118 418 227 HOH HOH A . 
G 4 HOH 119 419 26  HOH HOH A . 
G 4 HOH 120 420 119 HOH HOH A . 
G 4 HOH 121 421 58  HOH HOH A . 
G 4 HOH 122 422 46  HOH HOH A . 
G 4 HOH 123 423 139 HOH HOH A . 
G 4 HOH 124 424 32  HOH HOH A . 
G 4 HOH 125 425 219 HOH HOH A . 
G 4 HOH 126 426 13  HOH HOH A . 
G 4 HOH 127 427 118 HOH HOH A . 
G 4 HOH 128 428 95  HOH HOH A . 
G 4 HOH 129 429 194 HOH HOH A . 
G 4 HOH 130 430 187 HOH HOH A . 
G 4 HOH 131 431 15  HOH HOH A . 
G 4 HOH 132 432 30  HOH HOH A . 
G 4 HOH 133 433 133 HOH HOH A . 
G 4 HOH 134 434 56  HOH HOH A . 
G 4 HOH 135 435 179 HOH HOH A . 
G 4 HOH 136 436 128 HOH HOH A . 
G 4 HOH 137 437 138 HOH HOH A . 
G 4 HOH 138 438 180 HOH HOH A . 
G 4 HOH 139 439 75  HOH HOH A . 
G 4 HOH 140 440 199 HOH HOH A . 
G 4 HOH 141 441 6   HOH HOH A . 
G 4 HOH 142 442 121 HOH HOH A . 
G 4 HOH 143 443 170 HOH HOH A . 
G 4 HOH 144 444 220 HOH HOH A . 
G 4 HOH 145 445 82  HOH HOH A . 
G 4 HOH 146 446 89  HOH HOH A . 
G 4 HOH 147 447 90  HOH HOH A . 
G 4 HOH 148 448 134 HOH HOH A . 
G 4 HOH 149 449 124 HOH HOH A . 
G 4 HOH 150 450 176 HOH HOH A . 
G 4 HOH 151 451 77  HOH HOH A . 
G 4 HOH 152 452 213 HOH HOH A . 
G 4 HOH 153 453 215 HOH HOH A . 
G 4 HOH 154 454 175 HOH HOH A . 
G 4 HOH 155 455 185 HOH HOH A . 
G 4 HOH 156 456 156 HOH HOH A . 
G 4 HOH 157 457 197 HOH HOH A . 
G 4 HOH 158 458 113 HOH HOH A . 
G 4 HOH 159 459 183 HOH HOH A . 
G 4 HOH 160 460 217 HOH HOH A . 
G 4 HOH 161 461 117 HOH HOH A . 
G 4 HOH 162 462 186 HOH HOH A . 
G 4 HOH 163 463 102 HOH HOH A . 
G 4 HOH 164 464 68  HOH HOH A . 
G 4 HOH 165 465 221 HOH HOH A . 
G 4 HOH 166 466 159 HOH HOH A . 
G 4 HOH 167 467 51  HOH HOH A . 
G 4 HOH 168 468 190 HOH HOH A . 
G 4 HOH 169 469 168 HOH HOH A . 
G 4 HOH 170 470 114 HOH HOH A . 
G 4 HOH 171 471 216 HOH HOH A . 
G 4 HOH 172 472 93  HOH HOH A . 
G 4 HOH 173 473 157 HOH HOH A . 
G 4 HOH 174 474 78  HOH HOH A . 
G 4 HOH 175 475 229 HOH HOH A . 
G 4 HOH 176 476 177 HOH HOH A . 
G 4 HOH 177 477 198 HOH HOH A . 
G 4 HOH 178 478 69  HOH HOH A . 
G 4 HOH 179 479 207 HOH HOH A . 
G 4 HOH 180 480 79  HOH HOH A . 
G 4 HOH 181 481 125 HOH HOH A . 
G 4 HOH 182 482 203 HOH HOH A . 
G 4 HOH 183 483 158 HOH HOH A . 
G 4 HOH 184 484 200 HOH HOH A . 
G 4 HOH 185 485 189 HOH HOH A . 
G 4 HOH 186 486 178 HOH HOH A . 
G 4 HOH 187 487 181 HOH HOH A . 
G 4 HOH 188 488 36  HOH HOH A . 
G 4 HOH 189 489 55  HOH HOH A . 
G 4 HOH 190 490 208 HOH HOH A . 
G 4 HOH 191 491 202 HOH HOH A . 
G 4 HOH 192 492 184 HOH HOH A . 
G 4 HOH 193 493 64  HOH HOH A . 
G 4 HOH 194 494 195 HOH HOH A . 
G 4 HOH 195 495 225 HOH HOH A . 
G 4 HOH 196 496 191 HOH HOH A . 
G 4 HOH 197 497 88  HOH HOH A . 
G 4 HOH 198 498 222 HOH HOH A . 
G 4 HOH 199 499 164 HOH HOH A . 
G 4 HOH 200 500 188 HOH HOH A . 
G 4 HOH 201 501 153 HOH HOH A . 
G 4 HOH 202 502 226 HOH HOH A . 
G 4 HOH 203 503 218 HOH HOH A . 
G 4 HOH 204 504 192 HOH HOH A . 
G 4 HOH 205 505 210 HOH HOH A . 
G 4 HOH 206 506 212 HOH HOH A . 
# 
loop_
_pdbx_unobs_or_zero_occ_atoms.id 
_pdbx_unobs_or_zero_occ_atoms.PDB_model_num 
_pdbx_unobs_or_zero_occ_atoms.polymer_flag 
_pdbx_unobs_or_zero_occ_atoms.occupancy_flag 
_pdbx_unobs_or_zero_occ_atoms.auth_asym_id 
_pdbx_unobs_or_zero_occ_atoms.auth_comp_id 
_pdbx_unobs_or_zero_occ_atoms.auth_seq_id 
_pdbx_unobs_or_zero_occ_atoms.PDB_ins_code 
_pdbx_unobs_or_zero_occ_atoms.auth_atom_id 
_pdbx_unobs_or_zero_occ_atoms.label_alt_id 
_pdbx_unobs_or_zero_occ_atoms.label_asym_id 
_pdbx_unobs_or_zero_occ_atoms.label_comp_id 
_pdbx_unobs_or_zero_occ_atoms.label_seq_id 
_pdbx_unobs_or_zero_occ_atoms.label_atom_id 
1  1 Y 1 A ALA 3   ? CB  ? A ALA 29  CB  
2  1 Y 1 A GLN 16  ? CG  ? A GLN 42  CG  
3  1 Y 1 A GLN 16  ? CD  ? A GLN 42  CD  
4  1 Y 1 A GLN 16  ? OE1 ? A GLN 42  OE1 
5  1 Y 1 A GLN 16  ? NE2 ? A GLN 42  NE2 
6  1 Y 1 A LYS 23  ? CD  ? A LYS 49  CD  
7  1 Y 1 A LYS 23  ? CE  ? A LYS 49  CE  
8  1 Y 1 A LYS 23  ? NZ  ? A LYS 49  NZ  
9  1 Y 1 A ARG 25  ? CB  ? A ARG 51  CB  
10 1 Y 1 A ARG 25  ? CG  ? A ARG 51  CG  
11 1 Y 1 A ARG 25  ? CD  ? A ARG 51  CD  
12 1 Y 1 A ARG 25  ? NE  ? A ARG 51  NE  
13 1 Y 1 A ARG 25  ? CZ  ? A ARG 51  CZ  
14 1 Y 1 A ARG 25  ? NH1 ? A ARG 51  NH1 
15 1 Y 1 A ARG 25  ? NH2 ? A ARG 51  NH2 
16 1 Y 1 A ALA 27  ? CB  ? A ALA 53  CB  
17 1 Y 1 A LYS 66  ? NZ  ? A LYS 92  NZ  
18 1 Y 1 A MET 81  ? CE  ? A MET 107 CE  
19 1 Y 1 A SER 90  ? OG  ? A SER 116 OG  
20 1 Y 1 A GLU 100 ? CD  ? A GLU 126 CD  
21 1 Y 1 A GLU 100 ? OE1 ? A GLU 126 OE1 
22 1 Y 1 A GLU 100 ? OE2 ? A GLU 126 OE2 
23 1 Y 1 A LYS 114 ? CG  ? A LYS 140 CG  
24 1 Y 1 A LYS 114 ? CD  ? A LYS 140 CD  
25 1 Y 1 A LYS 114 ? CE  ? A LYS 140 CE  
26 1 Y 1 A LYS 114 ? NZ  ? A LYS 140 NZ  
27 1 Y 1 A LYS 130 ? CD  ? A LYS 156 CD  
28 1 Y 1 A LYS 130 ? CE  ? A LYS 156 CE  
29 1 Y 1 A LYS 130 ? NZ  ? A LYS 156 NZ  
30 1 Y 1 A LYS 132 ? CE  ? A LYS 158 CE  
31 1 Y 1 A LYS 132 ? NZ  ? A LYS 158 NZ  
32 1 Y 1 A GLN 142 ? OE1 ? A GLN 168 OE1 
33 1 Y 1 A GLN 142 ? NE2 ? A GLN 168 NE2 
# 
loop_
_software.citation_id 
_software.classification 
_software.compiler_name 
_software.compiler_version 
_software.contact_author 
_software.contact_author_email 
_software.date 
_software.description 
_software.dependencies 
_software.hardware 
_software.language 
_software.location 
_software.mods 
_software.name 
_software.os 
_software.os_version 
_software.type 
_software.version 
_software.pdbx_ordinal 
? refinement       ? ? ? ? ? ? ? ? ? ? ? PHENIX ? ? ? 1.12-2829 1 
? 'data reduction' ? ? ? ? ? ? ? ? ? ? ? XDS    ? ? ? .         2 
? phasing          ? ? ? ? ? ? ? ? ? ? ? PHASER ? ? ? .         3 
# 
_cell.angle_alpha                  90.00 
_cell.angle_alpha_esd              ? 
_cell.angle_beta                   90.00 
_cell.angle_beta_esd               ? 
_cell.angle_gamma                  90.00 
_cell.angle_gamma_esd              ? 
_cell.entry_id                     6GLJ 
_cell.details                      ? 
_cell.formula_units_Z              ? 
_cell.length_a                     36.170 
_cell.length_a_esd                 ? 
_cell.length_b                     60.143 
_cell.length_b_esd                 ? 
_cell.length_c                     66.159 
_cell.length_c_esd                 ? 
_cell.volume                       ? 
_cell.volume_esd                   ? 
_cell.Z_PDB                        4 
_cell.reciprocal_angle_alpha       ? 
_cell.reciprocal_angle_beta        ? 
_cell.reciprocal_angle_gamma       ? 
_cell.reciprocal_angle_alpha_esd   ? 
_cell.reciprocal_angle_beta_esd    ? 
_cell.reciprocal_angle_gamma_esd   ? 
_cell.reciprocal_length_a          ? 
_cell.reciprocal_length_b          ? 
_cell.reciprocal_length_c          ? 
_cell.reciprocal_length_a_esd      ? 
_cell.reciprocal_length_b_esd      ? 
_cell.reciprocal_length_c_esd      ? 
_cell.pdbx_unique_axis             ? 
# 
_symmetry.entry_id                         6GLJ 
_symmetry.cell_setting                     ? 
_symmetry.Int_Tables_number                18 
_symmetry.space_group_name_Hall            ? 
_symmetry.space_group_name_H-M             'P 2 21 21' 
_symmetry.pdbx_full_space_group_name_H-M   ? 
# 
_exptl.absorpt_coefficient_mu     ? 
_exptl.absorpt_correction_T_max   ? 
_exptl.absorpt_correction_T_min   ? 
_exptl.absorpt_correction_type    ? 
_exptl.absorpt_process_details    ? 
_exptl.entry_id                   6GLJ 
_exptl.crystals_number            1 
_exptl.details                    ? 
_exptl.method                     'X-RAY DIFFRACTION' 
_exptl.method_details             ? 
# 
_exptl_crystal.colour                      ? 
_exptl_crystal.density_diffrn              ? 
_exptl_crystal.density_Matthews            1.71 
_exptl_crystal.density_method              ? 
_exptl_crystal.density_percent_sol         28.11 
_exptl_crystal.description                 ? 
_exptl_crystal.F_000                       ? 
_exptl_crystal.id                          1 
_exptl_crystal.preparation                 ? 
_exptl_crystal.size_max                    ? 
_exptl_crystal.size_mid                    ? 
_exptl_crystal.size_min                    ? 
_exptl_crystal.size_rad                    ? 
_exptl_crystal.colour_lustre               ? 
_exptl_crystal.colour_modifier             ? 
_exptl_crystal.colour_primary              ? 
_exptl_crystal.density_meas                ? 
_exptl_crystal.density_meas_esd            ? 
_exptl_crystal.density_meas_gt             ? 
_exptl_crystal.density_meas_lt             ? 
_exptl_crystal.density_meas_temp           ? 
_exptl_crystal.density_meas_temp_esd       ? 
_exptl_crystal.density_meas_temp_gt        ? 
_exptl_crystal.density_meas_temp_lt        ? 
_exptl_crystal.pdbx_crystal_image_url      ? 
_exptl_crystal.pdbx_crystal_image_format   ? 
_exptl_crystal.pdbx_mosaicity              ? 
_exptl_crystal.pdbx_mosaicity_esd          ? 
# 
_exptl_crystal_grow.apparatus       ? 
_exptl_crystal_grow.atmosphere      ? 
_exptl_crystal_grow.crystal_id      1 
_exptl_crystal_grow.details         ? 
_exptl_crystal_grow.method          'VAPOR DIFFUSION, HANGING DROP' 
_exptl_crystal_grow.method_ref      ? 
_exptl_crystal_grow.pH              4.5 
_exptl_crystal_grow.pressure        ? 
_exptl_crystal_grow.pressure_esd    ? 
_exptl_crystal_grow.seeding         ? 
_exptl_crystal_grow.seeding_ref     ? 
_exptl_crystal_grow.temp            293 
_exptl_crystal_grow.temp_details    ? 
_exptl_crystal_grow.temp_esd        ? 
_exptl_crystal_grow.time            ? 
_exptl_crystal_grow.pdbx_details    
;crystallized in: 23-27% PEG3350, 0.2 M LiSO4, 0.1 M sodium acetate pH 4.5

soaked in: 0.27 M ammonium sulfate, 17% glycerol, 27% PEG4000, 50 mM compound
;
_exptl_crystal_grow.pdbx_pH_range   ? 
# 
_diffrn.ambient_environment    ? 
_diffrn.ambient_temp           100 
_diffrn.ambient_temp_details   ? 
_diffrn.ambient_temp_esd       ? 
_diffrn.crystal_id             1 
_diffrn.crystal_support        ? 
_diffrn.crystal_treatment      ? 
_diffrn.details                ? 
_diffrn.id                     1 
_diffrn.ambient_pressure       ? 
_diffrn.ambient_pressure_esd   ? 
_diffrn.ambient_pressure_gt    ? 
_diffrn.ambient_pressure_lt    ? 
_diffrn.ambient_temp_gt        ? 
_diffrn.ambient_temp_lt        ? 
# 
_diffrn_detector.details                      ? 
_diffrn_detector.detector                     PIXEL 
_diffrn_detector.diffrn_id                    1 
_diffrn_detector.type                         'DECTRIS PILATUS 2M-F' 
_diffrn_detector.area_resol_mean              ? 
_diffrn_detector.dtime                        ? 
_diffrn_detector.pdbx_frames_total            ? 
_diffrn_detector.pdbx_collection_time_total   ? 
_diffrn_detector.pdbx_collection_date         2017-10-27 
# 
_diffrn_radiation.collimation                      ? 
_diffrn_radiation.diffrn_id                        1 
_diffrn_radiation.filter_edge                      ? 
_diffrn_radiation.inhomogeneity                    ? 
_diffrn_radiation.monochromator                    ? 
_diffrn_radiation.polarisn_norm                    ? 
_diffrn_radiation.polarisn_ratio                   ? 
_diffrn_radiation.probe                            ? 
_diffrn_radiation.type                             ? 
_diffrn_radiation.xray_symbol                      ? 
_diffrn_radiation.wavelength_id                    1 
_diffrn_radiation.pdbx_monochromatic_or_laue_m_l   M 
_diffrn_radiation.pdbx_wavelength_list             ? 
_diffrn_radiation.pdbx_wavelength                  ? 
_diffrn_radiation.pdbx_diffrn_protocol             'SINGLE WAVELENGTH' 
_diffrn_radiation.pdbx_analyzer                    ? 
_diffrn_radiation.pdbx_scattering_type             x-ray 
# 
_diffrn_radiation_wavelength.id           1 
_diffrn_radiation_wavelength.wavelength   1 
_diffrn_radiation_wavelength.wt           1.0 
# 
_diffrn_source.current                     ? 
_diffrn_source.details                     ? 
_diffrn_source.diffrn_id                   1 
_diffrn_source.power                       ? 
_diffrn_source.size                        ? 
_diffrn_source.source                      SYNCHROTRON 
_diffrn_source.target                      ? 
_diffrn_source.type                        'SLS BEAMLINE X06DA' 
_diffrn_source.voltage                     ? 
_diffrn_source.take-off_angle              ? 
_diffrn_source.pdbx_wavelength_list        1 
_diffrn_source.pdbx_wavelength             ? 
_diffrn_source.pdbx_synchrotron_beamline   X06DA 
_diffrn_source.pdbx_synchrotron_site       SLS 
# 
_reflns.B_iso_Wilson_estimate            ? 
_reflns.entry_id                         6GLJ 
_reflns.data_reduction_details           ? 
_reflns.data_reduction_method            ? 
_reflns.d_resolution_high                1.300 
_reflns.d_resolution_low                 50.000 
_reflns.details                          ? 
_reflns.limit_h_max                      ? 
_reflns.limit_h_min                      ? 
_reflns.limit_k_max                      ? 
_reflns.limit_k_min                      ? 
_reflns.limit_l_max                      ? 
_reflns.limit_l_min                      ? 
_reflns.number_all                       ? 
_reflns.number_obs                       64836 
_reflns.observed_criterion               ? 
_reflns.observed_criterion_F_max         ? 
_reflns.observed_criterion_F_min         ? 
_reflns.observed_criterion_I_max         ? 
_reflns.observed_criterion_I_min         ? 
_reflns.observed_criterion_sigma_F       ? 
_reflns.observed_criterion_sigma_I       ? 
_reflns.percent_possible_obs             94.7 
_reflns.R_free_details                   ? 
_reflns.Rmerge_F_all                     ? 
_reflns.Rmerge_F_obs                     ? 
_reflns.Friedel_coverage                 ? 
_reflns.number_gt                        ? 
_reflns.threshold_expression             ? 
_reflns.pdbx_redundancy                  1.91 
_reflns.pdbx_Rmerge_I_obs                ? 
_reflns.pdbx_Rmerge_I_all                ? 
_reflns.pdbx_Rsym_value                  ? 
_reflns.pdbx_netI_over_av_sigmaI         ? 
_reflns.pdbx_netI_over_sigmaI            22.59 
_reflns.pdbx_res_netI_over_av_sigmaI_2   ? 
_reflns.pdbx_res_netI_over_sigmaI_2      ? 
_reflns.pdbx_chi_squared                 ? 
_reflns.pdbx_scaling_rejects             ? 
_reflns.pdbx_d_res_high_opt              ? 
_reflns.pdbx_d_res_low_opt               ? 
_reflns.pdbx_d_res_opt_method            ? 
_reflns.phase_calculation_details        ? 
_reflns.pdbx_Rrim_I_all                  0.024 
_reflns.pdbx_Rpim_I_all                  ? 
_reflns.pdbx_d_opt                       ? 
_reflns.pdbx_number_measured_all         ? 
_reflns.pdbx_diffrn_id                   1 
_reflns.pdbx_ordinal                     1 
_reflns.pdbx_CC_half                     1 
_reflns.pdbx_R_split                     ? 
# 
_reflns_shell.d_res_high                  1.30 
_reflns_shell.d_res_low                   1.38 
_reflns_shell.meanI_over_sigI_all         ? 
_reflns_shell.meanI_over_sigI_obs         4.31 
_reflns_shell.number_measured_all         ? 
_reflns_shell.number_measured_obs         ? 
_reflns_shell.number_possible             ? 
_reflns_shell.number_unique_all           ? 
_reflns_shell.number_unique_obs           10120 
_reflns_shell.percent_possible_all        91.3 
_reflns_shell.percent_possible_obs        ? 
_reflns_shell.Rmerge_F_all                ? 
_reflns_shell.Rmerge_F_obs                ? 
_reflns_shell.Rmerge_I_all                ? 
_reflns_shell.Rmerge_I_obs                ? 
_reflns_shell.meanI_over_sigI_gt          ? 
_reflns_shell.meanI_over_uI_all           ? 
_reflns_shell.meanI_over_uI_gt            ? 
_reflns_shell.number_measured_gt          ? 
_reflns_shell.number_unique_gt            ? 
_reflns_shell.percent_possible_gt         ? 
_reflns_shell.Rmerge_F_gt                 ? 
_reflns_shell.Rmerge_I_gt                 ? 
_reflns_shell.pdbx_redundancy             1.76 
_reflns_shell.pdbx_Rsym_value             ? 
_reflns_shell.pdbx_chi_squared            ? 
_reflns_shell.pdbx_netI_over_sigmaI_all   ? 
_reflns_shell.pdbx_netI_over_sigmaI_obs   ? 
_reflns_shell.pdbx_Rrim_I_all             0.209 
_reflns_shell.pdbx_Rpim_I_all             ? 
_reflns_shell.pdbx_rejects                ? 
_reflns_shell.pdbx_ordinal                1 
_reflns_shell.pdbx_diffrn_id              1 
_reflns_shell.pdbx_CC_half                0.946 
_reflns_shell.pdbx_R_split                ? 
# 
_refine.aniso_B[1][1]                            ? 
_refine.aniso_B[1][2]                            ? 
_refine.aniso_B[1][3]                            ? 
_refine.aniso_B[2][2]                            ? 
_refine.aniso_B[2][3]                            ? 
_refine.aniso_B[3][3]                            ? 
_refine.B_iso_max                                ? 
_refine.B_iso_mean                               ? 
_refine.B_iso_min                                ? 
_refine.correlation_coeff_Fo_to_Fc               ? 
_refine.correlation_coeff_Fo_to_Fc_free          ? 
_refine.details                                  ? 
_refine.diff_density_max                         ? 
_refine.diff_density_max_esd                     ? 
_refine.diff_density_min                         ? 
_refine.diff_density_min_esd                     ? 
_refine.diff_density_rms                         ? 
_refine.diff_density_rms_esd                     ? 
_refine.entry_id                                 6GLJ 
_refine.pdbx_refine_id                           'X-RAY DIFFRACTION' 
_refine.ls_abs_structure_details                 ? 
_refine.ls_abs_structure_Flack                   ? 
_refine.ls_abs_structure_Flack_esd               ? 
_refine.ls_abs_structure_Rogers                  ? 
_refine.ls_abs_structure_Rogers_esd              ? 
_refine.ls_d_res_high                            1.301 
_refine.ls_d_res_low                             44.503 
_refine.ls_extinction_coef                       ? 
_refine.ls_extinction_coef_esd                   ? 
_refine.ls_extinction_expression                 ? 
_refine.ls_extinction_method                     ? 
_refine.ls_goodness_of_fit_all                   ? 
_refine.ls_goodness_of_fit_all_esd               ? 
_refine.ls_goodness_of_fit_obs                   ? 
_refine.ls_goodness_of_fit_obs_esd               ? 
_refine.ls_hydrogen_treatment                    ? 
_refine.ls_matrix_type                           ? 
_refine.ls_number_constraints                    ? 
_refine.ls_number_parameters                     ? 
_refine.ls_number_reflns_all                     ? 
_refine.ls_number_reflns_obs                     35540 
_refine.ls_number_reflns_R_free                  2000 
_refine.ls_number_reflns_R_work                  ? 
_refine.ls_number_restraints                     ? 
_refine.ls_percent_reflns_obs                    98.29 
_refine.ls_percent_reflns_R_free                 5.63 
_refine.ls_R_factor_all                          ? 
_refine.ls_R_factor_obs                          0.1785 
_refine.ls_R_factor_R_free                       0.1983 
_refine.ls_R_factor_R_free_error                 ? 
_refine.ls_R_factor_R_free_error_details         ? 
_refine.ls_R_factor_R_work                       0.1774 
_refine.ls_R_Fsqd_factor_obs                     ? 
_refine.ls_R_I_factor_obs                        ? 
_refine.ls_redundancy_reflns_all                 ? 
_refine.ls_redundancy_reflns_obs                 ? 
_refine.ls_restrained_S_all                      ? 
_refine.ls_restrained_S_obs                      ? 
_refine.ls_shift_over_esd_max                    ? 
_refine.ls_shift_over_esd_mean                   ? 
_refine.ls_structure_factor_coef                 ? 
_refine.ls_weighting_details                     ? 
_refine.ls_weighting_scheme                      ? 
_refine.ls_wR_factor_all                         ? 
_refine.ls_wR_factor_obs                         ? 
_refine.ls_wR_factor_R_free                      ? 
_refine.ls_wR_factor_R_work                      ? 
_refine.occupancy_max                            ? 
_refine.occupancy_min                            ? 
_refine.solvent_model_details                    ? 
_refine.solvent_model_param_bsol                 ? 
_refine.solvent_model_param_ksol                 ? 
_refine.ls_R_factor_gt                           ? 
_refine.ls_goodness_of_fit_gt                    ? 
_refine.ls_goodness_of_fit_ref                   ? 
_refine.ls_shift_over_su_max                     ? 
_refine.ls_shift_over_su_max_lt                  ? 
_refine.ls_shift_over_su_mean                    ? 
_refine.ls_shift_over_su_mean_lt                 ? 
_refine.pdbx_ls_sigma_I                          ? 
_refine.pdbx_ls_sigma_F                          1.35 
_refine.pdbx_ls_sigma_Fsqd                       ? 
_refine.pdbx_data_cutoff_high_absF               ? 
_refine.pdbx_data_cutoff_high_rms_absF           ? 
_refine.pdbx_data_cutoff_low_absF                ? 
_refine.pdbx_isotropic_thermal_model             ? 
_refine.pdbx_ls_cross_valid_method               'FREE R-VALUE' 
_refine.pdbx_method_to_determine_struct          'MOLECULAR REPLACEMENT' 
_refine.pdbx_starting_model                      4C9X 
_refine.pdbx_stereochemistry_target_values       ? 
_refine.pdbx_R_Free_selection_details            ? 
_refine.pdbx_stereochem_target_val_spec_case     ? 
_refine.pdbx_overall_ESU_R                       ? 
_refine.pdbx_overall_ESU_R_Free                  ? 
_refine.pdbx_solvent_vdw_probe_radii             1.11 
_refine.pdbx_solvent_ion_probe_radii             ? 
_refine.pdbx_solvent_shrinkage_radii             0.90 
_refine.pdbx_real_space_R                        ? 
_refine.pdbx_density_correlation                 ? 
_refine.pdbx_pd_number_of_powder_patterns        ? 
_refine.pdbx_pd_number_of_points                 ? 
_refine.pdbx_pd_meas_number_of_points            ? 
_refine.pdbx_pd_proc_ls_prof_R_factor            ? 
_refine.pdbx_pd_proc_ls_prof_wR_factor           ? 
_refine.pdbx_pd_Marquardt_correlation_coeff      ? 
_refine.pdbx_pd_Fsqrd_R_factor                   ? 
_refine.pdbx_pd_ls_matrix_band_width             ? 
_refine.pdbx_overall_phase_error                 19.36 
_refine.pdbx_overall_SU_R_free_Cruickshank_DPI   ? 
_refine.pdbx_overall_SU_R_free_Blow_DPI          ? 
_refine.pdbx_overall_SU_R_Blow_DPI               ? 
_refine.pdbx_TLS_residual_ADP_flag               ? 
_refine.pdbx_diffrn_id                           1 
_refine.overall_SU_B                             ? 
_refine.overall_SU_ML                            0.12 
_refine.overall_SU_R_Cruickshank_DPI             ? 
_refine.overall_SU_R_free                        ? 
_refine.overall_FOM_free_R_set                   ? 
_refine.overall_FOM_work_R_set                   ? 
_refine.pdbx_average_fsc_overall                 ? 
_refine.pdbx_average_fsc_work                    ? 
_refine.pdbx_average_fsc_free                    ? 
# 
_refine_hist.pdbx_refine_id                   'X-RAY DIFFRACTION' 
_refine_hist.cycle_id                         LAST 
_refine_hist.pdbx_number_atoms_protein        1215 
_refine_hist.pdbx_number_atoms_nucleic_acid   0 
_refine_hist.pdbx_number_atoms_ligand         33 
_refine_hist.number_atoms_solvent             206 
_refine_hist.number_atoms_total               1454 
_refine_hist.d_res_high                       1.301 
_refine_hist.d_res_low                        44.503 
# 
loop_
_refine_ls_restr.pdbx_refine_id 
_refine_ls_restr.criterion 
_refine_ls_restr.dev_ideal 
_refine_ls_restr.dev_ideal_target 
_refine_ls_restr.number 
_refine_ls_restr.rejects 
_refine_ls_restr.type 
_refine_ls_restr.weight 
_refine_ls_restr.pdbx_restraint_function 
'X-RAY DIFFRACTION' ? 0.005 ? 1329 ? f_bond_d           ? ? 
'X-RAY DIFFRACTION' ? 0.817 ? 1816 ? f_angle_d          ? ? 
'X-RAY DIFFRACTION' ? 3.056 ? 1017 ? f_dihedral_angle_d ? ? 
'X-RAY DIFFRACTION' ? 0.082 ? 186  ? f_chiral_restr     ? ? 
'X-RAY DIFFRACTION' ? 0.006 ? 239  ? f_plane_restr      ? ? 
# 
loop_
_refine_ls_shell.pdbx_refine_id 
_refine_ls_shell.d_res_high 
_refine_ls_shell.d_res_low 
_refine_ls_shell.number_reflns_all 
_refine_ls_shell.number_reflns_obs 
_refine_ls_shell.number_reflns_R_free 
_refine_ls_shell.number_reflns_R_work 
_refine_ls_shell.percent_reflns_obs 
_refine_ls_shell.percent_reflns_R_free 
_refine_ls_shell.R_factor_all 
_refine_ls_shell.R_factor_obs 
_refine_ls_shell.R_factor_R_free 
_refine_ls_shell.R_factor_R_free_error 
_refine_ls_shell.R_factor_R_work 
_refine_ls_shell.redundancy_reflns_all 
_refine_ls_shell.redundancy_reflns_obs 
_refine_ls_shell.wR_factor_all 
_refine_ls_shell.wR_factor_obs 
_refine_ls_shell.wR_factor_R_free 
_refine_ls_shell.wR_factor_R_work 
_refine_ls_shell.pdbx_total_number_of_bins_used 
_refine_ls_shell.pdbx_phase_error 
_refine_ls_shell.pdbx_fsc_work 
_refine_ls_shell.pdbx_fsc_free 
'X-RAY DIFFRACTION' 1.3013 1.3339  . . 136 2284 95.00  . . . 0.2291 . 0.2145 . . . . . . . . . . 
'X-RAY DIFFRACTION' 1.3339 1.3699  . . 132 2202 93.00  . . . 0.2039 . 0.2006 . . . . . . . . . . 
'X-RAY DIFFRACTION' 1.3699 1.4103  . . 139 2328 97.00  . . . 0.2269 . 0.2036 . . . . . . . . . . 
'X-RAY DIFFRACTION' 1.4103 1.4558  . . 142 2398 99.00  . . . 0.2254 . 0.1945 . . . . . . . . . . 
'X-RAY DIFFRACTION' 1.4558 1.5078  . . 145 2426 100.00 . . . 0.2168 . 0.1903 . . . . . . . . . . 
'X-RAY DIFFRACTION' 1.5078 1.5682  . . 141 2370 100.00 . . . 0.2194 . 0.1840 . . . . . . . . . . 
'X-RAY DIFFRACTION' 1.5682 1.6396  . . 143 2409 99.00  . . . 0.1922 . 0.1779 . . . . . . . . . . 
'X-RAY DIFFRACTION' 1.6396 1.7260  . . 144 2406 99.00  . . . 0.2381 . 0.1802 . . . . . . . . . . 
'X-RAY DIFFRACTION' 1.7260 1.8341  . . 138 2319 96.00  . . . 0.1959 . 0.1779 . . . . . . . . . . 
'X-RAY DIFFRACTION' 1.8341 1.9758  . . 144 2407 99.00  . . . 0.2069 . 0.1786 . . . . . . . . . . 
'X-RAY DIFFRACTION' 1.9758 2.1746  . . 146 2441 100.00 . . . 0.1701 . 0.1712 . . . . . . . . . . 
'X-RAY DIFFRACTION' 2.1746 2.4892  . . 147 2459 99.00  . . . 0.2070 . 0.1796 . . . . . . . . . . 
'X-RAY DIFFRACTION' 2.4892 3.1360  . . 148 2481 100.00 . . . 0.1965 . 0.1870 . . . . . . . . . . 
'X-RAY DIFFRACTION' 3.1360 44.5288 . . 155 2610 99.00  . . . 0.1853 . 0.1611 . . . . . . . . . . 
# 
_struct.entry_id                     6GLJ 
_struct.title                        'Crystal structure of hMTH1 F27A in complex with TH scaffold 1 in the absence of acetate' 
_struct.pdbx_model_details           ? 
_struct.pdbx_formula_weight          ? 
_struct.pdbx_formula_weight_method   ? 
_struct.pdbx_model_type_details      ? 
_struct.pdbx_CASP_flag               N 
# 
_struct_keywords.entry_id        6GLJ 
_struct_keywords.text            'Inhibitor, Complex, Hydrolase, DNA repair, Fragment' 
_struct_keywords.pdbx_keywords   HYDROLASE 
# 
loop_
_struct_asym.id 
_struct_asym.pdbx_blank_PDB_chainid_flag 
_struct_asym.pdbx_modified 
_struct_asym.entity_id 
_struct_asym.details 
A N N 1 ? 
B N N 2 ? 
C N N 2 ? 
D N N 2 ? 
E N N 2 ? 
F N N 3 ? 
G N N 4 ? 
# 
_struct_ref.id                         1 
_struct_ref.db_name                    UNP 
_struct_ref.db_code                    8ODP_HUMAN 
_struct_ref.pdbx_db_accession          P36639 
_struct_ref.pdbx_db_isoform            ? 
_struct_ref.entity_id                  1 
_struct_ref.pdbx_seq_one_letter_code   
;MGASRLYTLVLVLQPQRVLLGMKKRGFGAGRWNGFGGKVQEGETIEDGARRELQEESGLTVDALHKVGQIVFEFVGEPEL
MDVHVFCTDSIQGTPVESDEMRPCWFQLDQIPFKDMWPDDSYWFPLLLQKKKFHGYFKFQGQDTILDYTLREVDTV
;
_struct_ref.pdbx_align_begin           42 
# 
_struct_ref_seq.align_id                      1 
_struct_ref_seq.ref_id                        1 
_struct_ref_seq.pdbx_PDB_id_code              6GLJ 
_struct_ref_seq.pdbx_strand_id                A 
_struct_ref_seq.seq_align_beg                 27 
_struct_ref_seq.pdbx_seq_align_beg_ins_code   ? 
_struct_ref_seq.seq_align_end                 182 
_struct_ref_seq.pdbx_seq_align_end_ins_code   ? 
_struct_ref_seq.pdbx_db_accession             P36639 
_struct_ref_seq.db_align_beg                  42 
_struct_ref_seq.pdbx_db_align_beg_ins_code    ? 
_struct_ref_seq.db_align_end                  197 
_struct_ref_seq.pdbx_db_align_end_ins_code    ? 
_struct_ref_seq.pdbx_auth_seq_align_beg       1 
_struct_ref_seq.pdbx_auth_seq_align_end       156 
# 
loop_
_struct_ref_seq_dif.align_id 
_struct_ref_seq_dif.pdbx_pdb_id_code 
_struct_ref_seq_dif.mon_id 
_struct_ref_seq_dif.pdbx_pdb_strand_id 
_struct_ref_seq_dif.seq_num 
_struct_ref_seq_dif.pdbx_pdb_ins_code 
_struct_ref_seq_dif.pdbx_seq_db_name 
_struct_ref_seq_dif.pdbx_seq_db_accession_code 
_struct_ref_seq_dif.db_mon_id 
_struct_ref_seq_dif.pdbx_seq_db_seq_num 
_struct_ref_seq_dif.details 
_struct_ref_seq_dif.pdbx_auth_seq_num 
_struct_ref_seq_dif.pdbx_ordinal 
1 6GLJ MET A 1  ? UNP P36639 ?   ?  'initiating methionine' -25 1  
1 6GLJ LYS A 2  ? UNP P36639 ?   ?  'expression tag'        -24 2  
1 6GLJ HIS A 3  ? UNP P36639 ?   ?  'expression tag'        -23 3  
1 6GLJ HIS A 4  ? UNP P36639 ?   ?  'expression tag'        -22 4  
1 6GLJ HIS A 5  ? UNP P36639 ?   ?  'expression tag'        -21 5  
1 6GLJ HIS A 6  ? UNP P36639 ?   ?  'expression tag'        -20 6  
1 6GLJ HIS A 7  ? UNP P36639 ?   ?  'expression tag'        -19 7  
1 6GLJ HIS A 8  ? UNP P36639 ?   ?  'expression tag'        -18 8  
1 6GLJ PRO A 9  ? UNP P36639 ?   ?  'expression tag'        -17 9  
1 6GLJ MET A 10 ? UNP P36639 ?   ?  'expression tag'        -16 10 
1 6GLJ SER A 11 ? UNP P36639 ?   ?  'expression tag'        -15 11 
1 6GLJ ASP A 12 ? UNP P36639 ?   ?  'expression tag'        -14 12 
1 6GLJ TYR A 13 ? UNP P36639 ?   ?  'expression tag'        -13 13 
1 6GLJ ASP A 14 ? UNP P36639 ?   ?  'expression tag'        -12 14 
1 6GLJ ILE A 15 ? UNP P36639 ?   ?  'expression tag'        -11 15 
1 6GLJ PRO A 16 ? UNP P36639 ?   ?  'expression tag'        -10 16 
1 6GLJ THR A 17 ? UNP P36639 ?   ?  'expression tag'        -9  17 
1 6GLJ THR A 18 ? UNP P36639 ?   ?  'expression tag'        -8  18 
1 6GLJ GLU A 19 ? UNP P36639 ?   ?  'expression tag'        -7  19 
1 6GLJ ASN A 20 ? UNP P36639 ?   ?  'expression tag'        -6  20 
1 6GLJ LEU A 21 ? UNP P36639 ?   ?  'expression tag'        -5  21 
1 6GLJ TYR A 22 ? UNP P36639 ?   ?  'expression tag'        -4  22 
1 6GLJ PHE A 23 ? UNP P36639 ?   ?  'expression tag'        -3  23 
1 6GLJ GLN A 24 ? UNP P36639 ?   ?  'expression tag'        -2  24 
1 6GLJ GLY A 25 ? UNP P36639 ?   ?  'expression tag'        -1  25 
1 6GLJ ALA A 26 ? UNP P36639 ?   ?  'expression tag'        0   26 
1 6GLJ ALA A 53 ? UNP P36639 PHE 68 'engineered mutation'   27  27 
# 
_pdbx_struct_assembly.id                   1 
_pdbx_struct_assembly.details              author_and_software_defined_assembly 
_pdbx_struct_assembly.method_details       PISA 
_pdbx_struct_assembly.oligomeric_details   monomeric 
_pdbx_struct_assembly.oligomeric_count     1 
# 
loop_
_pdbx_struct_assembly_prop.biol_id 
_pdbx_struct_assembly_prop.type 
_pdbx_struct_assembly_prop.value 
_pdbx_struct_assembly_prop.details 
1 'ABSA (A^2)' 600  ? 
1 MORE         -41  ? 
1 'SSA (A^2)'  8000 ? 
# 
_pdbx_struct_assembly_gen.assembly_id       1 
_pdbx_struct_assembly_gen.oper_expression   1 
_pdbx_struct_assembly_gen.asym_id_list      A,B,C,D,E,F,G 
# 
_pdbx_struct_assembly_auth_evidence.id                     1 
_pdbx_struct_assembly_auth_evidence.assembly_id            1 
_pdbx_struct_assembly_auth_evidence.experimental_support   'gel filtration' 
_pdbx_struct_assembly_auth_evidence.details                ? 
# 
_pdbx_struct_oper_list.id                   1 
_pdbx_struct_oper_list.type                 'identity operation' 
_pdbx_struct_oper_list.name                 1_555 
_pdbx_struct_oper_list.symmetry_operation   x,y,z 
_pdbx_struct_oper_list.matrix[1][1]         1.0000000000 
_pdbx_struct_oper_list.matrix[1][2]         0.0000000000 
_pdbx_struct_oper_list.matrix[1][3]         0.0000000000 
_pdbx_struct_oper_list.vector[1]            0.0000000000 
_pdbx_struct_oper_list.matrix[2][1]         0.0000000000 
_pdbx_struct_oper_list.matrix[2][2]         1.0000000000 
_pdbx_struct_oper_list.matrix[2][3]         0.0000000000 
_pdbx_struct_oper_list.vector[2]            0.0000000000 
_pdbx_struct_oper_list.matrix[3][1]         0.0000000000 
_pdbx_struct_oper_list.matrix[3][2]         0.0000000000 
_pdbx_struct_oper_list.matrix[3][3]         1.0000000000 
_pdbx_struct_oper_list.vector[3]            0.0000000000 
# 
loop_
_struct_conf.conf_type_id 
_struct_conf.id 
_struct_conf.pdbx_PDB_helix_id 
_struct_conf.beg_label_comp_id 
_struct_conf.beg_label_asym_id 
_struct_conf.beg_label_seq_id 
_struct_conf.pdbx_beg_PDB_ins_code 
_struct_conf.end_label_comp_id 
_struct_conf.end_label_asym_id 
_struct_conf.end_label_seq_id 
_struct_conf.pdbx_end_PDB_ins_code 
_struct_conf.beg_auth_comp_id 
_struct_conf.beg_auth_asym_id 
_struct_conf.beg_auth_seq_id 
_struct_conf.end_auth_comp_id 
_struct_conf.end_auth_asym_id 
_struct_conf.end_auth_seq_id 
_struct_conf.pdbx_PDB_helix_class 
_struct_conf.details 
_struct_conf.pdbx_PDB_helix_length 
HELX_P HELX_P1 AA1 THR A 70  ? GLY A 84  ? THR A 44  GLY A 58  1 ? 15 
HELX_P HELX_P2 AA2 ASP A 135 ? ILE A 137 ? ASP A 109 ILE A 111 5 ? 3  
HELX_P HELX_P3 AA3 PRO A 138 ? MET A 142 ? PRO A 112 MET A 116 5 ? 5  
HELX_P HELX_P4 AA4 TRP A 143 ? PRO A 144 ? TRP A 117 PRO A 118 5 ? 2  
HELX_P HELX_P5 AA5 ASP A 145 ? GLN A 155 ? ASP A 119 GLN A 129 1 ? 11 
# 
_struct_conf_type.id          HELX_P 
_struct_conf_type.criteria    ? 
_struct_conf_type.reference   ? 
# 
loop_
_struct_sheet.id 
_struct_sheet.type 
_struct_sheet.number_strands 
_struct_sheet.details 
AA1 ? 4 ? 
AA2 ? 7 ? 
AA3 ? 2 ? 
# 
loop_
_struct_sheet_order.sheet_id 
_struct_sheet_order.range_id_1 
_struct_sheet_order.range_id_2 
_struct_sheet_order.offset 
_struct_sheet_order.sense 
AA1 1 2 ? anti-parallel 
AA1 2 3 ? anti-parallel 
AA2 1 2 ? anti-parallel 
AA2 2 3 ? anti-parallel 
AA2 4 5 ? anti-parallel 
AA2 5 6 ? parallel      
AA2 6 7 ? anti-parallel 
AA3 1 2 ? anti-parallel 
# 
loop_
_struct_sheet_range.sheet_id 
_struct_sheet_range.id 
_struct_sheet_range.beg_label_comp_id 
_struct_sheet_range.beg_label_asym_id 
_struct_sheet_range.beg_label_seq_id 
_struct_sheet_range.pdbx_beg_PDB_ins_code 
_struct_sheet_range.end_label_comp_id 
_struct_sheet_range.end_label_asym_id 
_struct_sheet_range.end_label_seq_id 
_struct_sheet_range.pdbx_end_PDB_ins_code 
_struct_sheet_range.beg_auth_comp_id 
_struct_sheet_range.beg_auth_asym_id 
_struct_sheet_range.beg_auth_seq_id 
_struct_sheet_range.end_auth_comp_id 
_struct_sheet_range.end_auth_asym_id 
_struct_sheet_range.end_auth_seq_id 
AA1 1 TRP A 58  ? ASN A 59  ? TRP A 32  ASN A 33  
AA1 2 ARG A 43  ? LYS A 49  ? ARG A 17  LYS A 23  
AA1 3 SER A 30  ? LEU A 39  ? SER A 4   LEU A 13  
AA1 4 MET A 127 ? GLN A 133 ? MET A 101 GLN A 107 
AA2 1 PHE A 61  ? LYS A 64  ? PHE A 35  LYS A 38  
AA2 2 SER A 30  ? LEU A 39  ? SER A 4   LEU A 13  
AA2 3 ARG A 43  ? LYS A 49  ? ARG A 17  LYS A 23  
AA2 4 LEU A 106 ? THR A 114 ? LEU A 80  THR A 88  
AA2 5 HIS A 91  ? PHE A 100 ? HIS A 65  PHE A 74  
AA2 6 LYS A 158 ? GLN A 166 ? LYS A 132 GLN A 140 
AA2 7 THR A 170 ? VAL A 179 ? THR A 144 VAL A 153 
AA3 1 THR A 86  ? VAL A 87  ? THR A 60  VAL A 61  
AA3 2 ILE A 117 ? GLN A 118 ? ILE A 91  GLN A 92  
# 
loop_
_pdbx_struct_sheet_hbond.sheet_id 
_pdbx_struct_sheet_hbond.range_id_1 
_pdbx_struct_sheet_hbond.range_id_2 
_pdbx_struct_sheet_hbond.range_1_label_atom_id 
_pdbx_struct_sheet_hbond.range_1_label_comp_id 
_pdbx_struct_sheet_hbond.range_1_label_asym_id 
_pdbx_struct_sheet_hbond.range_1_label_seq_id 
_pdbx_struct_sheet_hbond.range_1_PDB_ins_code 
_pdbx_struct_sheet_hbond.range_1_auth_atom_id 
_pdbx_struct_sheet_hbond.range_1_auth_comp_id 
_pdbx_struct_sheet_hbond.range_1_auth_asym_id 
_pdbx_struct_sheet_hbond.range_1_auth_seq_id 
_pdbx_struct_sheet_hbond.range_2_label_atom_id 
_pdbx_struct_sheet_hbond.range_2_label_comp_id 
_pdbx_struct_sheet_hbond.range_2_label_asym_id 
_pdbx_struct_sheet_hbond.range_2_label_seq_id 
_pdbx_struct_sheet_hbond.range_2_PDB_ins_code 
_pdbx_struct_sheet_hbond.range_2_auth_atom_id 
_pdbx_struct_sheet_hbond.range_2_auth_comp_id 
_pdbx_struct_sheet_hbond.range_2_auth_asym_id 
_pdbx_struct_sheet_hbond.range_2_auth_seq_id 
AA1 1 2 O ASN A 59  ? O ASN A 33  N GLY A 47  ? N GLY A 21  
AA1 2 3 O LEU A 45  ? O LEU A 19  N VAL A 38  ? N VAL A 12  
AA2 1 2 O PHE A 61  ? O PHE A 35  N VAL A 36  ? N VAL A 10  
AA2 2 3 N VAL A 38  ? N VAL A 12  O LEU A 45  ? O LEU A 19  
AA2 4 5 O VAL A 109 ? O VAL A 83  N ILE A 96  ? N ILE A 70  
AA2 5 6 N GLU A 99  ? N GLU A 73  O PHE A 165 ? O PHE A 139 
AA2 6 7 N LYS A 164 ? N LYS A 138 O ASP A 173 ? O ASP A 147 
AA3 1 2 N THR A 86  ? N THR A 60  O GLN A 118 ? O GLN A 92  
# 
loop_
_struct_site.id 
_struct_site.pdbx_evidence_code 
_struct_site.pdbx_auth_asym_id 
_struct_site.pdbx_auth_comp_id 
_struct_site.pdbx_auth_seq_id 
_struct_site.pdbx_auth_ins_code 
_struct_site.pdbx_num_residues 
_struct_site.details 
AC1 Software A SO4 201 ? 3  'binding site for residue SO4 A 201' 
AC2 Software A SO4 202 ? 10 'binding site for residue SO4 A 202' 
AC3 Software A SO4 203 ? 5  'binding site for residue SO4 A 203' 
AC4 Software A SO4 204 ? 6  'binding site for residue SO4 A 204' 
AC5 Software A F3E 205 ? 6  'binding site for residue F3E A 205' 
# 
loop_
_struct_site_gen.id 
_struct_site_gen.site_id 
_struct_site_gen.pdbx_num_res 
_struct_site_gen.label_comp_id 
_struct_site_gen.label_asym_id 
_struct_site_gen.label_seq_id 
_struct_site_gen.pdbx_auth_ins_code 
_struct_site_gen.auth_comp_id 
_struct_site_gen.auth_asym_id 
_struct_site_gen.auth_seq_id 
_struct_site_gen.label_atom_id 
_struct_site_gen.label_alt_id 
_struct_site_gen.symmetry 
_struct_site_gen.details 
1  AC1 3  HIS A 160 ? HIS A 134 . ? 1_555 ? 
2  AC1 3  ARG A 177 ? ARG A 151 . ? 1_555 ? 
3  AC1 3  HOH G .   ? HOH A 349 . ? 1_555 ? 
4  AC2 10 PRO A 121 ? PRO A 95  . ? 4_544 ? 
5  AC2 10 TRP A 131 ? TRP A 105 . ? 4_544 ? 
6  AC2 10 ARG A 177 ? ARG A 151 . ? 1_555 ? 
7  AC2 10 VAL A 179 ? VAL A 153 . ? 1_555 ? 
8  AC2 10 ASP A 180 ? ASP A 154 . ? 1_555 ? 
9  AC2 10 THR A 181 ? THR A 155 . ? 1_555 ? 
10 AC2 10 HOH G .   ? HOH A 305 . ? 1_555 ? 
11 AC2 10 HOH G .   ? HOH A 332 . ? 1_555 ? 
12 AC2 10 HOH G .   ? HOH A 386 . ? 1_555 ? 
13 AC2 10 HOH G .   ? HOH A 410 . ? 1_555 ? 
14 AC3 5  HIS A 91  ? HIS A 65  . ? 1_555 ? 
15 AC3 5  LYS A 92  ? LYS A 66  . ? 1_555 ? 
16 AC3 5  HOH G .   ? HOH A 314 . ? 1_555 ? 
17 AC3 5  HOH G .   ? HOH A 335 . ? 1_555 ? 
18 AC3 5  HOH G .   ? HOH A 387 . ? 1_555 ? 
19 AC4 6  LYS A 164 ? LYS A 138 . ? 2_545 ? 
20 AC4 6  LYS A 164 ? LYS A 138 . ? 1_555 ? 
21 AC4 6  ASP A 173 ? ASP A 147 . ? 2_545 ? 
22 AC4 6  ASP A 173 ? ASP A 147 . ? 1_555 ? 
23 AC4 6  HOH G .   ? HOH A 325 . ? 3_445 ? 
24 AC4 6  HOH G .   ? HOH A 325 . ? 4_444 ? 
25 AC5 6  TYR A 33  ? TYR A 7   . ? 1_555 ? 
26 AC5 6  ASN A 59  ? ASN A 33  . ? 1_555 ? 
27 AC5 6  PHE A 98  ? PHE A 72  . ? 1_555 ? 
28 AC5 6  TRP A 143 ? TRP A 117 . ? 1_555 ? 
29 AC5 6  ASP A 145 ? ASP A 119 . ? 1_555 ? 
30 AC5 6  ASP A 146 ? ASP A 120 . ? 1_555 ? 
# 
loop_
_pdbx_validate_close_contact.id 
_pdbx_validate_close_contact.PDB_model_num 
_pdbx_validate_close_contact.auth_atom_id_1 
_pdbx_validate_close_contact.auth_asym_id_1 
_pdbx_validate_close_contact.auth_comp_id_1 
_pdbx_validate_close_contact.auth_seq_id_1 
_pdbx_validate_close_contact.PDB_ins_code_1 
_pdbx_validate_close_contact.label_alt_id_1 
_pdbx_validate_close_contact.auth_atom_id_2 
_pdbx_validate_close_contact.auth_asym_id_2 
_pdbx_validate_close_contact.auth_comp_id_2 
_pdbx_validate_close_contact.auth_seq_id_2 
_pdbx_validate_close_contact.PDB_ins_code_2 
_pdbx_validate_close_contact.label_alt_id_2 
_pdbx_validate_close_contact.dist 
1 1 OE1 A GLU 73  ? ? OH A TYR 136 ? B 2.06 
2 1 OD1 A ASP 109 ? ? O  A HOH 301 ? ? 2.15 
# 
_pdbx_validate_torsion.id              1 
_pdbx_validate_torsion.PDB_model_num   1 
_pdbx_validate_torsion.auth_comp_id    ASP 
_pdbx_validate_torsion.auth_asym_id    A 
_pdbx_validate_torsion.auth_seq_id     62 
_pdbx_validate_torsion.PDB_ins_code    ? 
_pdbx_validate_torsion.label_alt_id    ? 
_pdbx_validate_torsion.phi             -92.67 
_pdbx_validate_torsion.psi             -96.86 
# 
loop_
_pdbx_struct_special_symmetry.id 
_pdbx_struct_special_symmetry.PDB_model_num 
_pdbx_struct_special_symmetry.auth_asym_id 
_pdbx_struct_special_symmetry.auth_comp_id 
_pdbx_struct_special_symmetry.auth_seq_id 
_pdbx_struct_special_symmetry.PDB_ins_code 
_pdbx_struct_special_symmetry.label_asym_id 
_pdbx_struct_special_symmetry.label_comp_id 
_pdbx_struct_special_symmetry.label_seq_id 
1 1 A SO4 204 ? E SO4 . 
2 1 A HOH 462 ? G HOH . 
3 1 A HOH 500 ? G HOH . 
# 
loop_
_pdbx_unobs_or_zero_occ_residues.id 
_pdbx_unobs_or_zero_occ_residues.PDB_model_num 
_pdbx_unobs_or_zero_occ_residues.polymer_flag 
_pdbx_unobs_or_zero_occ_residues.occupancy_flag 
_pdbx_unobs_or_zero_occ_residues.auth_asym_id 
_pdbx_unobs_or_zero_occ_residues.auth_comp_id 
_pdbx_unobs_or_zero_occ_residues.auth_seq_id 
_pdbx_unobs_or_zero_occ_residues.PDB_ins_code 
_pdbx_unobs_or_zero_occ_residues.label_asym_id 
_pdbx_unobs_or_zero_occ_residues.label_comp_id 
_pdbx_unobs_or_zero_occ_residues.label_seq_id 
1  1 Y 1 A MET -25 ? A MET 1  
2  1 Y 1 A LYS -24 ? A LYS 2  
3  1 Y 1 A HIS -23 ? A HIS 3  
4  1 Y 1 A HIS -22 ? A HIS 4  
5  1 Y 1 A HIS -21 ? A HIS 5  
6  1 Y 1 A HIS -20 ? A HIS 6  
7  1 Y 1 A HIS -19 ? A HIS 7  
8  1 Y 1 A HIS -18 ? A HIS 8  
9  1 Y 1 A PRO -17 ? A PRO 9  
10 1 Y 1 A MET -16 ? A MET 10 
11 1 Y 1 A SER -15 ? A SER 11 
12 1 Y 1 A ASP -14 ? A ASP 12 
13 1 Y 1 A TYR -13 ? A TYR 13 
14 1 Y 1 A ASP -12 ? A ASP 14 
15 1 Y 1 A ILE -11 ? A ILE 15 
16 1 Y 1 A PRO -10 ? A PRO 16 
17 1 Y 1 A THR -9  ? A THR 17 
18 1 Y 1 A THR -8  ? A THR 18 
19 1 Y 1 A GLU -7  ? A GLU 19 
20 1 Y 1 A ASN -6  ? A ASN 20 
21 1 Y 1 A LEU -5  ? A LEU 21 
22 1 Y 1 A TYR -4  ? A TYR 22 
23 1 Y 1 A PHE -3  ? A PHE 23 
24 1 Y 1 A GLN -2  ? A GLN 24 
25 1 Y 1 A GLY -1  ? A GLY 25 
26 1 Y 1 A ALA 0   ? A ALA 26 
27 1 Y 1 A MET 1   ? A MET 27 
28 1 Y 1 A GLY 2   ? A GLY 28 
# 
loop_
_chem_comp_atom.comp_id 
_chem_comp_atom.atom_id 
_chem_comp_atom.type_symbol 
_chem_comp_atom.pdbx_aromatic_flag 
_chem_comp_atom.pdbx_stereo_config 
_chem_comp_atom.pdbx_ordinal 
ALA N    N N N 1   
ALA CA   C N S 2   
ALA C    C N N 3   
ALA O    O N N 4   
ALA CB   C N N 5   
ALA OXT  O N N 6   
ALA H    H N N 7   
ALA H2   H N N 8   
ALA HA   H N N 9   
ALA HB1  H N N 10  
ALA HB2  H N N 11  
ALA HB3  H N N 12  
ALA HXT  H N N 13  
ARG N    N N N 14  
ARG CA   C N S 15  
ARG C    C N N 16  
ARG O    O N N 17  
ARG CB   C N N 18  
ARG CG   C N N 19  
ARG CD   C N N 20  
ARG NE   N N N 21  
ARG CZ   C N N 22  
ARG NH1  N N N 23  
ARG NH2  N N N 24  
ARG OXT  O N N 25  
ARG H    H N N 26  
ARG H2   H N N 27  
ARG HA   H N N 28  
ARG HB2  H N N 29  
ARG HB3  H N N 30  
ARG HG2  H N N 31  
ARG HG3  H N N 32  
ARG HD2  H N N 33  
ARG HD3  H N N 34  
ARG HE   H N N 35  
ARG HH11 H N N 36  
ARG HH12 H N N 37  
ARG HH21 H N N 38  
ARG HH22 H N N 39  
ARG HXT  H N N 40  
ASN N    N N N 41  
ASN CA   C N S 42  
ASN C    C N N 43  
ASN O    O N N 44  
ASN CB   C N N 45  
ASN CG   C N N 46  
ASN OD1  O N N 47  
ASN ND2  N N N 48  
ASN OXT  O N N 49  
ASN H    H N N 50  
ASN H2   H N N 51  
ASN HA   H N N 52  
ASN HB2  H N N 53  
ASN HB3  H N N 54  
ASN HD21 H N N 55  
ASN HD22 H N N 56  
ASN HXT  H N N 57  
ASP N    N N N 58  
ASP CA   C N S 59  
ASP C    C N N 60  
ASP O    O N N 61  
ASP CB   C N N 62  
ASP CG   C N N 63  
ASP OD1  O N N 64  
ASP OD2  O N N 65  
ASP OXT  O N N 66  
ASP H    H N N 67  
ASP H2   H N N 68  
ASP HA   H N N 69  
ASP HB2  H N N 70  
ASP HB3  H N N 71  
ASP HD2  H N N 72  
ASP HXT  H N N 73  
CYS N    N N N 74  
CYS CA   C N R 75  
CYS C    C N N 76  
CYS O    O N N 77  
CYS CB   C N N 78  
CYS SG   S N N 79  
CYS OXT  O N N 80  
CYS H    H N N 81  
CYS H2   H N N 82  
CYS HA   H N N 83  
CYS HB2  H N N 84  
CYS HB3  H N N 85  
CYS HG   H N N 86  
CYS HXT  H N N 87  
F3E C10  C Y N 88  
F3E C02  C Y N 89  
F3E C04  C Y N 90  
F3E C05  C Y N 91  
F3E C06  C Y N 92  
F3E C07  C Y N 93  
F3E C08  C Y N 94  
F3E C09  C Y N 95  
F3E C11  C Y N 96  
F3E C12  C Y N 97  
F3E N01  N N N 98  
F3E N03  N Y N 99  
F3E N13  N Y N 100 
F3E H1   H N N 101 
F3E H2   H N N 102 
F3E H3   H N N 103 
F3E H4   H N N 104 
F3E H5   H N N 105 
F3E H6   H N N 106 
F3E H7   H N N 107 
F3E H8   H N N 108 
F3E H9   H N N 109 
GLN N    N N N 110 
GLN CA   C N S 111 
GLN C    C N N 112 
GLN O    O N N 113 
GLN CB   C N N 114 
GLN CG   C N N 115 
GLN CD   C N N 116 
GLN OE1  O N N 117 
GLN NE2  N N N 118 
GLN OXT  O N N 119 
GLN H    H N N 120 
GLN H2   H N N 121 
GLN HA   H N N 122 
GLN HB2  H N N 123 
GLN HB3  H N N 124 
GLN HG2  H N N 125 
GLN HG3  H N N 126 
GLN HE21 H N N 127 
GLN HE22 H N N 128 
GLN HXT  H N N 129 
GLU N    N N N 130 
GLU CA   C N S 131 
GLU C    C N N 132 
GLU O    O N N 133 
GLU CB   C N N 134 
GLU CG   C N N 135 
GLU CD   C N N 136 
GLU OE1  O N N 137 
GLU OE2  O N N 138 
GLU OXT  O N N 139 
GLU H    H N N 140 
GLU H2   H N N 141 
GLU HA   H N N 142 
GLU HB2  H N N 143 
GLU HB3  H N N 144 
GLU HG2  H N N 145 
GLU HG3  H N N 146 
GLU HE2  H N N 147 
GLU HXT  H N N 148 
GLY N    N N N 149 
GLY CA   C N N 150 
GLY C    C N N 151 
GLY O    O N N 152 
GLY OXT  O N N 153 
GLY H    H N N 154 
GLY H2   H N N 155 
GLY HA2  H N N 156 
GLY HA3  H N N 157 
GLY HXT  H N N 158 
HIS N    N N N 159 
HIS CA   C N S 160 
HIS C    C N N 161 
HIS O    O N N 162 
HIS CB   C N N 163 
HIS CG   C Y N 164 
HIS ND1  N Y N 165 
HIS CD2  C Y N 166 
HIS CE1  C Y N 167 
HIS NE2  N Y N 168 
HIS OXT  O N N 169 
HIS H    H N N 170 
HIS H2   H N N 171 
HIS HA   H N N 172 
HIS HB2  H N N 173 
HIS HB3  H N N 174 
HIS HD1  H N N 175 
HIS HD2  H N N 176 
HIS HE1  H N N 177 
HIS HE2  H N N 178 
HIS HXT  H N N 179 
HOH O    O N N 180 
HOH H1   H N N 181 
HOH H2   H N N 182 
ILE N    N N N 183 
ILE CA   C N S 184 
ILE C    C N N 185 
ILE O    O N N 186 
ILE CB   C N S 187 
ILE CG1  C N N 188 
ILE CG2  C N N 189 
ILE CD1  C N N 190 
ILE OXT  O N N 191 
ILE H    H N N 192 
ILE H2   H N N 193 
ILE HA   H N N 194 
ILE HB   H N N 195 
ILE HG12 H N N 196 
ILE HG13 H N N 197 
ILE HG21 H N N 198 
ILE HG22 H N N 199 
ILE HG23 H N N 200 
ILE HD11 H N N 201 
ILE HD12 H N N 202 
ILE HD13 H N N 203 
ILE HXT  H N N 204 
LEU N    N N N 205 
LEU CA   C N S 206 
LEU C    C N N 207 
LEU O    O N N 208 
LEU CB   C N N 209 
LEU CG   C N N 210 
LEU CD1  C N N 211 
LEU CD2  C N N 212 
LEU OXT  O N N 213 
LEU H    H N N 214 
LEU H2   H N N 215 
LEU HA   H N N 216 
LEU HB2  H N N 217 
LEU HB3  H N N 218 
LEU HG   H N N 219 
LEU HD11 H N N 220 
LEU HD12 H N N 221 
LEU HD13 H N N 222 
LEU HD21 H N N 223 
LEU HD22 H N N 224 
LEU HD23 H N N 225 
LEU HXT  H N N 226 
LYS N    N N N 227 
LYS CA   C N S 228 
LYS C    C N N 229 
LYS O    O N N 230 
LYS CB   C N N 231 
LYS CG   C N N 232 
LYS CD   C N N 233 
LYS CE   C N N 234 
LYS NZ   N N N 235 
LYS OXT  O N N 236 
LYS H    H N N 237 
LYS H2   H N N 238 
LYS HA   H N N 239 
LYS HB2  H N N 240 
LYS HB3  H N N 241 
LYS HG2  H N N 242 
LYS HG3  H N N 243 
LYS HD2  H N N 244 
LYS HD3  H N N 245 
LYS HE2  H N N 246 
LYS HE3  H N N 247 
LYS HZ1  H N N 248 
LYS HZ2  H N N 249 
LYS HZ3  H N N 250 
LYS HXT  H N N 251 
MET N    N N N 252 
MET CA   C N S 253 
MET C    C N N 254 
MET O    O N N 255 
MET CB   C N N 256 
MET CG   C N N 257 
MET SD   S N N 258 
MET CE   C N N 259 
MET OXT  O N N 260 
MET H    H N N 261 
MET H2   H N N 262 
MET HA   H N N 263 
MET HB2  H N N 264 
MET HB3  H N N 265 
MET HG2  H N N 266 
MET HG3  H N N 267 
MET HE1  H N N 268 
MET HE2  H N N 269 
MET HE3  H N N 270 
MET HXT  H N N 271 
PHE N    N N N 272 
PHE CA   C N S 273 
PHE C    C N N 274 
PHE O    O N N 275 
PHE CB   C N N 276 
PHE CG   C Y N 277 
PHE CD1  C Y N 278 
PHE CD2  C Y N 279 
PHE CE1  C Y N 280 
PHE CE2  C Y N 281 
PHE CZ   C Y N 282 
PHE OXT  O N N 283 
PHE H    H N N 284 
PHE H2   H N N 285 
PHE HA   H N N 286 
PHE HB2  H N N 287 
PHE HB3  H N N 288 
PHE HD1  H N N 289 
PHE HD2  H N N 290 
PHE HE1  H N N 291 
PHE HE2  H N N 292 
PHE HZ   H N N 293 
PHE HXT  H N N 294 
PRO N    N N N 295 
PRO CA   C N S 296 
PRO C    C N N 297 
PRO O    O N N 298 
PRO CB   C N N 299 
PRO CG   C N N 300 
PRO CD   C N N 301 
PRO OXT  O N N 302 
PRO H    H N N 303 
PRO HA   H N N 304 
PRO HB2  H N N 305 
PRO HB3  H N N 306 
PRO HG2  H N N 307 
PRO HG3  H N N 308 
PRO HD2  H N N 309 
PRO HD3  H N N 310 
PRO HXT  H N N 311 
SER N    N N N 312 
SER CA   C N S 313 
SER C    C N N 314 
SER O    O N N 315 
SER CB   C N N 316 
SER OG   O N N 317 
SER OXT  O N N 318 
SER H    H N N 319 
SER H2   H N N 320 
SER HA   H N N 321 
SER HB2  H N N 322 
SER HB3  H N N 323 
SER HG   H N N 324 
SER HXT  H N N 325 
SO4 S    S N N 326 
SO4 O1   O N N 327 
SO4 O2   O N N 328 
SO4 O3   O N N 329 
SO4 O4   O N N 330 
THR N    N N N 331 
THR CA   C N S 332 
THR C    C N N 333 
THR O    O N N 334 
THR CB   C N R 335 
THR OG1  O N N 336 
THR CG2  C N N 337 
THR OXT  O N N 338 
THR H    H N N 339 
THR H2   H N N 340 
THR HA   H N N 341 
THR HB   H N N 342 
THR HG1  H N N 343 
THR HG21 H N N 344 
THR HG22 H N N 345 
THR HG23 H N N 346 
THR HXT  H N N 347 
TRP N    N N N 348 
TRP CA   C N S 349 
TRP C    C N N 350 
TRP O    O N N 351 
TRP CB   C N N 352 
TRP CG   C Y N 353 
TRP CD1  C Y N 354 
TRP CD2  C Y N 355 
TRP NE1  N Y N 356 
TRP CE2  C Y N 357 
TRP CE3  C Y N 358 
TRP CZ2  C Y N 359 
TRP CZ3  C Y N 360 
TRP CH2  C Y N 361 
TRP OXT  O N N 362 
TRP H    H N N 363 
TRP H2   H N N 364 
TRP HA   H N N 365 
TRP HB2  H N N 366 
TRP HB3  H N N 367 
TRP HD1  H N N 368 
TRP HE1  H N N 369 
TRP HE3  H N N 370 
TRP HZ2  H N N 371 
TRP HZ3  H N N 372 
TRP HH2  H N N 373 
TRP HXT  H N N 374 
TYR N    N N N 375 
TYR CA   C N S 376 
TYR C    C N N 377 
TYR O    O N N 378 
TYR CB   C N N 379 
TYR CG   C Y N 380 
TYR CD1  C Y N 381 
TYR CD2  C Y N 382 
TYR CE1  C Y N 383 
TYR CE2  C Y N 384 
TYR CZ   C Y N 385 
TYR OH   O N N 386 
TYR OXT  O N N 387 
TYR H    H N N 388 
TYR H2   H N N 389 
TYR HA   H N N 390 
TYR HB2  H N N 391 
TYR HB3  H N N 392 
TYR HD1  H N N 393 
TYR HD2  H N N 394 
TYR HE1  H N N 395 
TYR HE2  H N N 396 
TYR HH   H N N 397 
TYR HXT  H N N 398 
VAL N    N N N 399 
VAL CA   C N S 400 
VAL C    C N N 401 
VAL O    O N N 402 
VAL CB   C N N 403 
VAL CG1  C N N 404 
VAL CG2  C N N 405 
VAL OXT  O N N 406 
VAL H    H N N 407 
VAL H2   H N N 408 
VAL HA   H N N 409 
VAL HB   H N N 410 
VAL HG11 H N N 411 
VAL HG12 H N N 412 
VAL HG13 H N N 413 
VAL HG21 H N N 414 
VAL HG22 H N N 415 
VAL HG23 H N N 416 
VAL HXT  H N N 417 
# 
loop_
_chem_comp_bond.comp_id 
_chem_comp_bond.atom_id_1 
_chem_comp_bond.atom_id_2 
_chem_comp_bond.value_order 
_chem_comp_bond.pdbx_aromatic_flag 
_chem_comp_bond.pdbx_stereo_config 
_chem_comp_bond.pdbx_ordinal 
ALA N   CA   sing N N 1   
ALA N   H    sing N N 2   
ALA N   H2   sing N N 3   
ALA CA  C    sing N N 4   
ALA CA  CB   sing N N 5   
ALA CA  HA   sing N N 6   
ALA C   O    doub N N 7   
ALA C   OXT  sing N N 8   
ALA CB  HB1  sing N N 9   
ALA CB  HB2  sing N N 10  
ALA CB  HB3  sing N N 11  
ALA OXT HXT  sing N N 12  
ARG N   CA   sing N N 13  
ARG N   H    sing N N 14  
ARG N   H2   sing N N 15  
ARG CA  C    sing N N 16  
ARG CA  CB   sing N N 17  
ARG CA  HA   sing N N 18  
ARG C   O    doub N N 19  
ARG C   OXT  sing N N 20  
ARG CB  CG   sing N N 21  
ARG CB  HB2  sing N N 22  
ARG CB  HB3  sing N N 23  
ARG CG  CD   sing N N 24  
ARG CG  HG2  sing N N 25  
ARG CG  HG3  sing N N 26  
ARG CD  NE   sing N N 27  
ARG CD  HD2  sing N N 28  
ARG CD  HD3  sing N N 29  
ARG NE  CZ   sing N N 30  
ARG NE  HE   sing N N 31  
ARG CZ  NH1  sing N N 32  
ARG CZ  NH2  doub N N 33  
ARG NH1 HH11 sing N N 34  
ARG NH1 HH12 sing N N 35  
ARG NH2 HH21 sing N N 36  
ARG NH2 HH22 sing N N 37  
ARG OXT HXT  sing N N 38  
ASN N   CA   sing N N 39  
ASN N   H    sing N N 40  
ASN N   H2   sing N N 41  
ASN CA  C    sing N N 42  
ASN CA  CB   sing N N 43  
ASN CA  HA   sing N N 44  
ASN C   O    doub N N 45  
ASN C   OXT  sing N N 46  
ASN CB  CG   sing N N 47  
ASN CB  HB2  sing N N 48  
ASN CB  HB3  sing N N 49  
ASN CG  OD1  doub N N 50  
ASN CG  ND2  sing N N 51  
ASN ND2 HD21 sing N N 52  
ASN ND2 HD22 sing N N 53  
ASN OXT HXT  sing N N 54  
ASP N   CA   sing N N 55  
ASP N   H    sing N N 56  
ASP N   H2   sing N N 57  
ASP CA  C    sing N N 58  
ASP CA  CB   sing N N 59  
ASP CA  HA   sing N N 60  
ASP C   O    doub N N 61  
ASP C   OXT  sing N N 62  
ASP CB  CG   sing N N 63  
ASP CB  HB2  sing N N 64  
ASP CB  HB3  sing N N 65  
ASP CG  OD1  doub N N 66  
ASP CG  OD2  sing N N 67  
ASP OD2 HD2  sing N N 68  
ASP OXT HXT  sing N N 69  
CYS N   CA   sing N N 70  
CYS N   H    sing N N 71  
CYS N   H2   sing N N 72  
CYS CA  C    sing N N 73  
CYS CA  CB   sing N N 74  
CYS CA  HA   sing N N 75  
CYS C   O    doub N N 76  
CYS C   OXT  sing N N 77  
CYS CB  SG   sing N N 78  
CYS CB  HB2  sing N N 79  
CYS CB  HB3  sing N N 80  
CYS SG  HG   sing N N 81  
CYS OXT HXT  sing N N 82  
F3E N03 C04  doub Y N 83  
F3E N03 C02  sing Y N 84  
F3E C04 C05  sing Y N 85  
F3E N01 C02  sing N N 86  
F3E C02 N13  doub Y N 87  
F3E C05 C06  doub Y N 88  
F3E N13 C06  sing Y N 89  
F3E C06 C07  sing N N 90  
F3E C07 C08  doub Y N 91  
F3E C07 C12  sing Y N 92  
F3E C08 C09  sing Y N 93  
F3E C12 C11  doub Y N 94  
F3E C09 C10  doub Y N 95  
F3E C11 C10  sing Y N 96  
F3E C10 H1   sing N N 97  
F3E C04 H2   sing N N 98  
F3E C05 H3   sing N N 99  
F3E C08 H4   sing N N 100 
F3E C09 H5   sing N N 101 
F3E C11 H6   sing N N 102 
F3E C12 H7   sing N N 103 
F3E N01 H8   sing N N 104 
F3E N01 H9   sing N N 105 
GLN N   CA   sing N N 106 
GLN N   H    sing N N 107 
GLN N   H2   sing N N 108 
GLN CA  C    sing N N 109 
GLN CA  CB   sing N N 110 
GLN CA  HA   sing N N 111 
GLN C   O    doub N N 112 
GLN C   OXT  sing N N 113 
GLN CB  CG   sing N N 114 
GLN CB  HB2  sing N N 115 
GLN CB  HB3  sing N N 116 
GLN CG  CD   sing N N 117 
GLN CG  HG2  sing N N 118 
GLN CG  HG3  sing N N 119 
GLN CD  OE1  doub N N 120 
GLN CD  NE2  sing N N 121 
GLN NE2 HE21 sing N N 122 
GLN NE2 HE22 sing N N 123 
GLN OXT HXT  sing N N 124 
GLU N   CA   sing N N 125 
GLU N   H    sing N N 126 
GLU N   H2   sing N N 127 
GLU CA  C    sing N N 128 
GLU CA  CB   sing N N 129 
GLU CA  HA   sing N N 130 
GLU C   O    doub N N 131 
GLU C   OXT  sing N N 132 
GLU CB  CG   sing N N 133 
GLU CB  HB2  sing N N 134 
GLU CB  HB3  sing N N 135 
GLU CG  CD   sing N N 136 
GLU CG  HG2  sing N N 137 
GLU CG  HG3  sing N N 138 
GLU CD  OE1  doub N N 139 
GLU CD  OE2  sing N N 140 
GLU OE2 HE2  sing N N 141 
GLU OXT HXT  sing N N 142 
GLY N   CA   sing N N 143 
GLY N   H    sing N N 144 
GLY N   H2   sing N N 145 
GLY CA  C    sing N N 146 
GLY CA  HA2  sing N N 147 
GLY CA  HA3  sing N N 148 
GLY C   O    doub N N 149 
GLY C   OXT  sing N N 150 
GLY OXT HXT  sing N N 151 
HIS N   CA   sing N N 152 
HIS N   H    sing N N 153 
HIS N   H2   sing N N 154 
HIS CA  C    sing N N 155 
HIS CA  CB   sing N N 156 
HIS CA  HA   sing N N 157 
HIS C   O    doub N N 158 
HIS C   OXT  sing N N 159 
HIS CB  CG   sing N N 160 
HIS CB  HB2  sing N N 161 
HIS CB  HB3  sing N N 162 
HIS CG  ND1  sing Y N 163 
HIS CG  CD2  doub Y N 164 
HIS ND1 CE1  doub Y N 165 
HIS ND1 HD1  sing N N 166 
HIS CD2 NE2  sing Y N 167 
HIS CD2 HD2  sing N N 168 
HIS CE1 NE2  sing Y N 169 
HIS CE1 HE1  sing N N 170 
HIS NE2 HE2  sing N N 171 
HIS OXT HXT  sing N N 172 
HOH O   H1   sing N N 173 
HOH O   H2   sing N N 174 
ILE N   CA   sing N N 175 
ILE N   H    sing N N 176 
ILE N   H2   sing N N 177 
ILE CA  C    sing N N 178 
ILE CA  CB   sing N N 179 
ILE CA  HA   sing N N 180 
ILE C   O    doub N N 181 
ILE C   OXT  sing N N 182 
ILE CB  CG1  sing N N 183 
ILE CB  CG2  sing N N 184 
ILE CB  HB   sing N N 185 
ILE CG1 CD1  sing N N 186 
ILE CG1 HG12 sing N N 187 
ILE CG1 HG13 sing N N 188 
ILE CG2 HG21 sing N N 189 
ILE CG2 HG22 sing N N 190 
ILE CG2 HG23 sing N N 191 
ILE CD1 HD11 sing N N 192 
ILE CD1 HD12 sing N N 193 
ILE CD1 HD13 sing N N 194 
ILE OXT HXT  sing N N 195 
LEU N   CA   sing N N 196 
LEU N   H    sing N N 197 
LEU N   H2   sing N N 198 
LEU CA  C    sing N N 199 
LEU CA  CB   sing N N 200 
LEU CA  HA   sing N N 201 
LEU C   O    doub N N 202 
LEU C   OXT  sing N N 203 
LEU CB  CG   sing N N 204 
LEU CB  HB2  sing N N 205 
LEU CB  HB3  sing N N 206 
LEU CG  CD1  sing N N 207 
LEU CG  CD2  sing N N 208 
LEU CG  HG   sing N N 209 
LEU CD1 HD11 sing N N 210 
LEU CD1 HD12 sing N N 211 
LEU CD1 HD13 sing N N 212 
LEU CD2 HD21 sing N N 213 
LEU CD2 HD22 sing N N 214 
LEU CD2 HD23 sing N N 215 
LEU OXT HXT  sing N N 216 
LYS N   CA   sing N N 217 
LYS N   H    sing N N 218 
LYS N   H2   sing N N 219 
LYS CA  C    sing N N 220 
LYS CA  CB   sing N N 221 
LYS CA  HA   sing N N 222 
LYS C   O    doub N N 223 
LYS C   OXT  sing N N 224 
LYS CB  CG   sing N N 225 
LYS CB  HB2  sing N N 226 
LYS CB  HB3  sing N N 227 
LYS CG  CD   sing N N 228 
LYS CG  HG2  sing N N 229 
LYS CG  HG3  sing N N 230 
LYS CD  CE   sing N N 231 
LYS CD  HD2  sing N N 232 
LYS CD  HD3  sing N N 233 
LYS CE  NZ   sing N N 234 
LYS CE  HE2  sing N N 235 
LYS CE  HE3  sing N N 236 
LYS NZ  HZ1  sing N N 237 
LYS NZ  HZ2  sing N N 238 
LYS NZ  HZ3  sing N N 239 
LYS OXT HXT  sing N N 240 
MET N   CA   sing N N 241 
MET N   H    sing N N 242 
MET N   H2   sing N N 243 
MET CA  C    sing N N 244 
MET CA  CB   sing N N 245 
MET CA  HA   sing N N 246 
MET C   O    doub N N 247 
MET C   OXT  sing N N 248 
MET CB  CG   sing N N 249 
MET CB  HB2  sing N N 250 
MET CB  HB3  sing N N 251 
MET CG  SD   sing N N 252 
MET CG  HG2  sing N N 253 
MET CG  HG3  sing N N 254 
MET SD  CE   sing N N 255 
MET CE  HE1  sing N N 256 
MET CE  HE2  sing N N 257 
MET CE  HE3  sing N N 258 
MET OXT HXT  sing N N 259 
PHE N   CA   sing N N 260 
PHE N   H    sing N N 261 
PHE N   H2   sing N N 262 
PHE CA  C    sing N N 263 
PHE CA  CB   sing N N 264 
PHE CA  HA   sing N N 265 
PHE C   O    doub N N 266 
PHE C   OXT  sing N N 267 
PHE CB  CG   sing N N 268 
PHE CB  HB2  sing N N 269 
PHE CB  HB3  sing N N 270 
PHE CG  CD1  doub Y N 271 
PHE CG  CD2  sing Y N 272 
PHE CD1 CE1  sing Y N 273 
PHE CD1 HD1  sing N N 274 
PHE CD2 CE2  doub Y N 275 
PHE CD2 HD2  sing N N 276 
PHE CE1 CZ   doub Y N 277 
PHE CE1 HE1  sing N N 278 
PHE CE2 CZ   sing Y N 279 
PHE CE2 HE2  sing N N 280 
PHE CZ  HZ   sing N N 281 
PHE OXT HXT  sing N N 282 
PRO N   CA   sing N N 283 
PRO N   CD   sing N N 284 
PRO N   H    sing N N 285 
PRO CA  C    sing N N 286 
PRO CA  CB   sing N N 287 
PRO CA  HA   sing N N 288 
PRO C   O    doub N N 289 
PRO C   OXT  sing N N 290 
PRO CB  CG   sing N N 291 
PRO CB  HB2  sing N N 292 
PRO CB  HB3  sing N N 293 
PRO CG  CD   sing N N 294 
PRO CG  HG2  sing N N 295 
PRO CG  HG3  sing N N 296 
PRO CD  HD2  sing N N 297 
PRO CD  HD3  sing N N 298 
PRO OXT HXT  sing N N 299 
SER N   CA   sing N N 300 
SER N   H    sing N N 301 
SER N   H2   sing N N 302 
SER CA  C    sing N N 303 
SER CA  CB   sing N N 304 
SER CA  HA   sing N N 305 
SER C   O    doub N N 306 
SER C   OXT  sing N N 307 
SER CB  OG   sing N N 308 
SER CB  HB2  sing N N 309 
SER CB  HB3  sing N N 310 
SER OG  HG   sing N N 311 
SER OXT HXT  sing N N 312 
SO4 S   O1   doub N N 313 
SO4 S   O2   doub N N 314 
SO4 S   O3   sing N N 315 
SO4 S   O4   sing N N 316 
THR N   CA   sing N N 317 
THR N   H    sing N N 318 
THR N   H2   sing N N 319 
THR CA  C    sing N N 320 
THR CA  CB   sing N N 321 
THR CA  HA   sing N N 322 
THR C   O    doub N N 323 
THR C   OXT  sing N N 324 
THR CB  OG1  sing N N 325 
THR CB  CG2  sing N N 326 
THR CB  HB   sing N N 327 
THR OG1 HG1  sing N N 328 
THR CG2 HG21 sing N N 329 
THR CG2 HG22 sing N N 330 
THR CG2 HG23 sing N N 331 
THR OXT HXT  sing N N 332 
TRP N   CA   sing N N 333 
TRP N   H    sing N N 334 
TRP N   H2   sing N N 335 
TRP CA  C    sing N N 336 
TRP CA  CB   sing N N 337 
TRP CA  HA   sing N N 338 
TRP C   O    doub N N 339 
TRP C   OXT  sing N N 340 
TRP CB  CG   sing N N 341 
TRP CB  HB2  sing N N 342 
TRP CB  HB3  sing N N 343 
TRP CG  CD1  doub Y N 344 
TRP CG  CD2  sing Y N 345 
TRP CD1 NE1  sing Y N 346 
TRP CD1 HD1  sing N N 347 
TRP CD2 CE2  doub Y N 348 
TRP CD2 CE3  sing Y N 349 
TRP NE1 CE2  sing Y N 350 
TRP NE1 HE1  sing N N 351 
TRP CE2 CZ2  sing Y N 352 
TRP CE3 CZ3  doub Y N 353 
TRP CE3 HE3  sing N N 354 
TRP CZ2 CH2  doub Y N 355 
TRP CZ2 HZ2  sing N N 356 
TRP CZ3 CH2  sing Y N 357 
TRP CZ3 HZ3  sing N N 358 
TRP CH2 HH2  sing N N 359 
TRP OXT HXT  sing N N 360 
TYR N   CA   sing N N 361 
TYR N   H    sing N N 362 
TYR N   H2   sing N N 363 
TYR CA  C    sing N N 364 
TYR CA  CB   sing N N 365 
TYR CA  HA   sing N N 366 
TYR C   O    doub N N 367 
TYR C   OXT  sing N N 368 
TYR CB  CG   sing N N 369 
TYR CB  HB2  sing N N 370 
TYR CB  HB3  sing N N 371 
TYR CG  CD1  doub Y N 372 
TYR CG  CD2  sing Y N 373 
TYR CD1 CE1  sing Y N 374 
TYR CD1 HD1  sing N N 375 
TYR CD2 CE2  doub Y N 376 
TYR CD2 HD2  sing N N 377 
TYR CE1 CZ   doub Y N 378 
TYR CE1 HE1  sing N N 379 
TYR CE2 CZ   sing Y N 380 
TYR CE2 HE2  sing N N 381 
TYR CZ  OH   sing N N 382 
TYR OH  HH   sing N N 383 
TYR OXT HXT  sing N N 384 
VAL N   CA   sing N N 385 
VAL N   H    sing N N 386 
VAL N   H2   sing N N 387 
VAL CA  C    sing N N 388 
VAL CA  CB   sing N N 389 
VAL CA  HA   sing N N 390 
VAL C   O    doub N N 391 
VAL C   OXT  sing N N 392 
VAL CB  CG1  sing N N 393 
VAL CB  CG2  sing N N 394 
VAL CB  HB   sing N N 395 
VAL CG1 HG11 sing N N 396 
VAL CG1 HG12 sing N N 397 
VAL CG1 HG13 sing N N 398 
VAL CG2 HG21 sing N N 399 
VAL CG2 HG22 sing N N 400 
VAL CG2 HG23 sing N N 401 
VAL OXT HXT  sing N N 402 
# 
_pdbx_audit_support.funding_organization   ? 
_pdbx_audit_support.country                Switzerland 
_pdbx_audit_support.grant_number           FK-16-032 
_pdbx_audit_support.ordinal                1 
# 
_pdbx_initial_refinement_model.id               1 
_pdbx_initial_refinement_model.entity_id_list   ? 
_pdbx_initial_refinement_model.type             'experimental model' 
_pdbx_initial_refinement_model.source_name      PDB 
_pdbx_initial_refinement_model.accession_code   4C9X 
_pdbx_initial_refinement_model.details          ? 
# 
_atom_sites.entry_id                    6GLJ 
_atom_sites.fract_transf_matrix[1][1]   -0.01091518 
_atom_sites.fract_transf_matrix[1][2]   -0.02538660 
_atom_sites.fract_transf_matrix[1][3]   0.00085786 
_atom_sites.fract_transf_matrix[2][1]   0.01024196 
_atom_sites.fract_transf_matrix[2][2]   -0.00398196 
_atom_sites.fract_transf_matrix[2][3]   0.01247812 
_atom_sites.fract_transf_matrix[3][1]   -0.01030365 
_atom_sites.fract_transf_matrix[3][2]   0.00476733 
_atom_sites.fract_transf_matrix[3][3]   0.00997850 
_atom_sites.fract_transf_vector[1]      -0.244058 
_atom_sites.fract_transf_vector[2]      -0.232064 
_atom_sites.fract_transf_vector[3]      0.202095 
# 
loop_
_atom_type.symbol 
C 
N 
O 
S 
# 
loop_
_atom_site.group_PDB 
_atom_site.id 
_atom_site.type_symbol 
_atom_site.label_atom_id 
_atom_site.label_alt_id 
_atom_site.label_comp_id 
_atom_site.label_asym_id 
_atom_site.label_entity_id 
_atom_site.label_seq_id 
_atom_site.pdbx_PDB_ins_code 
_atom_site.Cartn_x 
_atom_site.Cartn_y 
_atom_site.Cartn_z 
_atom_site.occupancy 
_atom_site.B_iso_or_equiv 
_atom_site.pdbx_formal_charge 
_atom_site.auth_seq_id 
_atom_site.auth_comp_id 
_atom_site.auth_asym_id 
_atom_site.auth_atom_id 
_atom_site.pdbx_PDB_model_num 
ATOM   1    N N   . ALA A 1 29  ? 16.753  0.173   -12.859 1.00 32.24 ? 3   ALA A N   1 
ATOM   2    C CA  . ALA A 1 29  ? 17.126  0.802   -11.597 1.00 27.69 ? 3   ALA A CA  1 
ATOM   3    C C   . ALA A 1 29  ? 15.877  1.046   -10.750 1.00 23.79 ? 3   ALA A C   1 
ATOM   4    O O   . ALA A 1 29  ? 15.206  2.074   -10.894 1.00 22.91 ? 3   ALA A O   1 
ATOM   5    N N   . SER A 1 30  ? 15.562  0.095   -9.874  1.00 20.27 ? 4   SER A N   1 
ATOM   6    C CA  . SER A 1 30  ? 14.373  0.194   -9.040  1.00 16.48 ? 4   SER A CA  1 
ATOM   7    C C   . SER A 1 30  ? 14.719  -0.209  -7.614  1.00 19.85 ? 4   SER A C   1 
ATOM   8    O O   . SER A 1 30  ? 15.677  -0.951  -7.366  1.00 22.75 ? 4   SER A O   1 
ATOM   9    C CB  . SER A 1 30  ? 13.200  -0.634  -9.589  1.00 22.58 ? 4   SER A CB  1 
ATOM   10   O OG  . SER A 1 30  ? 13.473  -2.021  -9.547  1.00 27.19 ? 4   SER A OG  1 
ATOM   11   N N   . ARG A 1 31  ? 13.949  0.323   -6.673  1.00 15.01 ? 5   ARG A N   1 
ATOM   12   C CA  . ARG A 1 31  ? 14.108  0.041   -5.258  1.00 14.60 ? 5   ARG A CA  1 
ATOM   13   C C   . ARG A 1 31  ? 12.857  -0.654  -4.741  1.00 12.89 ? 5   ARG A C   1 
ATOM   14   O O   . ARG A 1 31  ? 11.732  -0.281  -5.096  1.00 12.67 ? 5   ARG A O   1 
ATOM   15   C CB  . ARG A 1 31  ? 14.328  1.332   -4.478  1.00 17.24 ? 5   ARG A CB  1 
ATOM   16   C CG  . ARG A 1 31  ? 14.428  1.106   -2.980  1.00 20.51 ? 5   ARG A CG  1 
ATOM   17   C CD  . ARG A 1 31  ? 15.289  2.142   -2.306  1.00 31.46 ? 5   ARG A CD  1 
ATOM   18   N NE  . ARG A 1 31  ? 15.655  1.719   -0.959  1.00 25.38 ? 5   ARG A NE  1 
ATOM   19   C CZ  . ARG A 1 31  ? 16.332  2.473   -0.101  1.00 32.31 ? 5   ARG A CZ  1 
ATOM   20   N NH1 . ARG A 1 31  ? 16.711  3.696   -0.452  1.00 28.64 ? 5   ARG A NH1 1 
ATOM   21   N NH2 . ARG A 1 31  ? 16.623  2.007   1.105   1.00 32.95 ? 5   ARG A NH2 1 
ATOM   22   N N   . LEU A 1 32  ? 13.047  -1.647  -3.878  1.00 11.78 ? 6   LEU A N   1 
ATOM   23   C CA  . LEU A 1 32  ? 11.946  -2.470  -3.399  1.00 11.25 ? 6   LEU A CA  1 
ATOM   24   C C   . LEU A 1 32  ? 11.222  -1.795  -2.249  1.00 10.39 ? 6   LEU A C   1 
ATOM   25   O O   . LEU A 1 32  ? 11.846  -1.338  -1.285  1.00 12.18 ? 6   LEU A O   1 
ATOM   26   C CB  . LEU A 1 32  ? 12.485  -3.805  -2.890  1.00 11.54 ? 6   LEU A CB  1 
ATOM   27   C CG  . LEU A 1 32  ? 12.959  -4.790  -3.945  1.00 12.30 ? 6   LEU A CG  1 
ATOM   28   C CD1 . LEU A 1 32  ? 13.728  -5.933  -3.284  1.00 18.01 ? 6   LEU A CD1 1 
ATOM   29   C CD2 . LEU A 1 32  ? 11.764  -5.324  -4.726  1.00 14.57 ? 6   LEU A CD2 1 
ATOM   30   N N   . TYR A 1 33  ? 9.896   -1.779  -2.330  1.00 9.92  ? 7   TYR A N   1 
ATOM   31   C CA  . TYR A 1 33  ? 9.014   -1.326  -1.267  1.00 8.64  ? 7   TYR A CA  1 
ATOM   32   C C   . TYR A 1 33  ? 7.907   -2.354  -1.095  1.00 8.63  ? 7   TYR A C   1 
ATOM   33   O O   . TYR A 1 33  ? 7.634   -3.163  -1.986  1.00 8.89  ? 7   TYR A O   1 
ATOM   34   C CB  . TYR A 1 33  ? 8.337   0.008   -1.608  1.00 10.03 ? 7   TYR A CB  1 
ATOM   35   C CG  . TYR A 1 33  ? 9.264   1.188   -1.706  1.00 10.98 ? 7   TYR A CG  1 
ATOM   36   C CD1 . TYR A 1 33  ? 10.053  1.376   -2.829  1.00 11.34 ? 7   TYR A CD1 1 
ATOM   37   C CD2 . TYR A 1 33  ? 9.329   2.132   -0.693  1.00 12.15 ? 7   TYR A CD2 1 
ATOM   38   C CE1 . TYR A 1 33  ? 10.907  2.465   -2.935  1.00 15.15 ? 7   TYR A CE1 1 
ATOM   39   C CE2 . TYR A 1 33  ? 10.186  3.236   -0.793  1.00 14.29 ? 7   TYR A CE2 1 
ATOM   40   C CZ  . TYR A 1 33  ? 10.963  3.383   -1.918  1.00 15.06 ? 7   TYR A CZ  1 
ATOM   41   O OH  . TYR A 1 33  ? 11.813  4.461   -2.039  1.00 20.63 ? 7   TYR A OH  1 
ATOM   42   N N   . THR A 1 34  ? 7.253   -2.283  0.055   1.00 8.95  ? 8   THR A N   1 
ATOM   43   C CA  . THR A 1 34  ? 6.063   -3.073  0.326   1.00 9.25  ? 8   THR A CA  1 
ATOM   44   C C   . THR A 1 34  ? 4.899   -2.160  0.661   1.00 8.64  ? 8   THR A C   1 
ATOM   45   O O   . THR A 1 34  ? 5.077   -0.998  1.038   1.00 9.14  ? 8   THR A O   1 
ATOM   46   C CB  . THR A 1 34  ? 6.275   -4.015  1.518   1.00 10.62 ? 8   THR A CB  1 
ATOM   47   O OG1 . THR A 1 34  ? 6.566   -3.250  2.695   1.00 12.16 ? 8   THR A OG1 1 
ATOM   48   C CG2 . THR A 1 34  ? 7.415   -4.992  1.235   1.00 12.90 ? 8   THR A CG2 1 
ATOM   49   N N   . LEU A 1 35  ? 3.702   -2.728  0.534   1.00 8.78  ? 9   LEU A N   1 
ATOM   50   C CA  . LEU A 1 35  ? 2.464   -2.039  0.878   1.00 8.31  ? 9   LEU A CA  1 
ATOM   51   C C   . LEU A 1 35  ? 1.469   -3.103  1.297   1.00 7.93  ? 9   LEU A C   1 
ATOM   52   O O   . LEU A 1 35  ? 1.246   -4.056  0.545   1.00 9.17  ? 9   LEU A O   1 
ATOM   53   C CB  . LEU A 1 35  ? 1.920   -1.278  -0.340  1.00 8.66  ? 9   LEU A CB  1 
ATOM   54   C CG  . LEU A 1 35  ? 0.714   -0.377  -0.067  1.00 10.47 ? 9   LEU A CG  1 
ATOM   55   C CD1 . LEU A 1 35  ? 1.077   0.711   0.940   1.00 11.24 ? 9   LEU A CD1 1 
ATOM   56   C CD2 . LEU A 1 35  ? 0.160   0.250   -1.343  1.00 12.14 ? 9   LEU A CD2 1 
ATOM   57   N N   . VAL A 1 36  ? 0.867   -2.941  2.472   1.00 7.33  ? 10  VAL A N   1 
ATOM   58   C CA  . VAL A 1 36  ? -0.007  -3.953  3.058   1.00 8.66  ? 10  VAL A CA  1 
ATOM   59   C C   . VAL A 1 36  ? -1.379  -3.346  3.316   1.00 8.52  ? 10  VAL A C   1 
ATOM   60   O O   . VAL A 1 36  ? -1.490  -2.301  3.974   1.00 8.67  ? 10  VAL A O   1 
ATOM   61   C CB  . VAL A 1 36  ? 0.573   -4.499  4.374   1.00 8.61  ? 10  VAL A CB  1 
ATOM   62   C CG1 . VAL A 1 36  ? -0.375  -5.515  4.995   1.00 11.08 ? 10  VAL A CG1 1 
ATOM   63   C CG2 . VAL A 1 36  ? 1.945   -5.107  4.152   1.00 10.36 ? 10  VAL A CG2 1 
ATOM   64   N N   . LEU A 1 37  ? -2.415  -4.033  2.843   1.00 7.81  ? 11  LEU A N   1 
ATOM   65   C CA  . LEU A 1 37  ? -3.804  -3.670  3.088   1.00 8.53  ? 11  LEU A CA  1 
ATOM   66   C C   . LEU A 1 37  ? -4.432  -4.732  3.979   1.00 9.28  ? 11  LEU A C   1 
ATOM   67   O O   . LEU A 1 37  ? -4.486  -5.917  3.611   1.00 10.59 ? 11  LEU A O   1 
ATOM   68   C CB  . LEU A 1 37  ? -4.584  -3.579  1.777   1.00 11.06 ? 11  LEU A CB  1 
ATOM   69   C CG  . LEU A 1 37  ? -4.336  -2.340  0.913   1.00 12.14 ? 11  LEU A CG  1 
ATOM   70   C CD1 . LEU A 1 37  ? -4.396  -1.045  1.726   1.00 13.55 ? 11  LEU A CD1 1 
ATOM   71   C CD2 . LEU A 1 37  ? -3.008  -2.461  0.188   1.00 17.07 ? 11  LEU A CD2 1 
ATOM   72   N N   . VAL A 1 38  ? -4.902  -4.311  5.149   1.00 8.78  ? 12  VAL A N   1 
ATOM   73   C CA  . VAL A 1 38  ? -5.656  -5.174  6.050   1.00 10.29 ? 12  VAL A CA  1 
ATOM   74   C C   . VAL A 1 38  ? -7.105  -5.060  5.602   1.00 11.43 ? 12  VAL A C   1 
ATOM   75   O O   . VAL A 1 38  ? -7.780  -4.059  5.864   1.00 11.17 ? 12  VAL A O   1 
ATOM   76   C CB  . VAL A 1 38  ? -5.481  -4.771  7.515   1.00 10.46 ? 12  VAL A CB  1 
ATOM   77   C CG1 . VAL A 1 38  ? -6.270  -5.717  8.414   1.00 14.59 ? 12  VAL A CG1 1 
ATOM   78   C CG2 . VAL A 1 38  ? -4.011  -4.781  7.895   1.00 11.45 ? 12  VAL A CG2 1 
ATOM   79   N N   . LEU A 1 39  ? -7.573  -6.085  4.894   1.00 10.74 ? 13  LEU A N   1 
ATOM   80   C CA  . LEU A 1 39  ? -8.853  -6.050  4.198   1.00 11.29 ? 13  LEU A CA  1 
ATOM   81   C C   . LEU A 1 39  ? -9.721  -7.159  4.758   1.00 12.15 ? 13  LEU A C   1 
ATOM   82   O O   . LEU A 1 39  ? -9.438  -8.343  4.551   1.00 13.97 ? 13  LEU A O   1 
ATOM   83   C CB  . LEU A 1 39  ? -8.658  -6.239  2.695   1.00 12.39 ? 13  LEU A CB  1 
ATOM   84   C CG  . LEU A 1 39  ? -9.960  -6.320  1.876   1.00 14.02 ? 13  LEU A CG  1 
ATOM   85   C CD1 . LEU A 1 39  ? -10.820 -5.070  2.021   1.00 15.36 ? 13  LEU A CD1 1 
ATOM   86   C CD2 . LEU A 1 39  ? -9.654  -6.594  0.415   1.00 17.98 ? 13  LEU A CD2 1 
ATOM   87   N N   . GLN A 1 40  ? -10.757 -6.773  5.476   1.00 14.56 ? 14  GLN A N   1 
ATOM   88   C CA  . GLN A 1 40  ? -11.703 -7.680  6.089   1.00 15.45 ? 14  GLN A CA  1 
ATOM   89   C C   . GLN A 1 40  ? -12.996 -7.644  5.284   1.00 18.02 ? 14  GLN A C   1 
ATOM   90   O O   . GLN A 1 40  ? -13.124 -6.857  4.345   1.00 16.56 ? 14  GLN A O   1 
ATOM   91   C CB  . GLN A 1 40  ? -11.903 -7.252  7.548   1.00 16.10 ? 14  GLN A CB  1 
ATOM   92   C CG  . GLN A 1 40  ? -10.581 -7.327  8.309   1.00 19.25 ? 14  GLN A CG  1 
ATOM   93   C CD  . GLN A 1 40  ? -10.720 -7.125  9.799   1.00 19.60 ? 14  GLN A CD  1 
ATOM   94   O OE1 . GLN A 1 40  ? -11.605 -6.410  10.262  1.00 21.02 ? 14  GLN A OE1 1 
ATOM   95   N NE2 . GLN A 1 40  ? -9.836  -7.759  10.564  1.00 24.09 ? 14  GLN A NE2 1 
ATOM   96   N N   . PRO A 1 41  ? -13.956 -8.536  5.580   1.00 17.60 ? 15  PRO A N   1 
ATOM   97   C CA  . PRO A 1 41  ? -15.145 -8.626  4.710   1.00 19.03 ? 15  PRO A CA  1 
ATOM   98   C C   . PRO A 1 41  ? -15.889 -7.315  4.491   1.00 21.21 ? 15  PRO A C   1 
ATOM   99   O O   . PRO A 1 41  ? -16.372 -7.078  3.378   1.00 22.98 ? 15  PRO A O   1 
ATOM   100  C CB  . PRO A 1 41  ? -16.003 -9.693  5.401   1.00 21.23 ? 15  PRO A CB  1 
ATOM   101  C CG  . PRO A 1 41  ? -15.001 -10.567 6.071   1.00 21.56 ? 15  PRO A CG  1 
ATOM   102  C CD  . PRO A 1 41  ? -13.933 -9.626  6.571   1.00 19.77 ? 15  PRO A CD  1 
ATOM   103  N N   . GLN A 1 42  ? -15.977 -6.444  5.500   1.00 18.47 ? 16  GLN A N   1 
ATOM   104  C CA  . GLN A 1 42  ? -16.738 -5.209  5.359   1.00 21.06 ? 16  GLN A CA  1 
ATOM   105  C C   . GLN A 1 42  ? -15.932 -3.930  5.570   1.00 21.31 ? 16  GLN A C   1 
ATOM   106  O O   . GLN A 1 42  ? -16.507 -2.837  5.487   1.00 19.45 ? 16  GLN A O   1 
ATOM   107  C CB  . GLN A 1 42  ? -17.946 -5.215  6.307   1.00 24.69 ? 16  GLN A CB  1 
ATOM   108  N N   . ARG A 1 43  ? -14.631 -4.018  5.832   1.00 14.29 ? 17  ARG A N   1 
ATOM   109  C CA  . ARG A 1 43  ? -13.858 -2.816  6.113   1.00 12.01 ? 17  ARG A CA  1 
ATOM   110  C C   . ARG A 1 43  ? -12.404 -3.052  5.754   1.00 11.51 ? 17  ARG A C   1 
ATOM   111  O O   . ARG A 1 43  ? -11.949 -4.190  5.638   1.00 11.61 ? 17  ARG A O   1 
ATOM   112  C CB  . ARG A 1 43  ? -13.986 -2.401  7.580   1.00 14.30 ? 17  ARG A CB  1 
ATOM   113  C CG  . ARG A 1 43  ? -13.492 -3.455  8.529   1.00 12.53 ? 17  ARG A CG  1 
ATOM   114  C CD  . ARG A 1 43  ? -13.657 -3.044  9.976   1.00 17.25 ? 17  ARG A CD  1 
ATOM   115  N NE  . ARG A 1 43  ? -12.922 -3.945  10.853  1.00 17.06 ? 17  ARG A NE  1 
ATOM   116  C CZ  . ARG A 1 43  ? -12.805 -3.778  12.165  1.00 20.52 ? 17  ARG A CZ  1 
ATOM   117  N NH1 . ARG A 1 43  ? -13.378 -2.741  12.742  1.00 21.40 ? 17  ARG A NH1 1 
ATOM   118  N NH2 . ARG A 1 43  ? -12.110 -4.639  12.889  1.00 22.56 ? 17  ARG A NH2 1 
ATOM   119  N N   . VAL A 1 44  ? -11.680 -1.946  5.595   1.00 9.90  ? 18  VAL A N   1 
ATOM   120  C CA  . VAL A 1 44  ? -10.250 -1.957  5.307   1.00 9.95  ? 18  VAL A CA  1 
ATOM   121  C C   . VAL A 1 44  ? -9.570  -0.936  6.212   1.00 9.56  ? 18  VAL A C   1 
ATOM   122  O O   . VAL A 1 44  ? -10.149 0.113   6.525   1.00 9.88  ? 18  VAL A O   1 
ATOM   123  C CB  . VAL A 1 44  ? -10.001 -1.662  3.808   1.00 9.34  ? 18  VAL A CB  1 
ATOM   124  C CG1 . VAL A 1 44  ? -10.468 -0.258  3.454   1.00 13.33 ? 18  VAL A CG1 1 
ATOM   125  C CG2 . VAL A 1 44  ? -8.526  -1.852  3.456   1.00 12.41 ? 18  VAL A CG2 1 
ATOM   126  N N   . LEU A 1 45  ? -8.350  -1.252  6.644   1.00 8.31  ? 19  LEU A N   1 
ATOM   127  C CA  . LEU A 1 45  ? -7.584  -0.359  7.497   1.00 9.63  ? 19  LEU A CA  1 
ATOM   128  C C   . LEU A 1 45  ? -6.654  0.470   6.626   1.00 8.57  ? 19  LEU A C   1 
ATOM   129  O O   . LEU A 1 45  ? -5.930  -0.073  5.784   1.00 9.85  ? 19  LEU A O   1 
ATOM   130  C CB  . LEU A 1 45  ? -6.756  -1.147  8.513   1.00 11.24 ? 19  LEU A CB  1 
ATOM   131  C CG  . LEU A 1 45  ? -6.075  -0.335  9.614   1.00 8.91  ? 19  LEU A CG  1 
ATOM   132  C CD1 . LEU A 1 45  ? -7.113  0.181   10.581  1.00 10.67 ? 19  LEU A CD1 1 
ATOM   133  C CD2 . LEU A 1 45  ? -5.059  -1.195  10.355  1.00 10.86 ? 19  LEU A CD2 1 
ATOM   134  N N   . LEU A 1 46  ? -6.679  1.775   6.822   1.00 7.91  ? 20  LEU A N   1 
ATOM   135  C CA  . LEU A 1 46  ? -5.737  2.672   6.169   1.00 7.98  ? 20  LEU A CA  1 
ATOM   136  C C   . LEU A 1 46  ? -5.070  3.527   7.233   1.00 9.23  ? 20  LEU A C   1 
ATOM   137  O O   . LEU A 1 46  ? -5.544  3.621   8.368   1.00 10.05 ? 20  LEU A O   1 
ATOM   138  C CB  . LEU A 1 46  ? -6.419  3.562   5.109   1.00 7.98  ? 20  LEU A CB  1 
ATOM   139  C CG  . LEU A 1 46  ? -7.087  2.816   3.954   1.00 7.78  ? 20  LEU A CG  1 
ATOM   140  C CD1 . LEU A 1 46  ? -7.975  3.751   3.140   1.00 9.61  ? 20  LEU A CD1 1 
ATOM   141  C CD2 . LEU A 1 46  ? -6.037  2.161   3.073   1.00 10.23 ? 20  LEU A CD2 1 
ATOM   142  N N   . GLY A 1 47  ? -3.951  4.134   6.859   1.00 8.65  ? 21  GLY A N   1 
ATOM   143  C CA  . GLY A 1 47  ? -3.207  4.966   7.778   1.00 10.58 ? 21  GLY A CA  1 
ATOM   144  C C   . GLY A 1 47  ? -2.967  6.333   7.185   1.00 8.99  ? 21  GLY A C   1 
ATOM   145  O O   . GLY A 1 47  ? -2.570  6.451   6.019   1.00 10.00 ? 21  GLY A O   1 
ATOM   146  N N   . MET A 1 48  ? -3.248  7.371   7.967   1.00 9.77  ? 22  MET A N   1 
ATOM   147  C CA  . MET A 1 48  ? -2.974  8.747   7.580   1.00 10.73 ? 22  MET A CA  1 
ATOM   148  C C   . MET A 1 48  ? -1.538  9.061   7.985   1.00 10.95 ? 22  MET A C   1 
ATOM   149  O O   . MET A 1 48  ? -1.207  9.082   9.179   1.00 10.30 ? 22  MET A O   1 
ATOM   150  C CB  . MET A 1 48  ? -3.971  9.668   8.278   1.00 12.82 ? 22  MET A CB  1 
ATOM   151  C CG  . MET A 1 48  ? -3.605  11.133  8.257   1.00 13.93 ? 22  MET A CG  1 
ATOM   152  S SD  . MET A 1 48  ? -3.455  11.749  6.580   1.00 16.84 ? 22  MET A SD  1 
ATOM   153  C CE  . MET A 1 48  ? -5.111  11.468  5.946   1.00 14.69 ? 22  MET A CE  1 
ATOM   154  N N   . LYS A 1 49  ? -0.680  9.283   6.995   1.00 13.73 ? 23  LYS A N   1 
ATOM   155  C CA  . LYS A 1 49  ? 0.732   9.515   7.246   1.00 14.58 ? 23  LYS A CA  1 
ATOM   156  C C   . LYS A 1 49  ? 0.930   10.959  7.679   1.00 15.77 ? 23  LYS A C   1 
ATOM   157  O O   . LYS A 1 49  ? 0.396   11.883  7.055   1.00 17.06 ? 23  LYS A O   1 
ATOM   158  C CB  . LYS A 1 49  ? 1.532   9.228   5.976   1.00 17.83 ? 23  LYS A CB  1 
ATOM   159  C CG  . LYS A 1 49  ? 3.035   9.158   6.198   1.00 23.53 ? 23  LYS A CG  1 
ATOM   160  N N   . LYS A 1 50  ? 1.689   11.154  8.755   1.00 17.78 ? 24  LYS A N   1 
ATOM   161  C CA  . LYS A 1 50  ? 1.827   12.479  9.342   1.00 20.54 ? 24  LYS A CA  1 
ATOM   162  C C   . LYS A 1 50  ? 3.022   13.265  8.817   1.00 23.06 ? 24  LYS A C   1 
ATOM   163  O O   . LYS A 1 50  ? 3.021   14.495  8.923   1.00 30.70 ? 24  LYS A O   1 
ATOM   164  C CB  . LYS A 1 50  ? 1.891   12.366  10.867  1.00 23.17 ? 24  LYS A CB  1 
ATOM   165  C CG  . LYS A 1 50  ? 0.659   11.712  11.465  1.00 22.91 ? 24  LYS A CG  1 
ATOM   166  C CD  . LYS A 1 50  ? 0.678   11.796  12.979  1.00 21.32 ? 24  LYS A CD  1 
ATOM   167  C CE  . LYS A 1 50  ? -0.460  11.014  13.588  1.00 17.19 ? 24  LYS A CE  1 
ATOM   168  N NZ  . LYS A 1 50  ? -0.483  11.217  15.072  1.00 19.61 ? 24  LYS A NZ  1 
ATOM   169  N N   . ARG A 1 51  ? 4.022   12.607  8.236   1.00 25.40 ? 25  ARG A N   1 
ATOM   170  C CA  . ARG A 1 51  ? 5.216   13.304  7.782   1.00 30.33 ? 25  ARG A CA  1 
ATOM   171  C C   . ARG A 1 51  ? 5.893   12.499  6.681   1.00 38.92 ? 25  ARG A C   1 
ATOM   172  O O   . ARG A 1 51  ? 5.598   11.320  6.469   1.00 30.10 ? 25  ARG A O   1 
ATOM   173  N N   . GLY A 1 52  ? 6.815   13.156  5.981   1.00 36.60 ? 26  GLY A N   1 
ATOM   174  C CA  . GLY A 1 52  ? 7.551   12.484  4.932   1.00 38.44 ? 26  GLY A CA  1 
ATOM   175  C C   . GLY A 1 52  ? 6.718   12.280  3.675   1.00 36.75 ? 26  GLY A C   1 
ATOM   176  O O   . GLY A 1 52  ? 5.717   12.958  3.427   1.00 40.32 ? 26  GLY A O   1 
ATOM   177  N N   . ALA A 1 53  ? 7.158   11.315  2.871   1.00 37.27 ? 27  ALA A N   1 
ATOM   178  C CA  . ALA A 1 53  ? 6.496   11.034  1.605   1.00 40.42 ? 27  ALA A CA  1 
ATOM   179  C C   . ALA A 1 53  ? 5.083   10.520  1.852   1.00 36.57 ? 27  ALA A C   1 
ATOM   180  O O   . ALA A 1 53  ? 4.865   9.629   2.677   1.00 41.97 ? 27  ALA A O   1 
ATOM   181  N N   . GLY A 1 54  ? 4.121   11.091  1.132   1.00 33.08 ? 28  GLY A N   1 
ATOM   182  C CA  . GLY A 1 54  ? 2.737   10.690  1.266   1.00 35.43 ? 28  GLY A CA  1 
ATOM   183  C C   . GLY A 1 54  ? 2.007   11.265  2.458   1.00 27.87 ? 28  GLY A C   1 
ATOM   184  O O   . GLY A 1 54  ? 0.886   10.831  2.740   1.00 23.77 ? 28  GLY A O   1 
ATOM   185  N N   . ALA A 1 55  ? 2.604   12.221  3.169   1.00 26.77 ? 29  ALA A N   1 
ATOM   186  C CA  . ALA A 1 55  ? 1.938   12.840  4.306   1.00 26.34 ? 29  ALA A CA  1 
ATOM   187  C C   . ALA A 1 55  ? 0.626   13.479  3.869   1.00 22.05 ? 29  ALA A C   1 
ATOM   188  O O   . ALA A 1 55  ? 0.505   13.999  2.755   1.00 25.23 ? 29  ALA A O   1 
ATOM   189  C CB  . ALA A 1 55  ? 2.837   13.909  4.923   1.00 23.44 ? 29  ALA A CB  1 
ATOM   190  N N   . GLY A 1 56  ? -0.367  13.428  4.755   1.00 18.22 ? 30  GLY A N   1 
ATOM   191  C CA  . GLY A 1 56  ? -1.668  14.001  4.486   1.00 18.48 ? 30  GLY A CA  1 
ATOM   192  C C   . GLY A 1 56  ? -2.601  13.115  3.690   1.00 16.02 ? 30  GLY A C   1 
ATOM   193  O O   . GLY A 1 56  ? -3.738  13.525  3.421   1.00 19.48 ? 30  GLY A O   1 
ATOM   194  N N   . ARG A 1 57  ? -2.166  11.917  3.322   1.00 15.25 ? 31  ARG A N   1 
ATOM   195  C CA  . ARG A 1 57  ? -2.971  10.974  2.566   1.00 14.00 ? 31  ARG A CA  1 
ATOM   196  C C   . ARG A 1 57  ? -3.147  9.688   3.355   1.00 11.76 ? 31  ARG A C   1 
ATOM   197  O O   . ARG A 1 57  ? -2.269  9.288   4.128   1.00 13.66 ? 31  ARG A O   1 
ATOM   198  C CB  . ARG A 1 57  ? -2.290  10.627  1.247   1.00 14.63 ? 31  ARG A CB  1 
ATOM   199  C CG  . ARG A 1 57  ? -2.506  11.677  0.196   1.00 19.18 ? 31  ARG A CG  1 
ATOM   200  C CD  . ARG A 1 57  ? -1.670  11.425  -1.021  1.00 19.24 ? 31  ARG A CD  1 
ATOM   201  N NE  . ARG A 1 57  ? -2.170  12.223  -2.132  1.00 21.58 ? 31  ARG A NE  1 
ATOM   202  C CZ  . ARG A 1 57  ? -1.492  12.459  -3.248  1.00 21.28 ? 31  ARG A CZ  1 
ATOM   203  N NH1 . ARG A 1 57  ? -0.279  11.959  -3.403  1.00 20.25 ? 31  ARG A NH1 1 
ATOM   204  N NH2 . ARG A 1 57  ? -2.034  13.200  -4.205  1.00 27.14 ? 31  ARG A NH2 1 
ATOM   205  N N   . TRP A 1 58  ? -4.292  9.049   3.144   1.00 10.21 ? 32  TRP A N   1 
ATOM   206  C CA  . TRP A 1 58  ? -4.524  7.696   3.616   1.00 9.30  ? 32  TRP A CA  1 
ATOM   207  C C   . TRP A 1 58  ? -3.837  6.715   2.675   1.00 9.75  ? 32  TRP A C   1 
ATOM   208  O O   . TRP A 1 58  ? -3.879  6.880   1.451   1.00 10.93 ? 32  TRP A O   1 
ATOM   209  C CB  . TRP A 1 58  ? -6.024  7.413   3.615   1.00 9.58  ? 32  TRP A CB  1 
ATOM   210  C CG  . TRP A 1 58  ? -6.791  8.289   4.558   1.00 10.68 ? 32  TRP A CG  1 
ATOM   211  C CD1 . TRP A 1 58  ? -7.526  9.403   4.238   1.00 12.21 ? 32  TRP A CD1 1 
ATOM   212  C CD2 . TRP A 1 58  ? -6.898  8.129   5.975   1.00 9.90  ? 32  TRP A CD2 1 
ATOM   213  N NE1 . TRP A 1 58  ? -8.079  9.940   5.379   1.00 11.37 ? 32  TRP A NE1 1 
ATOM   214  C CE2 . TRP A 1 58  ? -7.711  9.176   6.456   1.00 10.77 ? 32  TRP A CE2 1 
ATOM   215  C CE3 . TRP A 1 58  ? -6.396  7.198   6.882   1.00 9.79  ? 32  TRP A CE3 1 
ATOM   216  C CZ2 . TRP A 1 58  ? -8.021  9.323   7.813   1.00 12.42 ? 32  TRP A CZ2 1 
ATOM   217  C CZ3 . TRP A 1 58  ? -6.696  7.351   8.229   1.00 10.31 ? 32  TRP A CZ3 1 
ATOM   218  C CH2 . TRP A 1 58  ? -7.508  8.404   8.675   1.00 12.52 ? 32  TRP A CH2 1 
ATOM   219  N N   . ASN A 1 59  ? -3.229  5.674   3.237   1.00 9.20  ? 33  ASN A N   1 
ATOM   220  C CA  . ASN A 1 59  ? -2.605  4.639   2.410   1.00 10.70 ? 33  ASN A CA  1 
ATOM   221  C C   . ASN A 1 59  ? -2.490  3.373   3.240   1.00 9.44  ? 33  ASN A C   1 
ATOM   222  O O   . ASN A 1 59  ? -2.802  3.353   4.430   1.00 9.39  ? 33  ASN A O   1 
ATOM   223  C CB  . ASN A 1 59  ? -1.233  5.102   1.883   1.00 13.01 ? 33  ASN A CB  1 
ATOM   224  C CG  . ASN A 1 59  ? -0.678  4.268   0.679   1.00 12.49 ? 33  ASN A CG  1 
ATOM   225  O OD1 . ASN A 1 59  ? -1.338  3.419   0.065   1.00 13.06 ? 33  ASN A OD1 1 
ATOM   226  N ND2 . ASN A 1 59  ? 0.559   4.582   0.319   1.00 15.75 ? 33  ASN A ND2 1 
ATOM   227  N N   . GLY A 1 60  ? -2.081  2.298   2.578   1.00 9.63  ? 34  GLY A N   1 
ATOM   228  C CA  . GLY A 1 60  ? -1.684  1.104   3.283   1.00 9.90  ? 34  GLY A CA  1 
ATOM   229  C C   . GLY A 1 60  ? -0.385  1.333   4.044   1.00 7.73  ? 34  GLY A C   1 
ATOM   230  O O   . GLY A 1 60  ? 0.171   2.431   4.081   1.00 9.39  ? 34  GLY A O   1 
ATOM   231  N N   . PHE A 1 61  ? 0.110   0.262   4.652   1.00 7.78  ? 35  PHE A N   1 
ATOM   232  C CA  . PHE A 1 61  ? 1.290   0.321   5.512   1.00 8.62  ? 35  PHE A CA  1 
ATOM   233  C C   . PHE A 1 61  ? 2.456   -0.347  4.807   1.00 9.91  ? 35  PHE A C   1 
ATOM   234  O O   . PHE A 1 61  ? 2.308   -1.437  4.254   1.00 9.71  ? 35  PHE A O   1 
ATOM   235  C CB  . PHE A 1 61  ? 0.993   -0.359  6.846   1.00 9.64  ? 35  PHE A CB  1 
ATOM   236  C CG  . PHE A 1 61  ? -0.203  0.226   7.526   1.00 7.63  ? 35  PHE A CG  1 
ATOM   237  C CD1 . PHE A 1 61  ? -0.088  1.414   8.240   1.00 10.14 ? 35  PHE A CD1 1 
ATOM   238  C CD2 . PHE A 1 61  ? -1.448  -0.373  7.421   1.00 10.33 ? 35  PHE A CD2 1 
ATOM   239  C CE1 . PHE A 1 61  ? -1.199  1.983   8.852   1.00 10.58 ? 35  PHE A CE1 1 
ATOM   240  C CE2 . PHE A 1 61  ? -2.562  0.199   8.030   1.00 10.45 ? 35  PHE A CE2 1 
ATOM   241  C CZ  . PHE A 1 61  ? -2.431  1.370   8.754   1.00 9.22  ? 35  PHE A CZ  1 
ATOM   242  N N   . GLY A 1 62  ? 3.610   0.301   4.807   1.00 11.26 ? 36  GLY A N   1 
ATOM   243  C CA  . GLY A 1 62  ? 4.718   -0.263  4.061   1.00 12.88 ? 36  GLY A CA  1 
ATOM   244  C C   . GLY A 1 62  ? 5.928   0.638   4.102   1.00 12.27 ? 36  GLY A C   1 
ATOM   245  O O   . GLY A 1 62  ? 5.987   1.601   4.865   1.00 15.33 ? 36  GLY A O   1 
ATOM   246  N N   . GLY A 1 63  ? 6.894   0.310   3.258   1.00 12.18 ? 37  GLY A N   1 
ATOM   247  C CA  . GLY A 1 63  ? 8.147   1.033   3.238   1.00 12.63 ? 37  GLY A CA  1 
ATOM   248  C C   . GLY A 1 63  ? 9.218   0.205   2.558   1.00 10.15 ? 37  GLY A C   1 
ATOM   249  O O   . GLY A 1 63  ? 8.939   -0.792  1.892   1.00 10.14 ? 37  GLY A O   1 
ATOM   250  N N   . LYS A 1 64  ? 10.458  0.641   2.759   1.00 11.64 ? 38  LYS A N   1 
ATOM   251  C CA  . LYS A 1 64  ? 11.598  0.043   2.079   1.00 11.65 ? 38  LYS A CA  1 
ATOM   252  C C   . LYS A 1 64  ? 11.930  -1.335  2.640   1.00 10.97 ? 38  LYS A C   1 
ATOM   253  O O   . LYS A 1 64  ? 11.843  -1.578  3.842   1.00 14.77 ? 38  LYS A O   1 
ATOM   254  C CB  . LYS A 1 64  ? 12.812  0.957   2.227   1.00 13.80 ? 38  LYS A CB  1 
ATOM   255  C CG  . LYS A 1 64  ? 12.654  2.280   1.508   1.00 15.72 ? 38  LYS A CG  1 
ATOM   256  C CD  . LYS A 1 64  ? 13.664  3.314   1.982   1.00 22.44 ? 38  LYS A CD  1 
ATOM   257  C CE  . LYS A 1 64  ? 13.558  4.581   1.142   1.00 26.46 ? 38  LYS A CE  1 
ATOM   258  N NZ  . LYS A 1 64  ? 14.476  5.644   1.623   1.00 34.85 ? 38  LYS A NZ  1 
ATOM   259  N N   . VAL A 1 65  ? 12.294  -2.242  1.754   1.00 12.99 ? 39  VAL A N   1 
ATOM   260  C CA  . VAL A 1 65  ? 12.787  -3.553  2.160   1.00 12.17 ? 39  VAL A CA  1 
ATOM   261  C C   . VAL A 1 65  ? 14.264  -3.428  2.500   1.00 11.80 ? 39  VAL A C   1 
ATOM   262  O O   . VAL A 1 65  ? 15.007  -2.711  1.820   1.00 14.00 ? 39  VAL A O   1 
ATOM   263  C CB  . VAL A 1 65  ? 12.562  -4.572  1.030   1.00 11.48 ? 39  VAL A CB  1 
ATOM   264  C CG1 . VAL A 1 65  ? 13.073  -5.949  1.449   1.00 13.63 ? 39  VAL A CG1 1 
ATOM   265  C CG2 . VAL A 1 65  ? 11.088  -4.614  0.635   1.00 12.21 ? 39  VAL A CG2 1 
ATOM   266  N N   . GLN A 1 66  ? 14.698  -4.131  3.535   1.00 12.65 ? 40  GLN A N   1 
ATOM   267  C CA  . GLN A 1 66  ? 16.052  -4.002  4.055   1.00 12.15 ? 40  GLN A CA  1 
ATOM   268  C C   . GLN A 1 66  ? 16.983  -5.082  3.508   1.00 12.24 ? 40  GLN A C   1 
ATOM   269  O O   . GLN A 1 66  ? 16.561  -6.086  2.930   1.00 10.20 ? 40  GLN A O   1 
ATOM   270  C CB  . GLN A 1 66  ? 16.014  -4.030  5.579   1.00 14.56 ? 40  GLN A CB  1 
ATOM   271  C CG  . GLN A 1 66  ? 15.329  -2.782  6.130   1.00 17.48 ? 40  GLN A CG  1 
ATOM   272  C CD  . GLN A 1 66  ? 15.105  -2.824  7.630   1.00 22.24 ? 40  GLN A CD  1 
ATOM   273  O OE1 . GLN A 1 66  ? 15.503  -3.772  8.306   1.00 26.33 ? 40  GLN A OE1 1 
ATOM   274  N NE2 . GLN A 1 66  ? 14.443  -1.793  8.156   1.00 23.72 ? 40  GLN A NE2 1 
ATOM   275  N N   . GLU A 1 67  ? 18.282  -4.843  3.709   1.00 12.63 ? 41  GLU A N   1 
ATOM   276  C CA  . GLU A 1 67  ? 19.308  -5.803  3.321   1.00 12.84 ? 41  GLU A CA  1 
ATOM   277  C C   . GLU A 1 67  ? 19.128  -7.107  4.082   1.00 11.26 ? 41  GLU A C   1 
ATOM   278  O O   . GLU A 1 67  ? 18.967  -7.107  5.304   1.00 12.59 ? 41  GLU A O   1 
ATOM   279  C CB  . GLU A 1 67  ? 20.682  -5.214  3.640   1.00 14.26 ? 41  GLU A CB  1 
ATOM   280  C CG  . GLU A 1 67  ? 21.040  -4.031  2.755   1.00 16.48 ? 41  GLU A CG  1 
ATOM   281  C CD  . GLU A 1 67  ? 22.002  -3.045  3.411   1.00 26.16 ? 41  GLU A CD  1 
ATOM   282  O OE1 . GLU A 1 67  ? 22.279  -3.167  4.627   1.00 23.55 ? 41  GLU A OE1 1 
ATOM   283  O OE2 . GLU A 1 67  ? 22.481  -2.135  2.701   1.00 35.36 ? 41  GLU A OE2 1 
ATOM   284  N N   . GLY A 1 68  ? 19.157  -8.221  3.357   1.00 12.72 ? 42  GLY A N   1 
ATOM   285  C CA  . GLY A 1 68  ? 19.049  -9.521  3.983   1.00 13.88 ? 42  GLY A CA  1 
ATOM   286  C C   . GLY A 1 68  ? 17.648  -9.928  4.375   1.00 13.38 ? 42  GLY A C   1 
ATOM   287  O O   . GLY A 1 68  ? 17.472  -10.984 4.985   1.00 15.94 ? 42  GLY A O   1 
ATOM   288  N N   . GLU A 1 69  ? 16.651  -9.124  4.038   1.00 13.66 ? 43  GLU A N   1 
ATOM   289  C CA  . GLU A 1 69  ? 15.274  -9.339  4.438   1.00 13.99 ? 43  GLU A CA  1 
ATOM   290  C C   . GLU A 1 69  ? 14.463  -9.719  3.208   1.00 11.43 ? 43  GLU A C   1 
ATOM   291  O O   . GLU A 1 69  ? 14.618  -9.105  2.151   1.00 13.30 ? 43  GLU A O   1 
ATOM   292  C CB  . GLU A 1 69  ? 14.742  -8.026  5.019   1.00 18.16 ? 43  GLU A CB  1 
ATOM   293  C CG  . GLU A 1 69  ? 13.290  -8.013  5.382   1.00 18.85 ? 43  GLU A CG  1 
ATOM   294  C CD  . GLU A 1 69  ? 12.862  -6.682  5.979   1.00 12.11 ? 43  GLU A CD  1 
ATOM   295  O OE1 . GLU A 1 69  ? 12.905  -5.653  5.274   1.00 13.24 ? 43  GLU A OE1 1 
ATOM   296  O OE2 . GLU A 1 69  ? 12.439  -6.690  7.148   1.00 15.32 ? 43  GLU A OE2 1 
ATOM   297  N N   . THR A 1 70  ? 13.597  -10.725 3.340   1.00 12.62 ? 44  THR A N   1 
ATOM   298  C CA  . THR A 1 70  ? 12.701  -11.022 2.226   1.00 13.22 ? 44  THR A CA  1 
ATOM   299  C C   . THR A 1 70  ? 11.647  -9.928  2.091   1.00 10.66 ? 44  THR A C   1 
ATOM   300  O O   . THR A 1 70  ? 11.348  -9.190  3.033   1.00 11.99 ? 44  THR A O   1 
ATOM   301  C CB  . THR A 1 70  ? 11.990  -12.370 2.399   1.00 14.52 ? 44  THR A CB  1 
ATOM   302  O OG1 . THR A 1 70  ? 11.065  -12.298 3.487   1.00 15.84 ? 44  THR A OG1 1 
ATOM   303  C CG2 . THR A 1 70  ? 12.997  -13.491 2.645   1.00 16.20 ? 44  THR A CG2 1 
ATOM   304  N N   . ILE A 1 71  ? 11.064  -9.840  0.900   1.00 12.09 ? 45  ILE A N   1 
ATOM   305  C CA  . ILE A 1 71  ? 10.028  -8.837  0.684   1.00 12.70 ? 45  ILE A CA  1 
ATOM   306  C C   . ILE A 1 71  ? 8.868   -9.052  1.647   1.00 11.76 ? 45  ILE A C   1 
ATOM   307  O O   . ILE A 1 71  ? 8.386   -8.105  2.285   1.00 11.05 ? 45  ILE A O   1 
ATOM   308  C CB  . ILE A 1 71  ? 9.585   -8.841  -0.784  1.00 12.16 ? 45  ILE A CB  1 
ATOM   309  C CG1 . ILE A 1 71  ? 10.761  -8.424  -1.672  1.00 14.28 ? 45  ILE A CG1 1 
ATOM   310  C CG2 . ILE A 1 71  ? 8.393   -7.914  -0.973  1.00 12.99 ? 45  ILE A CG2 1 
ATOM   311  C CD1 . ILE A 1 71  ? 10.462  -8.532  -3.150  1.00 16.32 ? 45  ILE A CD1 1 
ATOM   312  N N   . GLU A 1 72  ? 8.432   -10.303 1.808   1.00 12.59 ? 46  GLU A N   1 
ATOM   313  C CA  . GLU A 1 72  ? 7.310   -10.572 2.698   1.00 13.33 ? 46  GLU A CA  1 
ATOM   314  C C   . GLU A 1 72  ? 7.663   -10.276 4.149   1.00 13.71 ? 46  GLU A C   1 
ATOM   315  O O   . GLU A 1 72  ? 6.830   -9.764  4.902   1.00 12.25 ? 46  GLU A O   1 
ATOM   316  C CB  . GLU A 1 72  ? 6.827   -12.011 2.541   1.00 17.34 ? 46  GLU A CB  1 
ATOM   317  C CG  . GLU A 1 72  ? 5.537   -12.263 3.291   1.00 17.54 ? 46  GLU A CG  1 
ATOM   318  C CD  . GLU A 1 72  ? 5.046   -13.687 3.162   1.00 22.82 ? 46  GLU A CD  1 
ATOM   319  O OE1 . GLU A 1 72  ? 5.504   -14.399 2.245   1.00 27.33 ? 46  GLU A OE1 1 
ATOM   320  O OE2 . GLU A 1 72  ? 4.200   -14.084 3.988   1.00 24.31 ? 46  GLU A OE2 1 
ATOM   321  N N   . ASP A 1 73  ? 8.893   -10.585 4.575   1.00 11.80 ? 47  ASP A N   1 
ATOM   322  C CA  . ASP A 1 73  ? 9.280   -10.226 5.936   1.00 13.23 ? 47  ASP A CA  1 
ATOM   323  C C   . ASP A 1 73  ? 9.294   -8.715  6.118   1.00 10.38 ? 47  ASP A C   1 
ATOM   324  O O   . ASP A 1 73  ? 8.898   -8.205  7.171   1.00 12.19 ? 47  ASP A O   1 
ATOM   325  C CB  . ASP A 1 73  ? 10.639  -10.832 6.308   1.00 16.21 ? 47  ASP A CB  1 
ATOM   326  C CG  . ASP A 1 73  ? 10.574  -12.336 6.561   1.00 18.60 ? 47  ASP A CG  1 
ATOM   327  O OD1 . ASP A 1 73  ? 9.464   -12.903 6.649   1.00 21.79 ? 47  ASP A OD1 1 
ATOM   328  O OD2 . ASP A 1 73  ? 11.649  -12.955 6.697   1.00 24.86 ? 47  ASP A OD2 1 
ATOM   329  N N   . GLY A 1 74  ? 9.727   -7.979  5.095   1.00 10.76 ? 48  GLY A N   1 
ATOM   330  C CA  . GLY A 1 74  ? 9.689   -6.526  5.177   1.00 10.33 ? 48  GLY A CA  1 
ATOM   331  C C   . GLY A 1 74  ? 8.273   -5.990  5.278   1.00 9.50  ? 48  GLY A C   1 
ATOM   332  O O   . GLY A 1 74  ? 8.015   -5.041  6.018   1.00 10.25 ? 48  GLY A O   1 
ATOM   333  N N   . ALA A 1 75  ? 7.336   -6.592  4.532   1.00 10.38 ? 49  ALA A N   1 
ATOM   334  C CA  . ALA A 1 75  ? 5.934   -6.186  4.615   1.00 9.39  ? 49  ALA A CA  1 
ATOM   335  C C   . ALA A 1 75  ? 5.381   -6.415  6.018   1.00 9.28  ? 49  ALA A C   1 
ATOM   336  O O   . ALA A 1 75  ? 4.694   -5.547  6.576   1.00 10.40 ? 49  ALA A O   1 
ATOM   337  C CB  . ALA A 1 75  ? 5.122   -6.950  3.573   1.00 11.65 ? 49  ALA A CB  1 
ATOM   338  N N   . ARG A 1 76  ? 5.680   -7.578  6.605   1.00 9.94  ? 50  ARG A N   1 
ATOM   339  C CA  . ARG A 1 76  ? 5.220   -7.859  7.958   1.00 11.09 ? 50  ARG A CA  1 
ATOM   340  C C   . ARG A 1 76  ? 5.813   -6.871  8.953   1.00 10.42 ? 50  ARG A C   1 
ATOM   341  O O   . ARG A 1 76  ? 5.113   -6.367  9.842   1.00 11.23 ? 50  ARG A O   1 
ATOM   342  C CB  . ARG A 1 76  ? 5.594   -9.293  8.328   1.00 14.26 ? 50  ARG A CB  1 
ATOM   343  C CG  . ARG A 1 76  ? 5.179   -9.732  9.727   1.00 16.31 ? 50  ARG A CG  1 
ATOM   344  C CD  . ARG A 1 76  ? 5.458   -11.221 9.933   1.00 17.72 ? 50  ARG A CD  1 
ATOM   345  N NE  . ARG A 1 76  ? 4.812   -12.022 8.901   1.00 18.16 ? 50  ARG A NE  1 
ATOM   346  C CZ  . ARG A 1 76  ? 5.450   -12.601 7.890   1.00 21.56 ? 50  ARG A CZ  1 
ATOM   347  N NH1 . ARG A 1 76  ? 6.764   -12.484 7.780   1.00 23.90 ? 50  ARG A NH1 1 
ATOM   348  N NH2 . ARG A 1 76  ? 4.771   -13.294 6.991   1.00 21.65 ? 50  ARG A NH2 1 
ATOM   349  N N   . ARG A 1 77  ? 7.108   -6.575  8.809   1.00 10.78 ? 51  ARG A N   1 
ATOM   350  C CA  . ARG A 1 77  ? 7.766   -5.649  9.722   1.00 14.25 ? 51  ARG A CA  1 
ATOM   351  C C   . ARG A 1 77  ? 7.156   -4.259  9.618   1.00 11.83 ? 51  ARG A C   1 
ATOM   352  O O   . ARG A 1 77  ? 6.877   -3.609  10.634  1.00 13.32 ? 51  ARG A O   1 
ATOM   353  C CB  . ARG A 1 77  ? 9.261   -5.601  9.410   1.00 12.99 ? 51  ARG A CB  1 
ATOM   354  C CG  . ARG A 1 77  ? 9.994   -4.479  10.118  1.00 13.13 ? 51  ARG A CG  1 
ATOM   355  C CD  . ARG A 1 77  ? 11.482  -4.414  9.725   1.00 16.04 ? 51  ARG A CD  1 
ATOM   356  N NE  . ARG A 1 77  ? 11.666  -4.325  8.279   1.00 13.20 ? 51  ARG A NE  1 
ATOM   357  C CZ  . ARG A 1 77  ? 11.489  -3.220  7.566   1.00 14.02 ? 51  ARG A CZ  1 
ATOM   358  N NH1 . ARG A 1 77  ? 11.125  -2.082  8.161   1.00 14.94 ? 51  ARG A NH1 1 
ATOM   359  N NH2 . ARG A 1 77  ? 11.664  -3.251  6.253   1.00 14.37 ? 51  ARG A NH2 1 
ATOM   360  N N   . GLU A 1 78  ? 6.944   -3.783  8.393   1.00 11.49 ? 52  GLU A N   1 
ATOM   361  C CA  . GLU A 1 78  ? 6.395   -2.443  8.213   1.00 13.21 ? 52  GLU A CA  1 
ATOM   362  C C   . GLU A 1 78  ? 4.966   -2.347  8.736   1.00 12.00 ? 52  GLU A C   1 
ATOM   363  O O   . GLU A 1 78  ? 4.577   -1.318  9.298   1.00 11.50 ? 52  GLU A O   1 
ATOM   364  C CB  . GLU A 1 78  ? 6.460   -2.029  6.742   1.00 17.05 ? 52  GLU A CB  1 
ATOM   365  C CG  . GLU A 1 78  ? 7.874   -1.848  6.194   1.00 19.16 ? 52  GLU A CG  1 
ATOM   366  C CD  . GLU A 1 78  ? 8.522   -0.534  6.594   1.00 25.35 ? 52  GLU A CD  1 
ATOM   367  O OE1 . GLU A 1 78  ? 7.923   0.231   7.376   1.00 24.66 ? 52  GLU A OE1 1 
ATOM   368  O OE2 . GLU A 1 78  ? 9.650   -0.266  6.123   1.00 27.69 ? 52  GLU A OE2 1 
ATOM   369  N N   . LEU A 1 79  ? 4.161   -3.392  8.549   1.00 10.28 ? 53  LEU A N   1 
ATOM   370  C CA  . LEU A 1 79  ? 2.822   -3.356  9.128   1.00 10.58 ? 53  LEU A CA  1 
ATOM   371  C C   . LEU A 1 79  ? 2.893   -3.142  10.635  1.00 10.41 ? 53  LEU A C   1 
ATOM   372  O O   . LEU A 1 79  ? 2.154   -2.325  11.195  1.00 11.32 ? 53  LEU A O   1 
ATOM   373  C CB  . LEU A 1 79  ? 2.055   -4.637  8.796   1.00 13.23 ? 53  LEU A CB  1 
ATOM   374  C CG  . LEU A 1 79  ? 0.627   -4.649  9.354   1.00 11.30 ? 53  LEU A CG  1 
ATOM   375  C CD1 . LEU A 1 79  ? -0.243  -3.585  8.667   1.00 11.50 ? 53  LEU A CD1 1 
ATOM   376  C CD2 . LEU A 1 79  ? -0.001  -6.026  9.238   1.00 13.63 ? 53  LEU A CD2 1 
ATOM   377  N N   . GLN A 1 80  ? 3.790   -3.855  11.317  1.00 10.81 ? 54  GLN A N   1 
ATOM   378  C CA  . GLN A 1 80  ? 3.916   -3.671  12.762  1.00 12.29 ? 54  GLN A CA  1 
ATOM   379  C C   . GLN A 1 80  ? 4.428   -2.276  13.112  1.00 12.35 ? 54  GLN A C   1 
ATOM   380  O O   . GLN A 1 80  ? 3.873   -1.594  13.982  1.00 13.88 ? 54  GLN A O   1 
ATOM   381  C CB  . GLN A 1 80  ? 4.826   -4.753  13.341  1.00 14.51 ? 54  GLN A CB  1 
ATOM   382  C CG  . GLN A 1 80  ? 5.362   -4.430  14.724  1.00 19.30 ? 54  GLN A CG  1 
ATOM   383  C CD  . GLN A 1 80  ? 4.267   -4.349  15.753  1.00 18.97 ? 54  GLN A CD  1 
ATOM   384  O OE1 . GLN A 1 80  ? 3.442   -5.261  15.871  1.00 23.50 ? 54  GLN A OE1 1 
ATOM   385  N NE2 . GLN A 1 80  ? 4.240   -3.247  16.506  1.00 19.30 ? 54  GLN A NE2 1 
ATOM   386  N N   . GLU A 1 81  ? 5.481   -1.827  12.438  1.00 12.45 ? 55  GLU A N   1 
ATOM   387  C CA  . GLU A 1 81  ? 6.064   -0.535  12.773  1.00 13.00 ? 55  GLU A CA  1 
ATOM   388  C C   . GLU A 1 81  ? 5.054   0.590   12.616  1.00 14.27 ? 55  GLU A C   1 
ATOM   389  O O   . GLU A 1 81  ? 5.000   1.505   13.443  1.00 15.24 ? 55  GLU A O   1 
ATOM   390  C CB  . GLU A 1 81  ? 7.272   -0.277  11.871  1.00 15.27 ? 55  GLU A CB  1 
ATOM   391  C CG  . GLU A 1 81  ? 8.462   -1.185  12.145  1.00 19.84 ? 55  GLU A CG  1 
ATOM   392  C CD  . GLU A 1 81  ? 9.660   -0.852  11.266  1.00 21.33 ? 55  GLU A CD  1 
ATOM   393  O OE1 . GLU A 1 81  ? 9.578   0.121   10.489  1.00 27.90 ? 55  GLU A OE1 1 
ATOM   394  O OE2 . GLU A 1 81  ? 10.682  -1.566  11.346  1.00 25.10 ? 55  GLU A OE2 1 
ATOM   395  N N   . GLU A 1 82  ? 4.221   0.528   11.584  1.00 12.06 ? 56  GLU A N   1 
ATOM   396  C CA  A GLU A 1 82  ? 3.370   1.660   11.265  0.42 12.14 ? 56  GLU A CA  1 
ATOM   397  C CA  B GLU A 1 82  ? 3.359   1.644   11.222  0.58 12.13 ? 56  GLU A CA  1 
ATOM   398  C C   . GLU A 1 82  ? 1.950   1.550   11.797  1.00 11.82 ? 56  GLU A C   1 
ATOM   399  O O   . GLU A 1 82  ? 1.281   2.581   11.927  1.00 13.00 ? 56  GLU A O   1 
ATOM   400  C CB  A GLU A 1 82  ? 3.343   1.872   9.757   0.42 11.90 ? 56  GLU A CB  1 
ATOM   401  C CB  B GLU A 1 82  ? 3.268   1.758   9.694   0.58 11.75 ? 56  GLU A CB  1 
ATOM   402  C CG  A GLU A 1 82  ? 4.734   1.961   9.211   0.42 13.47 ? 56  GLU A CG  1 
ATOM   403  C CG  B GLU A 1 82  ? 4.549   2.253   9.023   0.58 12.35 ? 56  GLU A CG  1 
ATOM   404  C CD  A GLU A 1 82  ? 4.756   2.159   7.735   0.42 12.89 ? 56  GLU A CD  1 
ATOM   405  C CD  B GLU A 1 82  ? 4.309   2.789   7.631   0.58 12.62 ? 56  GLU A CD  1 
ATOM   406  O OE1 A GLU A 1 82  ? 3.695   2.019   7.090   0.42 12.59 ? 56  GLU A OE1 1 
ATOM   407  O OE1 B GLU A 1 82  ? 3.348   2.339   6.973   0.58 12.00 ? 56  GLU A OE1 1 
ATOM   408  O OE2 A GLU A 1 82  ? 5.848   2.462   7.223   0.42 16.66 ? 56  GLU A OE2 1 
ATOM   409  O OE2 B GLU A 1 82  ? 5.080   3.669   7.191   0.58 13.36 ? 56  GLU A OE2 1 
ATOM   410  N N   . SER A 1 83  ? 1.468   0.346   12.103  1.00 12.17 ? 57  SER A N   1 
ATOM   411  C CA  . SER A 1 83  ? 0.099   0.181   12.580  1.00 13.77 ? 57  SER A CA  1 
ATOM   412  C C   . SER A 1 83  ? -0.018  -0.503  13.931  1.00 13.79 ? 57  SER A C   1 
ATOM   413  O O   . SER A 1 83  ? -1.112  -0.489  14.517  1.00 13.68 ? 57  SER A O   1 
ATOM   414  C CB  . SER A 1 83  ? -0.736  -0.622  11.574  1.00 13.55 ? 57  SER A CB  1 
ATOM   415  O OG  . SER A 1 83  ? -0.461  -2.004  11.684  1.00 11.25 ? 57  SER A OG  1 
ATOM   416  N N   . GLY A 1 84  ? 1.048   -1.118  14.425  1.00 11.01 ? 58  GLY A N   1 
ATOM   417  C CA  . GLY A 1 84  ? 0.992   -1.872  15.664  1.00 12.03 ? 58  GLY A CA  1 
ATOM   418  C C   . GLY A 1 84  ? 0.423   -3.272  15.540  1.00 12.46 ? 58  GLY A C   1 
ATOM   419  O O   . GLY A 1 84  ? 0.335   -3.985  16.554  1.00 13.63 ? 58  GLY A O   1 
ATOM   420  N N   . LEU A 1 85  ? 0.056   -3.701  14.340  1.00 11.84 ? 59  LEU A N   1 
ATOM   421  C CA  . LEU A 1 85  ? -0.609  -4.978  14.131  1.00 12.15 ? 59  LEU A CA  1 
ATOM   422  C C   . LEU A 1 85  ? 0.384   -6.069  13.759  1.00 11.48 ? 59  LEU A C   1 
ATOM   423  O O   . LEU A 1 85  ? 1.340   -5.837  13.004  1.00 12.41 ? 59  LEU A O   1 
ATOM   424  C CB  . LEU A 1 85  ? -1.635  -4.851  13.018  1.00 11.23 ? 59  LEU A CB  1 
ATOM   425  C CG  . LEU A 1 85  ? -2.782  -3.910  13.344  1.00 10.91 ? 59  LEU A CG  1 
ATOM   426  C CD1 . LEU A 1 85  ? -3.697  -3.901  12.133  1.00 14.86 ? 59  LEU A CD1 1 
ATOM   427  C CD2 . LEU A 1 85  ? -3.531  -4.333  14.598  1.00 12.90 ? 59  LEU A CD2 1 
ATOM   428  N N   . THR A 1 86  ? 0.115   -7.272  14.249  1.00 11.61 ? 60  THR A N   1 
ATOM   429  C CA  . THR A 1 86  ? 0.887   -8.457  13.906  1.00 12.29 ? 60  THR A CA  1 
ATOM   430  C C   . THR A 1 86  ? 0.111   -9.244  12.864  1.00 12.43 ? 60  THR A C   1 
ATOM   431  O O   . THR A 1 86  ? -1.048  -9.604  13.095  1.00 13.77 ? 60  THR A O   1 
ATOM   432  C CB  . THR A 1 86  ? 1.107   -9.326  15.145  1.00 11.61 ? 60  THR A CB  1 
ATOM   433  O OG1 . THR A 1 86  ? 1.818   -8.576  16.134  1.00 12.78 ? 60  THR A OG1 1 
ATOM   434  C CG2 . THR A 1 86  ? 1.909   -10.575 14.785  1.00 15.18 ? 60  THR A CG2 1 
ATOM   435  N N   . VAL A 1 87  ? 0.748   -9.506  11.720  1.00 12.69 ? 61  VAL A N   1 
ATOM   436  C CA  . VAL A 1 87  ? 0.204   -10.385 10.690  1.00 14.88 ? 61  VAL A CA  1 
ATOM   437  C C   . VAL A 1 87  ? 1.075   -11.630 10.606  1.00 16.53 ? 61  VAL A C   1 
ATOM   438  O O   . VAL A 1 87  ? 2.304   -11.555 10.729  1.00 18.70 ? 61  VAL A O   1 
ATOM   439  C CB  . VAL A 1 87  ? 0.103   -9.693  9.313   1.00 13.77 ? 61  VAL A CB  1 
ATOM   440  C CG1 . VAL A 1 87  ? 1.480   -9.299  8.779   1.00 15.53 ? 61  VAL A CG1 1 
ATOM   441  C CG2 . VAL A 1 87  ? -0.626  -10.584 8.308   1.00 16.62 ? 61  VAL A CG2 1 
ATOM   442  N N   . ASP A 1 88  ? 0.438   -12.774 10.369  1.00 18.66 ? 62  ASP A N   1 
ATOM   443  C CA  . ASP A 1 88  ? 1.165   -13.990 10.043  1.00 22.96 ? 62  ASP A CA  1 
ATOM   444  C C   . ASP A 1 88  ? 1.272   -14.092 8.527   1.00 22.85 ? 62  ASP A C   1 
ATOM   445  O O   . ASP A 1 88  ? 2.141   -13.461 7.916   1.00 25.03 ? 62  ASP A O   1 
ATOM   446  C CB  . ASP A 1 88  ? 0.436   -15.204 10.620  1.00 23.61 ? 62  ASP A CB  1 
ATOM   447  C CG  . ASP A 1 88  ? 0.493   -15.244 12.134  1.00 24.74 ? 62  ASP A CG  1 
ATOM   448  O OD1 . ASP A 1 88  ? 1.464   -14.707 12.709  1.00 20.78 ? 62  ASP A OD1 1 
ATOM   449  O OD2 . ASP A 1 88  ? -0.443  -15.801 12.747  1.00 26.72 ? 62  ASP A OD2 1 
ATOM   450  N N   . ALA A 1 89  ? 0.372   -14.852 7.912   1.00 27.72 ? 63  ALA A N   1 
ATOM   451  C CA  . ALA A 1 89  ? 0.408   -15.045 6.470   1.00 27.20 ? 63  ALA A CA  1 
ATOM   452  C C   . ALA A 1 89  ? -0.017  -13.771 5.749   1.00 18.93 ? 63  ALA A C   1 
ATOM   453  O O   . ALA A 1 89  ? -1.047  -13.174 6.068   1.00 20.77 ? 63  ALA A O   1 
ATOM   454  C CB  . ALA A 1 89  ? -0.512  -16.199 6.072   1.00 32.05 ? 63  ALA A CB  1 
ATOM   455  N N   . LEU A 1 90  ? 0.792   -13.358 4.786   1.00 19.48 ? 64  LEU A N   1 
ATOM   456  C CA  . LEU A 1 90  ? 0.450   -12.275 3.879   1.00 14.07 ? 64  LEU A CA  1 
ATOM   457  C C   . LEU A 1 90  ? 0.235   -12.863 2.496   1.00 16.08 ? 64  LEU A C   1 
ATOM   458  O O   . LEU A 1 90  ? 0.948   -13.785 2.084   1.00 21.39 ? 64  LEU A O   1 
ATOM   459  C CB  . LEU A 1 90  ? 1.573   -11.244 3.819   1.00 16.22 ? 64  LEU A CB  1 
ATOM   460  C CG  . LEU A 1 90  ? 1.650   -10.289 5.007   1.00 16.14 ? 64  LEU A CG  1 
ATOM   461  C CD1 . LEU A 1 90  ? 3.018   -9.627  5.073   1.00 22.18 ? 64  LEU A CD1 1 
ATOM   462  C CD2 . LEU A 1 90  ? 0.569   -9.240  4.910   1.00 16.41 ? 64  LEU A CD2 1 
ATOM   463  N N   . HIS A 1 91  ? -0.744  -12.331 1.782   1.00 11.59 ? 65  HIS A N   1 
ATOM   464  C CA  . HIS A 1 91  ? -1.072  -12.804 0.447   1.00 12.11 ? 65  HIS A CA  1 
ATOM   465  C C   . HIS A 1 91  ? -0.630  -11.779 -0.584  1.00 10.65 ? 65  HIS A C   1 
ATOM   466  O O   . HIS A 1 91  ? -0.936  -10.588 -0.457  1.00 10.68 ? 65  HIS A O   1 
ATOM   467  C CB  . HIS A 1 91  ? -2.568  -13.088 0.344   1.00 15.55 ? 65  HIS A CB  1 
ATOM   468  C CG  . HIS A 1 91  ? -3.044  -14.070 1.369   1.00 21.42 ? 65  HIS A CG  1 
ATOM   469  N ND1 . HIS A 1 91  ? -2.696  -15.403 1.338   1.00 26.00 ? 65  HIS A ND1 1 
ATOM   470  C CD2 . HIS A 1 91  ? -3.810  -13.908 2.475   1.00 27.51 ? 65  HIS A CD2 1 
ATOM   471  C CE1 . HIS A 1 91  ? -3.244  -16.025 2.367   1.00 30.52 ? 65  HIS A CE1 1 
ATOM   472  N NE2 . HIS A 1 91  ? -3.926  -15.140 3.072   1.00 28.17 ? 65  HIS A NE2 1 
ATOM   473  N N   . LYS A 1 92  ? 0.127   -12.236 -1.580  1.00 12.08 ? 66  LYS A N   1 
ATOM   474  C CA  . LYS A 1 92  ? 0.552   -11.356 -2.659  1.00 11.80 ? 66  LYS A CA  1 
ATOM   475  C C   . LYS A 1 92  ? -0.655  -10.947 -3.486  1.00 11.91 ? 66  LYS A C   1 
ATOM   476  O O   . LYS A 1 92  ? -1.432  -11.795 -3.938  1.00 14.48 ? 66  LYS A O   1 
ATOM   477  C CB  . LYS A 1 92  ? 1.557   -12.089 -3.548  1.00 15.40 ? 66  LYS A CB  1 
ATOM   478  C CG  . LYS A 1 92  ? 2.907   -12.305 -2.895  1.00 15.07 ? 66  LYS A CG  1 
ATOM   479  C CD  . LYS A 1 92  ? 3.836   -13.128 -3.780  1.00 20.96 ? 66  LYS A CD  1 
ATOM   480  C CE  . LYS A 1 92  ? 3.363   -14.569 -3.878  1.00 27.69 ? 66  LYS A CE  1 
ATOM   481  N N   . VAL A 1 93  ? -0.831  -9.645  -3.680  1.00 9.78  ? 67  VAL A N   1 
ATOM   482  C CA  . VAL A 1 93  ? -1.937  -9.188  -4.505  1.00 10.53 ? 67  VAL A CA  1 
ATOM   483  C C   . VAL A 1 93  ? -1.482  -8.410  -5.730  1.00 9.40  ? 67  VAL A C   1 
ATOM   484  O O   . VAL A 1 93  ? -2.181  -8.406  -6.745  1.00 10.05 ? 67  VAL A O   1 
ATOM   485  C CB  . VAL A 1 93  ? -3.015  -8.452  -3.700  1.00 14.46 ? 67  VAL A CB  1 
ATOM   486  C CG1 . VAL A 1 93  ? -3.603  -9.388  -2.659  1.00 20.90 ? 67  VAL A CG1 1 
ATOM   487  C CG2 . VAL A 1 93  ? -2.452  -7.227  -3.079  1.00 14.62 ? 67  VAL A CG2 1 
ATOM   488  N N   . GLY A 1 94  ? -0.334  -7.752  -5.672  1.00 8.67  ? 68  GLY A N   1 
ATOM   489  C CA  . GLY A 1 94  ? 0.046   -7.012  -6.859  1.00 9.68  ? 68  GLY A CA  1 
ATOM   490  C C   . GLY A 1 94  ? 1.468   -6.515  -6.803  1.00 8.40  ? 68  GLY A C   1 
ATOM   491  O O   . GLY A 1 94  ? 2.160   -6.619  -5.788  1.00 8.25  ? 68  GLY A O   1 
ATOM   492  N N   . GLN A 1 95  ? 1.887   -5.972  -7.932  1.00 8.68  ? 69  GLN A N   1 
ATOM   493  C CA  A GLN A 1 95  ? 3.147   -5.258  -8.032  0.51 9.57  ? 69  GLN A CA  1 
ATOM   494  C CA  B GLN A 1 95  ? 3.145   -5.255  -8.025  0.49 9.57  ? 69  GLN A CA  1 
ATOM   495  C C   . GLN A 1 95  ? 2.868   -3.992  -8.819  1.00 9.45  ? 69  GLN A C   1 
ATOM   496  O O   . GLN A 1 95  ? 2.237   -4.058  -9.877  1.00 10.08 ? 69  GLN A O   1 
ATOM   497  C CB  A GLN A 1 95  ? 4.181   -6.112  -8.771  0.51 11.85 ? 69  GLN A CB  1 
ATOM   498  C CB  B GLN A 1 95  ? 4.196   -6.103  -8.745  0.49 11.84 ? 69  GLN A CB  1 
ATOM   499  C CG  A GLN A 1 95  ? 5.473   -5.397  -9.119  0.51 13.08 ? 69  GLN A CG  1 
ATOM   500  C CG  B GLN A 1 95  ? 5.626   -5.657  -8.506  0.49 13.44 ? 69  GLN A CG  1 
ATOM   501  C CD  A GLN A 1 95  ? 6.431   -6.280  -9.901  0.51 16.84 ? 69  GLN A CD  1 
ATOM   502  C CD  B GLN A 1 95  ? 6.647   -6.647  -9.041  0.49 15.53 ? 69  GLN A CD  1 
ATOM   503  O OE1 A GLN A 1 95  ? 6.035   -6.965  -10.845 0.51 21.85 ? 69  GLN A OE1 1 
ATOM   504  O OE1 B GLN A 1 95  ? 6.317   -7.788  -9.365  0.49 21.16 ? 69  GLN A OE1 1 
ATOM   505  N NE2 A GLN A 1 95  ? 7.696   -6.276  -9.503  0.51 18.36 ? 69  GLN A NE2 1 
ATOM   506  N NE2 B GLN A 1 95  ? 7.892   -6.205  -9.155  0.49 18.78 ? 69  GLN A NE2 1 
ATOM   507  N N   . ILE A 1 96  ? 3.302   -2.845  -8.303  1.00 8.61  ? 70  ILE A N   1 
ATOM   508  C CA  . ILE A 1 96  ? 3.134   -1.569  -8.986  1.00 9.39  ? 70  ILE A CA  1 
ATOM   509  C C   . ILE A 1 96  ? 4.487   -0.894  -9.030  1.00 9.16  ? 70  ILE A C   1 
ATOM   510  O O   . ILE A 1 96  ? 5.119   -0.713  -7.985  1.00 9.94  ? 70  ILE A O   1 
ATOM   511  C CB  . ILE A 1 96  ? 2.147   -0.639  -8.266  1.00 9.39  ? 70  ILE A CB  1 
ATOM   512  C CG1 . ILE A 1 96  ? 0.840   -1.344  -7.917  1.00 13.39 ? 70  ILE A CG1 1 
ATOM   513  C CG2 . ILE A 1 96  ? 1.902   0.587   -9.134  1.00 12.19 ? 70  ILE A CG2 1 
ATOM   514  C CD1 . ILE A 1 96  ? -0.044  -0.541  -6.976  1.00 15.29 ? 70  ILE A CD1 1 
ATOM   515  N N   . VAL A 1 97  ? 4.927   -0.513  -10.226 1.00 8.58  ? 71  VAL A N   1 
ATOM   516  C CA  . VAL A 1 97  ? 6.134   0.284   -10.392 1.00 9.19  ? 71  VAL A CA  1 
ATOM   517  C C   . VAL A 1 97  ? 5.732   1.740   -10.550 1.00 9.00  ? 71  VAL A C   1 
ATOM   518  O O   . VAL A 1 97  ? 4.863   2.069   -11.371 1.00 10.60 ? 71  VAL A O   1 
ATOM   519  C CB  . VAL A 1 97  ? 6.942   -0.193  -11.605 1.00 11.00 ? 71  VAL A CB  1 
ATOM   520  C CG1 . VAL A 1 97  ? 8.141   0.714   -11.821 1.00 13.49 ? 71  VAL A CG1 1 
ATOM   521  C CG2 . VAL A 1 97  ? 7.383   -1.629  -11.397 1.00 12.75 ? 71  VAL A CG2 1 
ATOM   522  N N   . PHE A 1 98  ? 6.348   2.612   -9.760  1.00 8.71  ? 72  PHE A N   1 
ATOM   523  C CA  . PHE A 1 98  ? 6.118   4.049   -9.841  1.00 8.62  ? 72  PHE A CA  1 
ATOM   524  C C   . PHE A 1 98  ? 7.360   4.745   -10.375 1.00 9.80  ? 72  PHE A C   1 
ATOM   525  O O   . PHE A 1 98  ? 8.479   4.499   -9.904  1.00 9.41  ? 72  PHE A O   1 
ATOM   526  C CB  . PHE A 1 98  ? 5.761   4.629   -8.474  1.00 8.98  ? 72  PHE A CB  1 
ATOM   527  C CG  . PHE A 1 98  ? 4.470   4.117   -7.926  1.00 9.07  ? 72  PHE A CG  1 
ATOM   528  C CD1 . PHE A 1 98  ? 3.266   4.653   -8.353  1.00 9.20  ? 72  PHE A CD1 1 
ATOM   529  C CD2 . PHE A 1 98  ? 4.457   3.091   -7.000  1.00 11.24 ? 72  PHE A CD2 1 
ATOM   530  C CE1 . PHE A 1 98  ? 2.061   4.177   -7.850  1.00 10.68 ? 72  PHE A CE1 1 
ATOM   531  C CE2 . PHE A 1 98  ? 3.262   2.615   -6.489  1.00 12.21 ? 72  PHE A CE2 1 
ATOM   532  C CZ  . PHE A 1 98  ? 2.064   3.159   -6.914  1.00 9.50  ? 72  PHE A CZ  1 
ATOM   533  N N   . GLU A 1 99  ? 7.148   5.622   -11.339 1.00 8.80  ? 73  GLU A N   1 
ATOM   534  C CA  . GLU A 1 99  ? 8.155   6.532   -11.852 1.00 9.84  ? 73  GLU A CA  1 
ATOM   535  C C   . GLU A 1 99  ? 7.711   7.940   -11.499 1.00 10.78 ? 73  GLU A C   1 
ATOM   536  O O   . GLU A 1 99  ? 6.560   8.307   -11.751 1.00 10.88 ? 73  GLU A O   1 
ATOM   537  C CB  . GLU A 1 99  ? 8.205   6.388   -13.368 1.00 10.85 ? 73  GLU A CB  1 
ATOM   538  C CG  . GLU A 1 99  ? 9.196   7.277   -14.049 1.00 14.05 ? 73  GLU A CG  1 
ATOM   539  C CD  . GLU A 1 99  ? 9.019   7.271   -15.553 1.00 16.34 ? 73  GLU A CD  1 
ATOM   540  O OE1 . GLU A 1 99  ? 8.495   6.287   -16.116 1.00 20.67 ? 73  GLU A OE1 1 
ATOM   541  O OE2 . GLU A 1 99  ? 9.384   8.267   -16.172 1.00 16.03 ? 73  GLU A OE2 1 
ATOM   542  N N   . PHE A 1 100 ? 8.594   8.709   -10.879 1.00 10.17 ? 74  PHE A N   1 
ATOM   543  C CA  . PHE A 1 100 ? 8.365   10.129  -10.644 1.00 10.60 ? 74  PHE A CA  1 
ATOM   544  C C   . PHE A 1 100 ? 9.314   10.887  -11.556 1.00 11.48 ? 74  PHE A C   1 
ATOM   545  O O   . PHE A 1 100 ? 10.536  10.740  -11.438 1.00 12.50 ? 74  PHE A O   1 
ATOM   546  C CB  . PHE A 1 100 ? 8.595   10.478  -9.175  1.00 12.68 ? 74  PHE A CB  1 
ATOM   547  C CG  . PHE A 1 100 ? 7.563   9.895   -8.283  1.00 13.33 ? 74  PHE A CG  1 
ATOM   548  C CD1 . PHE A 1 100 ? 7.720   8.628   -7.742  1.00 14.58 ? 74  PHE A CD1 1 
ATOM   549  C CD2 . PHE A 1 100 ? 6.395   10.588  -8.033  1.00 14.17 ? 74  PHE A CD2 1 
ATOM   550  C CE1 . PHE A 1 100 ? 6.725   8.077   -6.942  1.00 17.26 ? 74  PHE A CE1 1 
ATOM   551  C CE2 . PHE A 1 100 ? 5.402   10.043  -7.236  1.00 14.28 ? 74  PHE A CE2 1 
ATOM   552  C CZ  . PHE A 1 100 ? 5.572   8.788   -6.690  1.00 17.04 ? 74  PHE A CZ  1 
ATOM   553  N N   . VAL A 1 101 ? 8.758   11.659  -12.492 1.00 12.76 ? 75  VAL A N   1 
ATOM   554  C CA  . VAL A 1 101 ? 9.610   12.383  -13.430 1.00 14.60 ? 75  VAL A CA  1 
ATOM   555  C C   . VAL A 1 101 ? 10.603  13.251  -12.673 1.00 14.22 ? 75  VAL A C   1 
ATOM   556  O O   . VAL A 1 101 ? 10.275  13.873  -11.655 1.00 16.54 ? 75  VAL A O   1 
ATOM   557  C CB  . VAL A 1 101 ? 8.786   13.192  -14.449 1.00 17.62 ? 75  VAL A CB  1 
ATOM   558  C CG1 . VAL A 1 101 ? 7.917   12.265  -15.264 1.00 17.89 ? 75  VAL A CG1 1 
ATOM   559  C CG2 . VAL A 1 101 ? 7.940   14.257  -13.760 1.00 22.42 ? 75  VAL A CG2 1 
ATOM   560  N N   . GLY A 1 102 ? 11.842  13.251  -13.153 1.00 17.87 ? 76  GLY A N   1 
ATOM   561  C CA  . GLY A 1 102 ? 12.906  13.981  -12.510 1.00 20.37 ? 76  GLY A CA  1 
ATOM   562  C C   . GLY A 1 102 ? 13.646  13.219  -11.435 1.00 18.16 ? 76  GLY A C   1 
ATOM   563  O O   . GLY A 1 102 ? 14.679  13.709  -10.960 1.00 21.79 ? 76  GLY A O   1 
ATOM   564  N N   . GLU A 1 103 ? 13.154  12.034  -11.038 1.00 14.18 ? 77  GLU A N   1 
ATOM   565  C CA  . GLU A 1 103 ? 13.760  11.182  -10.023 1.00 12.94 ? 77  GLU A CA  1 
ATOM   566  C C   . GLU A 1 103 ? 14.301  9.916   -10.670 1.00 12.85 ? 77  GLU A C   1 
ATOM   567  O O   . GLU A 1 103 ? 13.570  9.222   -11.391 1.00 12.86 ? 77  GLU A O   1 
ATOM   568  C CB  . GLU A 1 103 ? 12.724  10.815  -8.964  1.00 14.01 ? 77  GLU A CB  1 
ATOM   569  C CG  . GLU A 1 103 ? 12.126  12.019  -8.251  1.00 19.38 ? 77  GLU A CG  1 
ATOM   570  C CD  . GLU A 1 103 ? 11.261  11.633  -7.071  1.00 26.73 ? 77  GLU A CD  1 
ATOM   571  O OE1 . GLU A 1 103 ? 11.276  10.447  -6.685  1.00 24.32 ? 77  GLU A OE1 1 
ATOM   572  O OE2 . GLU A 1 103 ? 10.568  12.516  -6.522  1.00 33.84 ? 77  GLU A OE2 1 
ATOM   573  N N   . PRO A 1 104 ? 15.572  9.576   -10.446 1.00 11.40 ? 78  PRO A N   1 
ATOM   574  C CA  . PRO A 1 104 ? 16.157  8.444   -11.186 1.00 12.54 ? 78  PRO A CA  1 
ATOM   575  C C   . PRO A 1 104 ? 15.622  7.081   -10.783 1.00 11.18 ? 78  PRO A C   1 
ATOM   576  O O   . PRO A 1 104 ? 15.490  6.196   -11.637 1.00 12.09 ? 78  PRO A O   1 
ATOM   577  C CB  . PRO A 1 104 ? 17.661  8.581   -10.904 1.00 13.51 ? 78  PRO A CB  1 
ATOM   578  C CG  . PRO A 1 104 ? 17.742  9.359   -9.629  1.00 19.29 ? 78  PRO A CG  1 
ATOM   579  C CD  . PRO A 1 104 ? 16.575  10.312  -9.655  1.00 13.22 ? 78  PRO A CD  1 
ATOM   580  N N   . GLU A 1 105 ? 15.325  6.868   -9.508  1.00 12.28 ? 79  GLU A N   1 
ATOM   581  C CA  . GLU A 1 105 ? 14.984  5.532   -9.052  1.00 12.12 ? 79  GLU A CA  1 
ATOM   582  C C   . GLU A 1 105 ? 13.487  5.270   -9.197  1.00 11.96 ? 79  GLU A C   1 
ATOM   583  O O   . GLU A 1 105 ? 12.660  6.082   -8.766  1.00 12.51 ? 79  GLU A O   1 
ATOM   584  C CB  . GLU A 1 105 ? 15.423  5.326   -7.605  1.00 16.25 ? 79  GLU A CB  1 
ATOM   585  C CG  . GLU A 1 105 ? 15.502  3.859   -7.200  1.00 19.40 ? 79  GLU A CG  1 
ATOM   586  C CD  . GLU A 1 105 ? 16.698  3.124   -7.797  1.00 25.83 ? 79  GLU A CD  1 
ATOM   587  O OE1 . GLU A 1 105 ? 17.465  3.726   -8.580  1.00 26.39 ? 79  GLU A OE1 1 
ATOM   588  O OE2 . GLU A 1 105 ? 16.871  1.929   -7.478  1.00 25.73 ? 79  GLU A OE2 1 
ATOM   589  N N   . LEU A 1 106 ? 13.147  4.134   -9.795  1.00 11.58 ? 80  LEU A N   1 
ATOM   590  C CA  . LEU A 1 106 ? 11.770  3.663   -9.806  1.00 10.97 ? 80  LEU A CA  1 
ATOM   591  C C   . LEU A 1 106 ? 11.456  2.992   -8.476  1.00 12.24 ? 80  LEU A C   1 
ATOM   592  O O   . LEU A 1 106 ? 12.333  2.412   -7.830  1.00 13.23 ? 80  LEU A O   1 
ATOM   593  C CB  . LEU A 1 106 ? 11.597  2.631   -10.917 1.00 11.99 ? 80  LEU A CB  1 
ATOM   594  C CG  . LEU A 1 106 ? 11.927  3.079   -12.342 1.00 12.60 ? 80  LEU A CG  1 
ATOM   595  C CD1 . LEU A 1 106 ? 11.720  1.932   -13.323 1.00 16.61 ? 80  LEU A CD1 1 
ATOM   596  C CD2 . LEU A 1 106 ? 11.090  4.273   -12.733 1.00 12.55 ? 80  LEU A CD2 1 
ATOM   597  N N   . MET A 1 107 ? 10.196  3.057   -8.066  1.00 9.97  ? 81  MET A N   1 
ATOM   598  C CA  . MET A 1 107 ? 9.757   2.390   -6.844  1.00 10.94 ? 81  MET A CA  1 
ATOM   599  C C   . MET A 1 107 ? 9.018   1.126   -7.241  1.00 9.93  ? 81  MET A C   1 
ATOM   600  O O   . MET A 1 107 ? 7.992   1.198   -7.923  1.00 11.38 ? 81  MET A O   1 
ATOM   601  C CB  . MET A 1 107 ? 8.810   3.280   -6.051  1.00 12.59 ? 81  MET A CB  1 
ATOM   602  C CG  . MET A 1 107 ? 9.429   4.568   -5.599  1.00 13.36 ? 81  MET A CG  1 
ATOM   603  S SD  . MET A 1 107 ? 8.264   5.457   -4.551  1.00 25.13 ? 81  MET A SD  1 
ATOM   604  N N   . ASP A 1 108 ? 9.522   -0.022  -6.825  1.00 9.47  ? 82  ASP A N   1 
ATOM   605  C CA  . ASP A 1 108 ? 8.927   -1.308  -7.157  1.00 9.54  ? 82  ASP A CA  1 
ATOM   606  C C   . ASP A 1 108 ? 8.157   -1.766  -5.922  1.00 7.90  ? 82  ASP A C   1 
ATOM   607  O O   . ASP A 1 108 ? 8.745   -2.321  -4.987  1.00 9.44  ? 82  ASP A O   1 
ATOM   608  C CB  . ASP A 1 108 ? 10.025  -2.291  -7.554  1.00 12.08 ? 82  ASP A CB  1 
ATOM   609  C CG  . ASP A 1 108 ? 9.506   -3.683  -7.797  1.00 15.16 ? 82  ASP A CG  1 
ATOM   610  O OD1 . ASP A 1 108 ? 8.290   -3.851  -8.002  1.00 16.62 ? 82  ASP A OD1 1 
ATOM   611  O OD2 . ASP A 1 108 ? 10.327  -4.625  -7.774  1.00 21.47 ? 82  ASP A OD2 1 
ATOM   612  N N   . VAL A 1 109 ? 6.850   -1.517  -5.907  1.00 8.86  ? 83  VAL A N   1 
ATOM   613  C CA  . VAL A 1 109 ? 6.028   -1.726  -4.717  1.00 8.83  ? 83  VAL A CA  1 
ATOM   614  C C   . VAL A 1 109 ? 5.345   -3.081  -4.814  1.00 8.85  ? 83  VAL A C   1 
ATOM   615  O O   . VAL A 1 109 ? 4.557   -3.333  -5.739  1.00 8.95  ? 83  VAL A O   1 
ATOM   616  C CB  . VAL A 1 109 ? 4.995   -0.603  -4.549  1.00 8.47  ? 83  VAL A CB  1 
ATOM   617  C CG1 . VAL A 1 109 ? 4.173   -0.818  -3.299  1.00 10.42 ? 83  VAL A CG1 1 
ATOM   618  C CG2 . VAL A 1 109 ? 5.703   0.753   -4.498  1.00 10.09 ? 83  VAL A CG2 1 
ATOM   619  N N   . HIS A 1 110 ? 5.628   -3.949  -3.850  1.00 8.45  ? 84  HIS A N   1 
ATOM   620  C CA  . HIS A 1 110 ? 4.982   -5.248  -3.741  1.00 8.14  ? 84  HIS A CA  1 
ATOM   621  C C   . HIS A 1 110 ? 3.823   -5.131  -2.763  1.00 8.55  ? 84  HIS A C   1 
ATOM   622  O O   . HIS A 1 110 ? 4.024   -4.800  -1.586  1.00 8.59  ? 84  HIS A O   1 
ATOM   623  C CB  . HIS A 1 110 ? 6.003   -6.286  -3.286  1.00 9.10  ? 84  HIS A CB  1 
ATOM   624  C CG  . HIS A 1 110 ? 7.035   -6.572  -4.329  1.00 11.04 ? 84  HIS A CG  1 
ATOM   625  N ND1 . HIS A 1 110 ? 7.174   -7.808  -4.919  1.00 14.64 ? 84  HIS A ND1 1 
ATOM   626  C CD2 . HIS A 1 110 ? 7.943   -5.765  -4.925  1.00 12.25 ? 84  HIS A CD2 1 
ATOM   627  C CE1 . HIS A 1 110 ? 8.135   -7.755  -5.824  1.00 15.82 ? 84  HIS A CE1 1 
ATOM   628  N NE2 . HIS A 1 110 ? 8.622   -6.529  -5.845  1.00 14.80 ? 84  HIS A NE2 1 
ATOM   629  N N   . VAL A 1 111 ? 2.610   -5.374  -3.264  1.00 8.46  ? 85  VAL A N   1 
ATOM   630  C CA  . VAL A 1 111 ? 1.379   -5.148  -2.522  1.00 7.12  ? 85  VAL A CA  1 
ATOM   631  C C   . VAL A 1 111 ? 0.880   -6.472  -1.971  1.00 7.83  ? 85  VAL A C   1 
ATOM   632  O O   . VAL A 1 111 ? 0.843   -7.491  -2.673  1.00 8.46  ? 85  VAL A O   1 
ATOM   633  C CB  . VAL A 1 111 ? 0.315   -4.477  -3.413  1.00 8.07  ? 85  VAL A CB  1 
ATOM   634  C CG1 . VAL A 1 111 ? -0.883  -4.072  -2.580  1.00 9.52  ? 85  VAL A CG1 1 
ATOM   635  C CG2 . VAL A 1 111 ? 0.909   -3.256  -4.138  1.00 9.27  ? 85  VAL A CG2 1 
ATOM   636  N N   . PHE A 1 112 ? 0.465   -6.453  -0.708  1.00 8.30  ? 86  PHE A N   1 
ATOM   637  C CA  . PHE A 1 112 ? -0.017  -7.637  -0.015  1.00 7.81  ? 86  PHE A CA  1 
ATOM   638  C C   . PHE A 1 112 ? -1.327  -7.314  0.682   1.00 8.93  ? 86  PHE A C   1 
ATOM   639  O O   . PHE A 1 112 ? -1.607  -6.160  1.023   1.00 9.17  ? 86  PHE A O   1 
ATOM   640  C CB  . PHE A 1 112 ? 0.958   -8.088  1.082   1.00 9.27  ? 86  PHE A CB  1 
ATOM   641  C CG  . PHE A 1 112 ? 2.307   -8.499  0.578   1.00 9.32  ? 86  PHE A CG  1 
ATOM   642  C CD1 . PHE A 1 112 ? 3.294   -7.559  0.341   1.00 10.05 ? 86  PHE A CD1 1 
ATOM   643  C CD2 . PHE A 1 112 ? 2.606   -9.839  0.382   1.00 10.79 ? 86  PHE A CD2 1 
ATOM   644  C CE1 . PHE A 1 112 ? 4.553   -7.944  -0.109  1.00 10.76 ? 86  PHE A CE1 1 
ATOM   645  C CE2 . PHE A 1 112 ? 3.868   -10.227 -0.067  1.00 11.97 ? 86  PHE A CE2 1 
ATOM   646  C CZ  . PHE A 1 112 ? 4.840   -9.274  -0.309  1.00 11.81 ? 86  PHE A CZ  1 
ATOM   647  N N   . CYS A 1 113 ? -2.118  -8.353  0.924   1.00 8.95  ? 87  CYS A N   1 
ATOM   648  C CA  A CYS A 1 113 ? -3.337  -8.259  1.716   0.24 9.66  ? 87  CYS A CA  1 
ATOM   649  C CA  C CYS A 1 113 ? -3.277  -8.198  1.781   0.76 9.56  ? 87  CYS A CA  1 
ATOM   650  C C   . CYS A 1 113 ? -3.307  -9.287  2.837   1.00 9.69  ? 87  CYS A C   1 
ATOM   651  O O   . CYS A 1 113 ? -2.610  -10.302 2.749   1.00 10.78 ? 87  CYS A O   1 
ATOM   652  C CB  A CYS A 1 113 ? -4.567  -8.557  0.862   0.24 11.52 ? 87  CYS A CB  1 
ATOM   653  C CB  C CYS A 1 113 ? -4.583  -8.166  0.988   0.76 12.37 ? 87  CYS A CB  1 
ATOM   654  S SG  A CYS A 1 113 ? -5.098  -7.196  -0.156  0.24 12.64 ? 87  CYS A SG  1 
ATOM   655  S SG  C CYS A 1 113 ? -5.125  -9.763  0.396   0.76 17.59 ? 87  CYS A SG  1 
ATOM   656  N N   . THR A 1 114 ? -4.104  -9.022  3.873   1.00 10.81 ? 88  THR A N   1 
ATOM   657  C CA  . THR A 1 114 ? -4.392  -9.972  4.936   1.00 11.93 ? 88  THR A CA  1 
ATOM   658  C C   . THR A 1 114 ? -5.761  -9.643  5.510   1.00 12.21 ? 88  THR A C   1 
ATOM   659  O O   . THR A 1 114 ? -6.177  -8.484  5.538   1.00 11.94 ? 88  THR A O   1 
ATOM   660  C CB  . THR A 1 114 ? -3.343  -9.931  6.049   1.00 13.83 ? 88  THR A CB  1 
ATOM   661  O OG1 . THR A 1 114 ? -3.677  -10.914 7.036   1.00 16.64 ? 88  THR A OG1 1 
ATOM   662  C CG2 . THR A 1 114 ? -3.283  -8.562  6.718   1.00 14.36 ? 88  THR A CG2 1 
ATOM   663  N N   . ASP A 1 115 ? -6.461  -10.677 5.971   1.00 14.68 ? 89  ASP A N   1 
ATOM   664  C CA  . ASP A 1 115 ? -7.697  -10.485 6.713   1.00 17.26 ? 89  ASP A CA  1 
ATOM   665  C C   . ASP A 1 115 ? -7.588  -10.916 8.166   1.00 22.99 ? 89  ASP A C   1 
ATOM   666  O O   . ASP A 1 115 ? -8.576  -10.817 8.900   1.00 29.66 ? 89  ASP A O   1 
ATOM   667  C CB  . ASP A 1 115 ? -8.876  -11.189 6.021   1.00 19.96 ? 89  ASP A CB  1 
ATOM   668  C CG  . ASP A 1 115 ? -8.769  -12.705 6.053   1.00 27.62 ? 89  ASP A CG  1 
ATOM   669  O OD1 . ASP A 1 115 ? -7.712  -13.238 6.457   1.00 29.27 ? 89  ASP A OD1 1 
ATOM   670  O OD2 . ASP A 1 115 ? -9.751  -13.369 5.660   1.00 39.23 ? 89  ASP A OD2 1 
ATOM   671  N N   . SER A 1 116 ? -6.418  -11.384 8.599   1.00 20.64 ? 90  SER A N   1 
ATOM   672  C CA  . SER A 1 116 ? -6.239  -11.960 9.928   1.00 24.37 ? 90  SER A CA  1 
ATOM   673  C C   . SER A 1 116 ? -5.069  -11.265 10.609  1.00 21.52 ? 90  SER A C   1 
ATOM   674  O O   . SER A 1 116 ? -3.907  -11.521 10.278  1.00 24.92 ? 90  SER A O   1 
ATOM   675  C CB  . SER A 1 116 ? -5.986  -13.464 9.835   1.00 28.01 ? 90  SER A CB  1 
ATOM   676  N N   . ILE A 1 117 ? -5.376  -10.403 11.576  1.00 18.78 ? 91  ILE A N   1 
ATOM   677  C CA  . ILE A 1 117 ? -4.360  -9.660  12.305  1.00 16.36 ? 91  ILE A CA  1 
ATOM   678  C C   . ILE A 1 117 ? -4.564  -9.866  13.800  1.00 16.87 ? 91  ILE A C   1 
ATOM   679  O O   . ILE A 1 117 ? -5.615  -10.327 14.251  1.00 17.52 ? 91  ILE A O   1 
ATOM   680  C CB  . ILE A 1 117 ? -4.376  -8.161  11.935  1.00 16.54 ? 91  ILE A CB  1 
ATOM   681  C CG1 . ILE A 1 117 ? -5.812  -7.636  11.898  1.00 20.39 ? 91  ILE A CG1 1 
ATOM   682  C CG2 . ILE A 1 117 ? -3.723  -7.950  10.578  1.00 19.95 ? 91  ILE A CG2 1 
ATOM   683  C CD1 . ILE A 1 117 ? -6.319  -7.105  13.225  1.00 27.92 ? 91  ILE A CD1 1 
ATOM   684  N N   . GLN A 1 118 ? -3.528  -9.525  14.568  1.00 13.18 ? 92  GLN A N   1 
ATOM   685  C CA  . GLN A 1 118 ? -3.601  -9.504  16.022  1.00 13.03 ? 92  GLN A CA  1 
ATOM   686  C C   . GLN A 1 118 ? -3.116  -8.156  16.521  1.00 14.96 ? 92  GLN A C   1 
ATOM   687  O O   . GLN A 1 118 ? -2.307  -7.491  15.871  1.00 14.96 ? 92  GLN A O   1 
ATOM   688  C CB  . GLN A 1 118 ? -2.739  -10.595 16.648  1.00 13.89 ? 92  GLN A CB  1 
ATOM   689  C CG  . GLN A 1 118 ? -3.257  -11.981 16.351  1.00 15.37 ? 92  GLN A CG  1 
ATOM   690  C CD  . GLN A 1 118 ? -2.257  -13.042 16.734  1.00 20.20 ? 92  GLN A CD  1 
ATOM   691  O OE1 . GLN A 1 118 ? -1.311  -13.315 15.992  1.00 19.23 ? 92  GLN A OE1 1 
ATOM   692  N NE2 . GLN A 1 118 ? -2.446  -13.633 17.900  1.00 23.06 ? 92  GLN A NE2 1 
ATOM   693  N N   . GLY A 1 119 ? -3.597  -7.773  17.697  1.00 15.30 ? 93  GLY A N   1 
ATOM   694  C CA  . GLY A 1 119 ? -3.405  -6.438  18.209  1.00 16.20 ? 93  GLY A CA  1 
ATOM   695  C C   . GLY A 1 119 ? -4.500  -5.506  17.728  1.00 14.41 ? 93  GLY A C   1 
ATOM   696  O O   . GLY A 1 119 ? -5.364  -5.859  16.923  1.00 16.93 ? 93  GLY A O   1 
ATOM   697  N N   A THR A 1 120 ? -4.458  -4.288  18.242  0.58 13.96 ? 94  THR A N   1 
ATOM   698  N N   B THR A 1 120 ? -4.468  -4.282  18.258  0.42 14.01 ? 94  THR A N   1 
ATOM   699  C CA  A THR A 1 120 ? -5.370  -3.265  17.775  0.58 13.78 ? 94  THR A CA  1 
ATOM   700  C CA  B THR A 1 120 ? -5.342  -3.162  17.937  0.42 14.03 ? 94  THR A CA  1 
ATOM   701  C C   A THR A 1 120 ? -4.557  -2.110  17.209  0.58 13.05 ? 94  THR A C   1 
ATOM   702  C C   B THR A 1 120 ? -4.523  -2.110  17.201  0.42 13.04 ? 94  THR A C   1 
ATOM   703  O O   A THR A 1 120 ? -3.444  -1.848  17.669  0.58 12.58 ? 94  THR A O   1 
ATOM   704  O O   B THR A 1 120 ? -3.346  -1.929  17.524  0.42 12.73 ? 94  THR A O   1 
ATOM   705  C CB  A THR A 1 120 ? -6.272  -2.762  18.912  0.58 14.99 ? 94  THR A CB  1 
ATOM   706  C CB  B THR A 1 120 ? -5.879  -2.547  19.243  0.42 15.83 ? 94  THR A CB  1 
ATOM   707  O OG1 A THR A 1 120 ? -5.464  -2.366  20.028  0.58 15.87 ? 94  THR A OG1 1 
ATOM   708  O OG1 B THR A 1 120 ? -6.514  -3.561  20.033  0.42 19.40 ? 94  THR A OG1 1 
ATOM   709  C CG2 A THR A 1 120 ? -7.236  -3.858  19.353  0.58 19.17 ? 94  THR A CG2 1 
ATOM   710  C CG2 B THR A 1 120 ? -6.881  -1.426  18.970  0.42 15.51 ? 94  THR A CG2 1 
ATOM   711  N N   . PRO A 1 121 ? -5.076  -1.412  16.208  1.00 10.95 ? 95  PRO A N   1 
ATOM   712  C CA  . PRO A 1 121 ? -4.277  -0.384  15.530  1.00 11.34 ? 95  PRO A CA  1 
ATOM   713  C C   . PRO A 1 121 ? -3.808  0.691   16.502  1.00 11.56 ? 95  PRO A C   1 
ATOM   714  O O   . PRO A 1 121 ? -4.543  1.116   17.392  1.00 13.81 ? 95  PRO A O   1 
ATOM   715  C CB  . PRO A 1 121 ? -5.236  0.180   14.478  1.00 12.41 ? 95  PRO A CB  1 
ATOM   716  C CG  . PRO A 1 121 ? -6.240  -0.908  14.258  1.00 13.33 ? 95  PRO A CG  1 
ATOM   717  C CD  . PRO A 1 121 ? -6.405  -1.572  15.587  1.00 13.13 ? 95  PRO A CD  1 
ATOM   718  N N   . VAL A 1 122 ? -2.570  1.133   16.312  1.00 11.07 ? 96  VAL A N   1 
ATOM   719  C CA  . VAL A 1 122 ? -1.897  2.069   17.206  1.00 11.79 ? 96  VAL A CA  1 
ATOM   720  C C   . VAL A 1 122 ? -1.616  3.354   16.438  1.00 10.99 ? 96  VAL A C   1 
ATOM   721  O O   . VAL A 1 122 ? -1.008  3.307   15.365  1.00 11.96 ? 96  VAL A O   1 
ATOM   722  C CB  . VAL A 1 122 ? -0.572  1.467   17.706  1.00 13.00 ? 96  VAL A CB  1 
ATOM   723  C CG1 . VAL A 1 122 ? 0.215   2.490   18.502  1.00 17.38 ? 96  VAL A CG1 1 
ATOM   724  C CG2 . VAL A 1 122 ? -0.827  0.218   18.527  1.00 16.64 ? 96  VAL A CG2 1 
ATOM   725  N N   . GLU A 1 123 ? -2.039  4.493   16.986  1.00 11.22 ? 97  GLU A N   1 
ATOM   726  C CA  . GLU A 1 123 ? -1.624  5.779   16.442  1.00 11.21 ? 97  GLU A CA  1 
ATOM   727  C C   . GLU A 1 123 ? -0.277  6.178   17.027  1.00 9.05  ? 97  GLU A C   1 
ATOM   728  O O   . GLU A 1 123 ? -0.068  6.111   18.249  1.00 10.92 ? 97  GLU A O   1 
ATOM   729  C CB  . GLU A 1 123 ? -2.645  6.889   16.716  1.00 11.97 ? 97  GLU A CB  1 
ATOM   730  C CG  . GLU A 1 123 ? -2.142  8.272   16.228  1.00 12.60 ? 97  GLU A CG  1 
ATOM   731  C CD  . GLU A 1 123 ? -3.182  9.353   16.301  1.00 13.39 ? 97  GLU A CD  1 
ATOM   732  O OE1 . GLU A 1 123 ? -4.210  9.119   16.943  1.00 14.59 ? 97  GLU A OE1 1 
ATOM   733  O OE2 . GLU A 1 123 ? -2.968  10.434  15.709  1.00 14.31 ? 97  GLU A OE2 1 
ATOM   734  N N   . SER A 1 124 ? 0.625   6.617   16.165  1.00 10.46 ? 98  SER A N   1 
ATOM   735  C CA  . SER A 1 124 ? 1.942   7.069   16.576  1.00 11.70 ? 98  SER A CA  1 
ATOM   736  C C   . SER A 1 124 ? 2.181   8.467   16.028  1.00 12.70 ? 98  SER A C   1 
ATOM   737  O O   . SER A 1 124 ? 1.343   9.047   15.328  1.00 12.57 ? 98  SER A O   1 
ATOM   738  C CB  . SER A 1 124 ? 3.018   6.129   16.047  1.00 11.82 ? 98  SER A CB  1 
ATOM   739  O OG  . SER A 1 124 ? 3.053   6.225   14.631  1.00 14.03 ? 98  SER A OG  1 
ATOM   740  N N   . ASP A 1 125 ? 3.359   9.007   16.328  1.00 11.85 ? 99  ASP A N   1 
ATOM   741  C CA  . ASP A 1 125 ? 3.756   10.292  15.769  1.00 14.12 ? 99  ASP A CA  1 
ATOM   742  C C   . ASP A 1 125 ? 3.823   10.268  14.246  1.00 13.93 ? 99  ASP A C   1 
ATOM   743  O O   . ASP A 1 125 ? 3.762   11.332  13.619  1.00 19.44 ? 99  ASP A O   1 
ATOM   744  C CB  . ASP A 1 125 ? 5.106   10.734  16.359  1.00 15.12 ? 99  ASP A CB  1 
ATOM   745  C CG  . ASP A 1 125 ? 6.261   9.797   15.981  1.00 14.25 ? 99  ASP A CG  1 
ATOM   746  O OD1 . ASP A 1 125 ? 6.063   8.570   15.821  1.00 14.23 ? 99  ASP A OD1 1 
ATOM   747  O OD2 . ASP A 1 125 ? 7.403   10.298  15.853  1.00 19.27 ? 99  ASP A OD2 1 
ATOM   748  N N   . GLU A 1 126 ? 3.964   9.092   13.636  1.00 12.21 ? 100 GLU A N   1 
ATOM   749  C CA  . GLU A 1 126 ? 4.138   8.975   12.196  1.00 14.69 ? 100 GLU A CA  1 
ATOM   750  C C   . GLU A 1 126 ? 2.856   8.633   11.451  1.00 12.53 ? 100 GLU A C   1 
ATOM   751  O O   . GLU A 1 126 ? 2.768   8.908   10.250  1.00 14.47 ? 100 GLU A O   1 
ATOM   752  C CB  . GLU A 1 126 ? 5.154   7.872   11.884  1.00 16.96 ? 100 GLU A CB  1 
ATOM   753  C CG  . GLU A 1 126 ? 6.518   8.081   12.513  1.00 24.51 ? 100 GLU A CG  1 
ATOM   754  N N   . MET A 1 127 ? 1.874   8.028   12.112  1.00 10.42 ? 101 MET A N   1 
ATOM   755  C CA  . MET A 1 127 ? 0.802   7.377   11.374  1.00 11.70 ? 101 MET A CA  1 
ATOM   756  C C   . MET A 1 127 ? -0.444  7.297   12.240  1.00 10.61 ? 101 MET A C   1 
ATOM   757  O O   . MET A 1 127 ? -0.362  6.922   13.415  1.00 11.33 ? 101 MET A O   1 
ATOM   758  C CB  . MET A 1 127 ? 1.259   5.965   10.987  1.00 13.62 ? 101 MET A CB  1 
ATOM   759  C CG  . MET A 1 127 ? 0.291   5.251   10.088  1.00 13.77 ? 101 MET A CG  1 
ATOM   760  S SD  . MET A 1 127 ? 0.274   5.884   8.400   1.00 13.87 ? 101 MET A SD  1 
ATOM   761  C CE  . MET A 1 127 ? 1.762   5.141   7.762   1.00 16.36 ? 101 MET A CE  1 
ATOM   762  N N   . ARG A 1 128 ? -1.598  7.611   11.648  1.00 10.74 ? 102 ARG A N   1 
ATOM   763  C CA  . ARG A 1 128 ? -2.892  7.472   12.323  1.00 11.16 ? 102 ARG A CA  1 
ATOM   764  C C   . ARG A 1 128 ? -3.747  6.444   11.588  1.00 9.68  ? 102 ARG A C   1 
ATOM   765  O O   . ARG A 1 128 ? -4.341  6.767   10.546  1.00 10.43 ? 102 ARG A O   1 
ATOM   766  C CB  . ARG A 1 128 ? -3.607  8.823   12.375  1.00 13.08 ? 102 ARG A CB  1 
ATOM   767  C CG  . ARG A 1 128 ? -4.990  8.790   13.044  1.00 14.28 ? 102 ARG A CG  1 
ATOM   768  C CD  . ARG A 1 128 ? -5.527  10.193  13.330  1.00 16.69 ? 102 ARG A CD  1 
ATOM   769  N NE  . ARG A 1 128 ? -5.546  11.052  12.144  1.00 18.14 ? 102 ARG A NE  1 
ATOM   770  C CZ  . ARG A 1 128 ? -6.614  11.262  11.379  1.00 19.37 ? 102 ARG A CZ  1 
ATOM   771  N NH1 . ARG A 1 128 ? -7.770  10.682  11.664  1.00 17.95 ? 102 ARG A NH1 1 
ATOM   772  N NH2 . ARG A 1 128 ? -6.530  12.061  10.324  1.00 23.85 ? 102 ARG A NH2 1 
ATOM   773  N N   . PRO A 1 129 ? -3.834  5.202   12.066  1.00 10.16 ? 103 PRO A N   1 
ATOM   774  C CA  . PRO A 1 129 ? -4.724  4.221   11.422  1.00 11.49 ? 103 PRO A CA  1 
ATOM   775  C C   . PRO A 1 129 ? -6.201  4.486   11.682  1.00 11.57 ? 103 PRO A C   1 
ATOM   776  O O   . PRO A 1 129 ? -6.596  4.996   12.732  1.00 13.56 ? 103 PRO A O   1 
ATOM   777  C CB  . PRO A 1 129 ? -4.313  2.889   12.063  1.00 11.54 ? 103 PRO A CB  1 
ATOM   778  C CG  . PRO A 1 129 ? -2.970  3.125   12.650  1.00 14.21 ? 103 PRO A CG  1 
ATOM   779  C CD  . PRO A 1 129 ? -2.952  4.567   13.068  1.00 11.69 ? 103 PRO A CD  1 
ATOM   780  N N   A CYS A 1 130 ? -7.029  4.092   10.716  0.77 9.82  ? 104 CYS A N   1 
ATOM   781  N N   B CYS A 1 130 ? -7.024  4.109   10.705  0.23 9.90  ? 104 CYS A N   1 
ATOM   782  C CA  A CYS A 1 130 ? -8.478  4.173   10.852  0.77 10.98 ? 104 CYS A CA  1 
ATOM   783  C CA  B CYS A 1 130 ? -8.474  4.178   10.836  0.23 11.01 ? 104 CYS A CA  1 
ATOM   784  C C   A CYS A 1 130 ? -9.122  3.143   9.937   0.77 10.11 ? 104 CYS A C   1 
ATOM   785  C C   B CYS A 1 130 ? -9.096  3.107   9.953   0.23 10.18 ? 104 CYS A C   1 
ATOM   786  O O   A CYS A 1 130 ? -8.650  2.915   8.821   0.77 10.17 ? 104 CYS A O   1 
ATOM   787  O O   B CYS A 1 130 ? -8.586  2.820   8.868   0.23 10.17 ? 104 CYS A O   1 
ATOM   788  C CB  A CYS A 1 130 ? -8.987  5.570   10.480  0.77 11.67 ? 104 CYS A CB  1 
ATOM   789  C CB  B CYS A 1 130 ? -9.015  5.550   10.415  0.23 11.68 ? 104 CYS A CB  1 
ATOM   790  S SG  A CYS A 1 130 ? -10.676 5.930   10.975  0.77 19.00 ? 104 CYS A SG  1 
ATOM   791  S SG  B CYS A 1 130 ? -8.825  6.862   11.641  0.23 14.32 ? 104 CYS A SG  1 
ATOM   792  N N   . TRP A 1 131 ? -10.193 2.520   10.425  1.00 11.18 ? 105 TRP A N   1 
ATOM   793  C CA  . TRP A 1 131 ? -10.965 1.571   9.632   1.00 11.51 ? 105 TRP A CA  1 
ATOM   794  C C   . TRP A 1 131 ? -11.957 2.332   8.773   1.00 11.56 ? 105 TRP A C   1 
ATOM   795  O O   . TRP A 1 131 ? -12.543 3.323   9.224   1.00 14.87 ? 105 TRP A O   1 
ATOM   796  C CB  . TRP A 1 131 ? -11.771 0.647   10.545  1.00 11.89 ? 105 TRP A CB  1 
ATOM   797  C CG  . TRP A 1 131 ? -10.974 -0.343  11.306  1.00 12.49 ? 105 TRP A CG  1 
ATOM   798  C CD1 . TRP A 1 131 ? -10.684 -0.318  12.636  1.00 14.73 ? 105 TRP A CD1 1 
ATOM   799  C CD2 . TRP A 1 131 ? -10.386 -1.537  10.790  1.00 13.11 ? 105 TRP A CD2 1 
ATOM   800  N NE1 . TRP A 1 131 ? -9.941  -1.415  12.978  1.00 14.75 ? 105 TRP A NE1 1 
ATOM   801  C CE2 . TRP A 1 131 ? -9.733  -2.178  11.858  1.00 12.77 ? 105 TRP A CE2 1 
ATOM   802  C CE3 . TRP A 1 131 ? -10.330 -2.115  9.519   1.00 11.22 ? 105 TRP A CE3 1 
ATOM   803  C CZ2 . TRP A 1 131 ? -9.053  -3.381  11.701  1.00 15.22 ? 105 TRP A CZ2 1 
ATOM   804  C CZ3 . TRP A 1 131 ? -9.652  -3.305  9.363   1.00 13.29 ? 105 TRP A CZ3 1 
ATOM   805  C CH2 . TRP A 1 131 ? -9.023  -3.928  10.446  1.00 14.33 ? 105 TRP A CH2 1 
ATOM   806  N N   . PHE A 1 132 ? -12.154 1.862   7.540   1.00 11.83 ? 106 PHE A N   1 
ATOM   807  C CA  . PHE A 1 132 ? -13.121 2.434   6.612   1.00 13.05 ? 106 PHE A CA  1 
ATOM   808  C C   . PHE A 1 132 ? -14.046 1.347   6.098   1.00 12.75 ? 106 PHE A C   1 
ATOM   809  O O   . PHE A 1 132 ? -13.585 0.284   5.676   1.00 13.61 ? 106 PHE A O   1 
ATOM   810  C CB  . PHE A 1 132 ? -12.411 3.055   5.410   1.00 11.82 ? 106 PHE A CB  1 
ATOM   811  C CG  . PHE A 1 132 ? -11.633 4.285   5.756   1.00 10.63 ? 106 PHE A CG  1 
ATOM   812  C CD1 . PHE A 1 132 ? -10.325 4.186   6.219   1.00 10.90 ? 106 PHE A CD1 1 
ATOM   813  C CD2 . PHE A 1 132 ? -12.221 5.537   5.676   1.00 14.18 ? 106 PHE A CD2 1 
ATOM   814  C CE1 . PHE A 1 132 ? -9.619  5.322   6.577   1.00 12.37 ? 106 PHE A CE1 1 
ATOM   815  C CE2 . PHE A 1 132 ? -11.513 6.677   6.013   1.00 11.60 ? 106 PHE A CE2 1 
ATOM   816  C CZ  . PHE A 1 132 ? -10.211 6.565   6.470   1.00 13.32 ? 106 PHE A CZ  1 
ATOM   817  N N   . GLN A 1 133 ? -15.348 1.614   6.129   1.00 13.89 ? 107 GLN A N   1 
ATOM   818  C CA  . GLN A 1 133 ? -16.272 0.755   5.403   1.00 14.09 ? 107 GLN A CA  1 
ATOM   819  C C   . GLN A 1 133 ? -15.935 0.805   3.919   1.00 13.25 ? 107 GLN A C   1 
ATOM   820  O O   . GLN A 1 133 ? -15.450 1.814   3.410   1.00 13.69 ? 107 GLN A O   1 
ATOM   821  C CB  . GLN A 1 133 ? -17.706 1.231   5.622   1.00 16.09 ? 107 GLN A CB  1 
ATOM   822  C CG  . GLN A 1 133 ? -18.159 1.095   7.057   1.00 22.76 ? 107 GLN A CG  1 
ATOM   823  C CD  . GLN A 1 133 ? -18.265 -0.352  7.483   1.00 26.11 ? 107 GLN A CD  1 
ATOM   824  O OE1 . GLN A 1 133 ? -19.086 -1.104  6.955   1.00 29.55 ? 107 GLN A OE1 1 
ATOM   825  N NE2 . GLN A 1 133 ? -17.427 -0.758  8.432   1.00 26.09 ? 107 GLN A NE2 1 
ATOM   826  N N   . LEU A 1 134 ? -16.187 -0.304  3.219   1.00 14.14 ? 108 LEU A N   1 
ATOM   827  C CA  . LEU A 1 134 ? -15.697 -0.419  1.849   1.00 15.54 ? 108 LEU A CA  1 
ATOM   828  C C   . LEU A 1 134 ? -16.336 0.606   0.922   1.00 19.21 ? 108 LEU A C   1 
ATOM   829  O O   . LEU A 1 134 ? -15.684 1.080   -0.015  1.00 22.16 ? 108 LEU A O   1 
ATOM   830  C CB  . LEU A 1 134 ? -15.883 -1.844  1.334   1.00 16.66 ? 108 LEU A CB  1 
ATOM   831  C CG  . LEU A 1 134 ? -15.156 -2.910  2.158   1.00 18.36 ? 108 LEU A CG  1 
ATOM   832  C CD1 . LEU A 1 134 ? -15.263 -4.279  1.496   1.00 24.15 ? 108 LEU A CD1 1 
ATOM   833  C CD2 . LEU A 1 134 ? -13.686 -2.550  2.397   1.00 16.13 ? 108 LEU A CD2 1 
ATOM   834  N N   . ASP A 1 135 ? -17.583 0.993   1.185   1.00 18.82 ? 109 ASP A N   1 
ATOM   835  C CA  . ASP A 1 135 ? -18.238 2.023   0.390   1.00 22.37 ? 109 ASP A CA  1 
ATOM   836  C C   . ASP A 1 135 ? -17.837 3.434   0.799   1.00 26.10 ? 109 ASP A C   1 
ATOM   837  O O   . ASP A 1 135 ? -18.356 4.397   0.222   1.00 25.72 ? 109 ASP A O   1 
ATOM   838  C CB  . ASP A 1 135 ? -19.764 1.871   0.462   1.00 23.71 ? 109 ASP A CB  1 
ATOM   839  C CG  . ASP A 1 135 ? -20.277 1.769   1.887   1.00 38.69 ? 109 ASP A CG  1 
ATOM   840  O OD1 . ASP A 1 135 ? -19.655 1.047   2.694   1.00 39.78 ? 109 ASP A OD1 1 
ATOM   841  O OD2 . ASP A 1 135 ? -21.311 2.402   2.201   1.00 45.92 ? 109 ASP A OD2 1 
ATOM   842  N N   . GLN A 1 136 ? -16.929 3.582   1.769   1.00 17.86 ? 110 GLN A N   1 
ATOM   843  C CA  . GLN A 1 136 ? -16.495 4.891   2.244   1.00 20.31 ? 110 GLN A CA  1 
ATOM   844  C C   . GLN A 1 136 ? -14.983 5.075   2.134   1.00 14.34 ? 110 GLN A C   1 
ATOM   845  O O   . GLN A 1 136 ? -14.400 5.899   2.846   1.00 16.82 ? 110 GLN A O   1 
ATOM   846  C CB  . GLN A 1 136 ? -16.993 5.129   3.671   1.00 20.16 ? 110 GLN A CB  1 
ATOM   847  C CG  . GLN A 1 136 ? -18.518 5.108   3.766   1.00 25.84 ? 110 GLN A CG  1 
ATOM   848  C CD  . GLN A 1 136 ? -19.038 5.378   5.163   1.00 33.57 ? 110 GLN A CD  1 
ATOM   849  O OE1 . GLN A 1 136 ? -18.480 4.901   6.153   1.00 35.79 ? 110 GLN A OE1 1 
ATOM   850  N NE2 . GLN A 1 136 ? -20.121 6.144   5.250   1.00 36.87 ? 110 GLN A NE2 1 
ATOM   851  N N   . ILE A 1 137 ? -14.342 4.332   1.240   1.00 13.95 ? 111 ILE A N   1 
ATOM   852  C CA  . ILE A 1 137 ? -12.892 4.453   1.066   1.00 13.23 ? 111 ILE A CA  1 
ATOM   853  C C   . ILE A 1 137 ? -12.566 5.850   0.551   1.00 13.94 ? 111 ILE A C   1 
ATOM   854  O O   . ILE A 1 137 ? -13.176 6.310   -0.434  1.00 13.59 ? 111 ILE A O   1 
ATOM   855  C CB  . ILE A 1 137 ? -12.387 3.358   0.116   1.00 15.37 ? 111 ILE A CB  1 
ATOM   856  C CG1 . ILE A 1 137 ? -12.487 2.007   0.844   1.00 15.25 ? 111 ILE A CG1 1 
ATOM   857  C CG2 . ILE A 1 137 ? -10.957 3.636   -0.318  1.00 15.13 ? 111 ILE A CG2 1 
ATOM   858  C CD1 . ILE A 1 137 ? -12.221 0.804   -0.024  1.00 17.31 ? 111 ILE A CD1 1 
ATOM   859  N N   . PRO A 1 138 ? -11.647 6.576   1.183   1.00 11.55 ? 112 PRO A N   1 
ATOM   860  C CA  . PRO A 1 138 ? -11.482 8.018   0.928   1.00 12.21 ? 112 PRO A CA  1 
ATOM   861  C C   . PRO A 1 138 ? -10.567 8.322   -0.255  1.00 10.40 ? 112 PRO A C   1 
ATOM   862  O O   . PRO A 1 138 ? -9.513  8.931   -0.109  1.00 10.80 ? 112 PRO A O   1 
ATOM   863  C CB  . PRO A 1 138 ? -10.900 8.514   2.259   1.00 12.54 ? 112 PRO A CB  1 
ATOM   864  C CG  . PRO A 1 138 ? -10.100 7.368   2.762   1.00 13.81 ? 112 PRO A CG  1 
ATOM   865  C CD  . PRO A 1 138 ? -10.862 6.126   2.346   1.00 12.30 ? 112 PRO A CD  1 
ATOM   866  N N   . PHE A 1 139 ? -11.001 7.935   -1.455  1.00 12.86 ? 113 PHE A N   1 
ATOM   867  C CA  . PHE A 1 139 ? -10.128 8.016   -2.627  1.00 12.29 ? 113 PHE A CA  1 
ATOM   868  C C   . PHE A 1 139 ? -9.627  9.428   -2.901  1.00 11.85 ? 113 PHE A C   1 
ATOM   869  O O   . PHE A 1 139 ? -8.513  9.597   -3.411  1.00 13.46 ? 113 PHE A O   1 
ATOM   870  C CB  . PHE A 1 139 ? -10.852 7.469   -3.854  1.00 14.29 ? 113 PHE A CB  1 
ATOM   871  C CG  . PHE A 1 139 ? -10.979 5.985   -3.851  1.00 12.29 ? 113 PHE A CG  1 
ATOM   872  C CD1 . PHE A 1 139 ? -9.856  5.189   -4.027  1.00 12.58 ? 113 PHE A CD1 1 
ATOM   873  C CD2 . PHE A 1 139 ? -12.211 5.374   -3.662  1.00 13.97 ? 113 PHE A CD2 1 
ATOM   874  C CE1 . PHE A 1 139 ? -9.962  3.801   -4.026  1.00 16.08 ? 113 PHE A CE1 1 
ATOM   875  C CE2 . PHE A 1 139 ? -12.327 3.997   -3.658  1.00 14.83 ? 113 PHE A CE2 1 
ATOM   876  C CZ  . PHE A 1 139 ? -11.197 3.208   -3.838  1.00 15.26 ? 113 PHE A CZ  1 
ATOM   877  N N   . LYS A 1 140 ? -10.434 10.449  -2.599  1.00 14.19 ? 114 LYS A N   1 
ATOM   878  C CA  . LYS A 1 140 ? -10.003 11.820  -2.855  1.00 15.13 ? 114 LYS A CA  1 
ATOM   879  C C   . LYS A 1 140 ? -8.833  12.224  -1.973  1.00 16.65 ? 114 LYS A C   1 
ATOM   880  O O   . LYS A 1 140 ? -8.120  13.177  -2.301  1.00 17.19 ? 114 LYS A O   1 
ATOM   881  C CB  . LYS A 1 140 ? -11.167 12.789  -2.629  1.00 20.43 ? 114 LYS A CB  1 
ATOM   882  N N   A ASP A 1 141 ? -8.623  11.530  -0.860  0.52 12.56 ? 115 ASP A N   1 
ATOM   883  N N   B ASP A 1 141 ? -8.622  11.517  -0.861  0.48 12.57 ? 115 ASP A N   1 
ATOM   884  C CA  A ASP A 1 141 ? -7.507  11.799  0.037   0.52 13.03 ? 115 ASP A CA  1 
ATOM   885  C CA  B ASP A 1 141 ? -7.532  11.786  0.068   0.48 13.05 ? 115 ASP A CA  1 
ATOM   886  C C   A ASP A 1 141 ? -6.551  10.612  0.101   0.52 11.38 ? 115 ASP A C   1 
ATOM   887  C C   B ASP A 1 141 ? -6.497  10.662  0.077   0.48 11.38 ? 115 ASP A C   1 
ATOM   888  O O   A ASP A 1 141 ? -5.987  10.313  1.152   0.52 10.94 ? 115 ASP A O   1 
ATOM   889  O O   B ASP A 1 141 ? -5.803  10.459  1.075   0.48 11.47 ? 115 ASP A O   1 
ATOM   890  C CB  A ASP A 1 141 ? -8.000  12.191  1.429   0.52 14.01 ? 115 ASP A CB  1 
ATOM   891  C CB  B ASP A 1 141 ? -8.064  12.034  1.482   0.48 14.04 ? 115 ASP A CB  1 
ATOM   892  C CG  A ASP A 1 141 ? -6.919  12.837  2.272   0.52 16.70 ? 115 ASP A CG  1 
ATOM   893  C CG  B ASP A 1 141 ? -8.782  13.369  1.620   0.48 16.16 ? 115 ASP A CG  1 
ATOM   894  O OD1 A ASP A 1 141 ? -5.950  13.386  1.704   0.52 17.44 ? 115 ASP A OD1 1 
ATOM   895  O OD1 B ASP A 1 141 ? -8.363  14.344  0.962   0.48 22.65 ? 115 ASP A OD1 1 
ATOM   896  O OD2 A ASP A 1 141 ? -7.033  12.777  3.513   0.52 19.26 ? 115 ASP A OD2 1 
ATOM   897  O OD2 B ASP A 1 141 ? -9.751  13.446  2.403   0.48 18.72 ? 115 ASP A OD2 1 
ATOM   898  N N   . MET A 1 142 ? -6.398  9.917   -1.021  1.00 11.24 ? 116 MET A N   1 
ATOM   899  C CA  . MET A 1 142 ? -5.425  8.851   -1.199  1.00 11.01 ? 116 MET A CA  1 
ATOM   900  C C   . MET A 1 142 ? -4.586  9.175   -2.429  1.00 11.40 ? 116 MET A C   1 
ATOM   901  O O   . MET A 1 142 ? -4.919  10.067  -3.211  1.00 12.94 ? 116 MET A O   1 
ATOM   902  C CB  . MET A 1 142 ? -6.142  7.509   -1.390  1.00 10.38 ? 116 MET A CB  1 
ATOM   903  C CG  . MET A 1 142 ? -6.851  7.023   -0.138  1.00 11.38 ? 116 MET A CG  1 
ATOM   904  S SD  . MET A 1 142 ? -8.148  5.794   -0.379  1.00 10.54 ? 116 MET A SD  1 
ATOM   905  C CE  . MET A 1 142 ? -7.209  4.288   -0.648  1.00 11.15 ? 116 MET A CE  1 
ATOM   906  N N   . TRP A 1 143 ? -3.485  8.454   -2.607  1.00 10.00 ? 117 TRP A N   1 
ATOM   907  C CA  . TRP A 1 143 ? -2.733  8.571   -3.847  1.00 10.65 ? 117 TRP A CA  1 
ATOM   908  C C   . TRP A 1 143 ? -3.662  8.308   -5.033  1.00 10.17 ? 117 TRP A C   1 
ATOM   909  O O   . TRP A 1 143 ? -4.530  7.428   -4.957  1.00 10.10 ? 117 TRP A O   1 
ATOM   910  C CB  . TRP A 1 143 ? -1.599  7.545   -3.867  1.00 11.56 ? 117 TRP A CB  1 
ATOM   911  C CG  . TRP A 1 143 ? -0.393  7.893   -3.056  1.00 12.69 ? 117 TRP A CG  1 
ATOM   912  C CD1 . TRP A 1 143 ? -0.158  7.570   -1.751  1.00 16.23 ? 117 TRP A CD1 1 
ATOM   913  C CD2 . TRP A 1 143 ? 0.763   8.611   -3.512  1.00 14.21 ? 117 TRP A CD2 1 
ATOM   914  N NE1 . TRP A 1 143 ? 1.074   8.048   -1.366  1.00 18.41 ? 117 TRP A NE1 1 
ATOM   915  C CE2 . TRP A 1 143 ? 1.657   8.688   -2.428  1.00 17.73 ? 117 TRP A CE2 1 
ATOM   916  C CE3 . TRP A 1 143 ? 1.129   9.191   -4.732  1.00 17.46 ? 117 TRP A CE3 1 
ATOM   917  C CZ2 . TRP A 1 143 ? 2.889   9.330   -2.523  1.00 22.37 ? 117 TRP A CZ2 1 
ATOM   918  C CZ3 . TRP A 1 143 ? 2.355   9.827   -4.825  1.00 19.24 ? 117 TRP A CZ3 1 
ATOM   919  C CH2 . TRP A 1 143 ? 3.219   9.893   -3.727  1.00 21.42 ? 117 TRP A CH2 1 
ATOM   920  N N   . PRO A 1 144 ? -3.526  9.049   -6.138  1.00 10.38 ? 118 PRO A N   1 
ATOM   921  C CA  . PRO A 1 144 ? -4.515  8.914   -7.222  1.00 10.42 ? 118 PRO A CA  1 
ATOM   922  C C   . PRO A 1 144 ? -4.505  7.556   -7.897  1.00 9.12  ? 118 PRO A C   1 
ATOM   923  O O   . PRO A 1 144 ? -5.534  7.131   -8.428  1.00 10.74 ? 118 PRO A O   1 
ATOM   924  C CB  . PRO A 1 144 ? -4.157  10.050  -8.194  1.00 14.10 ? 118 PRO A CB  1 
ATOM   925  C CG  . PRO A 1 144 ? -2.797  10.460  -7.834  1.00 15.75 ? 118 PRO A CG  1 
ATOM   926  C CD  . PRO A 1 144 ? -2.604  10.174  -6.365  1.00 12.42 ? 118 PRO A CD  1 
ATOM   927  N N   . ASP A 1 145 ? -3.386  6.836   -7.859  1.00 8.64  ? 119 ASP A N   1 
ATOM   928  C CA  . ASP A 1 145 ? -3.346  5.523   -8.494  1.00 9.39  ? 119 ASP A CA  1 
ATOM   929  C C   . ASP A 1 145 ? -4.273  4.536   -7.797  1.00 9.15  ? 119 ASP A C   1 
ATOM   930  O O   . ASP A 1 145 ? -4.769  3.595   -8.431  1.00 8.56  ? 119 ASP A O   1 
ATOM   931  C CB  . ASP A 1 145 ? -1.919  4.970   -8.528  1.00 9.19  ? 119 ASP A CB  1 
ATOM   932  C CG  . ASP A 1 145 ? -1.262  4.986   -7.167  1.00 9.56  ? 119 ASP A CG  1 
ATOM   933  O OD1 . ASP A 1 145 ? -0.943  6.095   -6.690  1.00 10.47 ? 119 ASP A OD1 1 
ATOM   934  O OD2 . ASP A 1 145 ? -1.078  3.911   -6.564  1.00 9.72  ? 119 ASP A OD2 1 
ATOM   935  N N   . ASP A 1 146 ? -4.531  4.743   -6.502  1.00 7.92  ? 120 ASP A N   1 
ATOM   936  C CA  . ASP A 1 146 ? -5.369  3.811   -5.748  1.00 8.96  ? 120 ASP A CA  1 
ATOM   937  C C   . ASP A 1 146 ? -6.753  3.690   -6.357  1.00 7.89  ? 120 ASP A C   1 
ATOM   938  O O   . ASP A 1 146 ? -7.367  2.624   -6.281  1.00 9.00  ? 120 ASP A O   1 
ATOM   939  C CB  . ASP A 1 146 ? -5.513  4.288   -4.303  1.00 9.01  ? 120 ASP A CB  1 
ATOM   940  C CG  . ASP A 1 146 ? -4.206  4.295   -3.549  1.00 10.95 ? 120 ASP A CG  1 
ATOM   941  O OD1 . ASP A 1 146 ? -3.126  4.415   -4.167  1.00 13.55 ? 120 ASP A OD1 1 
ATOM   942  O OD2 . ASP A 1 146 ? -4.257  4.218   -2.317  1.00 12.67 ? 120 ASP A OD2 1 
ATOM   943  N N   . SER A 1 147 ? -7.259  4.766   -6.959  1.00 8.95  ? 121 SER A N   1 
ATOM   944  C CA  . SER A 1 147 ? -8.579  4.709   -7.578  1.00 11.41 ? 121 SER A CA  1 
ATOM   945  C C   . SER A 1 147 ? -8.643  3.660   -8.675  1.00 10.41 ? 121 SER A C   1 
ATOM   946  O O   . SER A 1 147 ? -9.729  3.154   -8.979  1.00 11.51 ? 121 SER A O   1 
ATOM   947  C CB  . SER A 1 147 ? -8.957  6.078   -8.138  1.00 11.60 ? 121 SER A CB  1 
ATOM   948  O OG  . SER A 1 147 ? -9.155  7.009   -7.093  1.00 15.36 ? 121 SER A OG  1 
ATOM   949  N N   . TYR A 1 148 ? -7.497  3.329   -9.281  1.00 9.96  ? 122 TYR A N   1 
ATOM   950  C CA  . TYR A 1 148 ? -7.434  2.318   -10.333 1.00 10.48 ? 122 TYR A CA  1 
ATOM   951  C C   . TYR A 1 148 ? -7.316  0.902   -9.785  1.00 9.76  ? 122 TYR A C   1 
ATOM   952  O O   . TYR A 1 148 ? -8.038  0.005   -10.226 1.00 10.95 ? 122 TYR A O   1 
ATOM   953  C CB  . TYR A 1 148 ? -6.258  2.599   -11.265 1.00 11.60 ? 122 TYR A CB  1 
ATOM   954  C CG  . TYR A 1 148 ? -6.468  3.803   -12.127 1.00 13.81 ? 122 TYR A CG  1 
ATOM   955  C CD1 . TYR A 1 148 ? -7.235  3.715   -13.280 1.00 16.01 ? 122 TYR A CD1 1 
ATOM   956  C CD2 . TYR A 1 148 ? -5.918  5.024   -11.791 1.00 13.51 ? 122 TYR A CD2 1 
ATOM   957  C CE1 . TYR A 1 148 ? -7.439  4.820   -14.087 1.00 18.07 ? 122 TYR A CE1 1 
ATOM   958  C CE2 . TYR A 1 148 ? -6.112  6.143   -12.593 1.00 14.33 ? 122 TYR A CE2 1 
ATOM   959  C CZ  . TYR A 1 148 ? -6.871  6.027   -13.738 1.00 16.02 ? 122 TYR A CZ  1 
ATOM   960  O OH  . TYR A 1 148 ? -7.073  7.127   -14.547 1.00 18.71 ? 122 TYR A OH  1 
ATOM   961  N N   . TRP A 1 149 ? -6.408  0.666   -8.833  1.00 9.04  ? 123 TRP A N   1 
ATOM   962  C CA  . TRP A 1 149 ? -6.133  -0.708  -8.422  1.00 9.58  ? 123 TRP A CA  1 
ATOM   963  C C   . TRP A 1 149 ? -6.861  -1.146  -7.161  1.00 8.66  ? 123 TRP A C   1 
ATOM   964  O O   . TRP A 1 149 ? -7.062  -2.349  -6.972  1.00 9.30  ? 123 TRP A O   1 
ATOM   965  C CB  . TRP A 1 149 ? -4.624  -0.978  -8.289  1.00 8.80  ? 123 TRP A CB  1 
ATOM   966  C CG  . TRP A 1 149 ? -3.906  -0.093  -7.310  1.00 9.11  ? 123 TRP A CG  1 
ATOM   967  C CD1 . TRP A 1 149 ? -3.209  1.038   -7.597  1.00 8.54  ? 123 TRP A CD1 1 
ATOM   968  C CD2 . TRP A 1 149 ? -3.810  -0.279  -5.896  1.00 9.00  ? 123 TRP A CD2 1 
ATOM   969  N NE1 . TRP A 1 149 ? -2.670  1.572   -6.448  1.00 9.16  ? 123 TRP A NE1 1 
ATOM   970  C CE2 . TRP A 1 149 ? -3.034  0.784   -5.388  1.00 9.84  ? 123 TRP A CE2 1 
ATOM   971  C CE3 . TRP A 1 149 ? -4.292  -1.248  -5.013  1.00 10.34 ? 123 TRP A CE3 1 
ATOM   972  C CZ2 . TRP A 1 149 ? -2.731  0.908   -4.033  1.00 12.10 ? 123 TRP A CZ2 1 
ATOM   973  C CZ3 . TRP A 1 149 ? -3.999  -1.117  -3.660  1.00 11.74 ? 123 TRP A CZ3 1 
ATOM   974  C CH2 . TRP A 1 149 ? -3.230  -0.045  -3.187  1.00 12.17 ? 123 TRP A CH2 1 
ATOM   975  N N   . PHE A 1 150 ? -7.257  -0.220  -6.291  1.00 9.45  ? 124 PHE A N   1 
ATOM   976  C CA  . PHE A 1 150 ? -7.999  -0.628  -5.099  1.00 10.18 ? 124 PHE A CA  1 
ATOM   977  C C   . PHE A 1 150 ? -9.270  -1.396  -5.441  1.00 11.42 ? 124 PHE A C   1 
ATOM   978  O O   . PHE A 1 150 ? -9.547  -2.412  -4.775  1.00 12.75 ? 124 PHE A O   1 
ATOM   979  C CB  . PHE A 1 150 ? -8.289  0.590   -4.206  1.00 15.44 ? 124 PHE A CB  1 
ATOM   980  C CG  . PHE A 1 150 ? -8.065  0.351   -2.743  1.00 13.19 ? 124 PHE A CG  1 
ATOM   981  C CD1 . PHE A 1 150 ? -9.052  -0.233  -1.972  1.00 17.21 ? 124 PHE A CD1 1 
ATOM   982  C CD2 . PHE A 1 150 ? -6.872  0.719   -2.128  1.00 15.21 ? 124 PHE A CD2 1 
ATOM   983  C CE1 . PHE A 1 150 ? -8.858  -0.458  -0.614  1.00 19.27 ? 124 PHE A CE1 1 
ATOM   984  C CE2 . PHE A 1 150 ? -6.673  0.501   -0.772  1.00 15.78 ? 124 PHE A CE2 1 
ATOM   985  C CZ  . PHE A 1 150 ? -7.666  -0.095  -0.018  1.00 15.50 ? 124 PHE A CZ  1 
ATOM   986  N N   . PRO A 1 151 ? -10.056 -1.004  -6.447  1.00 10.77 ? 125 PRO A N   1 
ATOM   987  C CA  . PRO A 1 151 ? -11.235 -1.812  -6.801  1.00 13.09 ? 125 PRO A CA  1 
ATOM   988  C C   . PRO A 1 151 ? -10.897 -3.232  -7.225  1.00 10.61 ? 125 PRO A C   1 
ATOM   989  O O   . PRO A 1 151 ? -11.720 -4.138  -7.024  1.00 12.91 ? 125 PRO A O   1 
ATOM   990  C CB  . PRO A 1 151 ? -11.886 -1.002  -7.929  1.00 16.04 ? 125 PRO A CB  1 
ATOM   991  C CG  . PRO A 1 151 ? -11.477 0.420   -7.636  1.00 14.95 ? 125 PRO A CG  1 
ATOM   992  C CD  . PRO A 1 151 ? -10.056 0.293   -7.157  1.00 12.04 ? 125 PRO A CD  1 
ATOM   993  N N   . LEU A 1 152 ? -9.718  -3.460  -7.810  1.00 10.50 ? 126 LEU A N   1 
ATOM   994  C CA  . LEU A 1 152 ? -9.293  -4.827  -8.096  1.00 10.59 ? 126 LEU A CA  1 
ATOM   995  C C   . LEU A 1 152 ? -9.012  -5.584  -6.806  1.00 10.35 ? 126 LEU A C   1 
ATOM   996  O O   . LEU A 1 152 ? -9.445  -6.733  -6.639  1.00 11.87 ? 126 LEU A O   1 
ATOM   997  C CB  . LEU A 1 152 ? -8.056  -4.818  -8.994  1.00 10.95 ? 126 LEU A CB  1 
ATOM   998  C CG  . LEU A 1 152 ? -8.189  -3.979  -10.271 1.00 11.90 ? 126 LEU A CG  1 
ATOM   999  C CD1 . LEU A 1 152 ? -6.912  -4.098  -11.100 1.00 12.51 ? 126 LEU A CD1 1 
ATOM   1000 C CD2 . LEU A 1 152 ? -9.413  -4.372  -11.093 1.00 16.33 ? 126 LEU A CD2 1 
ATOM   1001 N N   . LEU A 1 153 ? -8.283  -4.955  -5.882  1.00 10.89 ? 127 LEU A N   1 
ATOM   1002 C CA  . LEU A 1 153 ? -8.042  -5.560  -4.576  1.00 12.46 ? 127 LEU A CA  1 
ATOM   1003 C C   . LEU A 1 153 ? -9.355  -5.945  -3.895  1.00 11.98 ? 127 LEU A C   1 
ATOM   1004 O O   . LEU A 1 153 ? -9.473  -7.041  -3.335  1.00 12.36 ? 127 LEU A O   1 
ATOM   1005 C CB  . LEU A 1 153 ? -7.237  -4.578  -3.725  1.00 14.07 ? 127 LEU A CB  1 
ATOM   1006 C CG  . LEU A 1 153 ? -6.621  -4.990  -2.392  1.00 22.89 ? 127 LEU A CG  1 
ATOM   1007 C CD1 . LEU A 1 153 ? -5.172  -4.535  -2.355  1.00 28.03 ? 127 LEU A CD1 1 
ATOM   1008 C CD2 . LEU A 1 153 ? -7.389  -4.367  -1.253  1.00 29.31 ? 127 LEU A CD2 1 
ATOM   1009 N N   . LEU A 1 154 ? -10.369 -5.084  -3.974  1.00 11.25 ? 128 LEU A N   1 
ATOM   1010 C CA  . LEU A 1 154 ? -11.627 -5.342  -3.277  1.00 11.90 ? 128 LEU A CA  1 
ATOM   1011 C C   . LEU A 1 154 ? -12.351 -6.556  -3.839  1.00 14.25 ? 128 LEU A C   1 
ATOM   1012 O O   . LEU A 1 154 ? -13.068 -7.243  -3.099  1.00 16.79 ? 128 LEU A O   1 
ATOM   1013 C CB  . LEU A 1 154 ? -12.535 -4.116  -3.358  1.00 14.02 ? 128 LEU A CB  1 
ATOM   1014 C CG  . LEU A 1 154 ? -12.086 -2.851  -2.629  1.00 14.42 ? 128 LEU A CG  1 
ATOM   1015 C CD1 . LEU A 1 154 ? -13.130 -1.764  -2.792  1.00 19.12 ? 128 LEU A CD1 1 
ATOM   1016 C CD2 . LEU A 1 154 ? -11.824 -3.133  -1.156  1.00 16.67 ? 128 LEU A CD2 1 
ATOM   1017 N N   . GLN A 1 155 ? -12.183 -6.840  -5.129  1.00 11.46 ? 129 GLN A N   1 
ATOM   1018 C CA  . GLN A 1 155 ? -12.788 -8.008  -5.749  1.00 11.75 ? 129 GLN A CA  1 
ATOM   1019 C C   . GLN A 1 155 ? -11.821 -9.181  -5.831  1.00 11.85 ? 129 GLN A C   1 
ATOM   1020 O O   . GLN A 1 155 ? -12.056 -10.123 -6.596  1.00 14.38 ? 129 GLN A O   1 
ATOM   1021 C CB  . GLN A 1 155 ? -13.386 -7.644  -7.110  1.00 12.20 ? 129 GLN A CB  1 
ATOM   1022 C CG  . GLN A 1 155 ? -14.622 -6.734  -6.973  1.00 13.11 ? 129 GLN A CG  1 
ATOM   1023 C CD  . GLN A 1 155 ? -15.283 -6.378  -8.306  1.00 13.79 ? 129 GLN A CD  1 
ATOM   1024 O OE1 . GLN A 1 155 ? -14.718 -6.596  -9.376  1.00 14.23 ? 129 GLN A OE1 1 
ATOM   1025 N NE2 . GLN A 1 155 ? -16.489 -5.822  -8.236  1.00 14.05 ? 129 GLN A NE2 1 
ATOM   1026 N N   . LYS A 1 156 ? -10.743 -9.144  -5.040  1.00 11.47 ? 130 LYS A N   1 
ATOM   1027 C CA  . LYS A 1 156 ? -9.818  -10.263 -4.887  1.00 13.44 ? 130 LYS A CA  1 
ATOM   1028 C C   . LYS A 1 156 ? -9.085  -10.584 -6.181  1.00 13.50 ? 130 LYS A C   1 
ATOM   1029 O O   . LYS A 1 156 ? -8.788  -11.747 -6.471  1.00 15.57 ? 130 LYS A O   1 
ATOM   1030 C CB  . LYS A 1 156 ? -10.503 -11.506 -4.306  1.00 17.23 ? 130 LYS A CB  1 
ATOM   1031 C CG  . LYS A 1 156 ? -11.153 -11.258 -2.954  1.00 21.42 ? 130 LYS A CG  1 
ATOM   1032 N N   . LYS A 1 157 ? -8.800  -9.564  -6.977  1.00 11.57 ? 131 LYS A N   1 
ATOM   1033 C CA  . LYS A 1 157 ? -8.030  -9.727  -8.195  1.00 12.09 ? 131 LYS A CA  1 
ATOM   1034 C C   . LYS A 1 157 ? -6.584  -9.341  -7.923  1.00 12.02 ? 131 LYS A C   1 
ATOM   1035 O O   . LYS A 1 157 ? -6.292  -8.560  -7.011  1.00 16.89 ? 131 LYS A O   1 
ATOM   1036 C CB  . LYS A 1 157 ? -8.601  -8.845  -9.307  1.00 13.93 ? 131 LYS A CB  1 
ATOM   1037 C CG  . LYS A 1 157 ? -10.070 -9.086  -9.585  1.00 15.75 ? 131 LYS A CG  1 
ATOM   1038 C CD  . LYS A 1 157 ? -10.320 -10.557 -9.835  1.00 18.43 ? 131 LYS A CD  1 
ATOM   1039 C CE  . LYS A 1 157 ? -11.575 -10.759 -10.636 1.00 26.09 ? 131 LYS A CE  1 
ATOM   1040 N NZ  . LYS A 1 157 ? -11.799 -12.196 -10.917 1.00 27.00 ? 131 LYS A NZ  1 
ATOM   1041 N N   . LYS A 1 158 ? -5.682  -9.913  -8.705  1.00 10.57 ? 132 LYS A N   1 
ATOM   1042 C CA  . LYS A 1 158 ? -4.259  -9.627  -8.626  1.00 10.46 ? 132 LYS A CA  1 
ATOM   1043 C C   . LYS A 1 158 ? -3.850  -8.810  -9.845  1.00 9.83  ? 132 LYS A C   1 
ATOM   1044 O O   . LYS A 1 158 ? -4.479  -8.905  -10.906 1.00 10.23 ? 132 LYS A O   1 
ATOM   1045 C CB  . LYS A 1 158 ? -3.455  -10.925 -8.563  1.00 11.46 ? 132 LYS A CB  1 
ATOM   1046 C CG  . LYS A 1 158 ? -3.786  -11.781 -7.340  1.00 13.21 ? 132 LYS A CG  1 
ATOM   1047 C CD  . LYS A 1 158 ? -3.176  -13.167 -7.434  1.00 19.37 ? 132 LYS A CD  1 
ATOM   1048 N N   . PHE A 1 159 ? -2.789  -8.014  -9.711  1.00 9.35  ? 133 PHE A N   1 
ATOM   1049 C CA  . PHE A 1 159 ? -2.490  -7.054  -10.767 1.00 8.70  ? 133 PHE A CA  1 
ATOM   1050 C C   . PHE A 1 159 ? -1.007  -6.713  -10.856 1.00 8.65  ? 133 PHE A C   1 
ATOM   1051 O O   . PHE A 1 159 ? -0.247  -6.828  -9.889  1.00 8.93  ? 133 PHE A O   1 
ATOM   1052 C CB  . PHE A 1 159 ? -3.301  -5.764  -10.594 1.00 10.52 ? 133 PHE A CB  1 
ATOM   1053 C CG  . PHE A 1 159 ? -3.123  -5.122  -9.254  1.00 10.22 ? 133 PHE A CG  1 
ATOM   1054 C CD1 . PHE A 1 159 ? -2.057  -4.280  -8.997  1.00 10.96 ? 133 PHE A CD1 1 
ATOM   1055 C CD2 . PHE A 1 159 ? -4.027  -5.377  -8.239  1.00 11.85 ? 133 PHE A CD2 1 
ATOM   1056 C CE1 . PHE A 1 159 ? -1.902  -3.701  -7.748  1.00 11.50 ? 133 PHE A CE1 1 
ATOM   1057 C CE2 . PHE A 1 159 ? -3.872  -4.801  -6.991  1.00 14.10 ? 133 PHE A CE2 1 
ATOM   1058 C CZ  . PHE A 1 159 ? -2.802  -3.963  -6.751  1.00 12.43 ? 133 PHE A CZ  1 
ATOM   1059 N N   . HIS A 1 160 ? -0.617  -6.252  -12.044 1.00 9.23  ? 134 HIS A N   1 
ATOM   1060 C CA  . HIS A 1 160 ? 0.654   -5.587  -12.290 1.00 9.36  ? 134 HIS A CA  1 
ATOM   1061 C C   . HIS A 1 160 ? 0.341   -4.207  -12.843 1.00 11.12 ? 134 HIS A C   1 
ATOM   1062 O O   . HIS A 1 160 ? -0.442  -4.080  -13.793 1.00 11.09 ? 134 HIS A O   1 
ATOM   1063 C CB  . HIS A 1 160 ? 1.486   -6.345  -13.330 1.00 11.39 ? 134 HIS A CB  1 
ATOM   1064 C CG  . HIS A 1 160 ? 2.164   -7.569  -12.807 1.00 12.01 ? 134 HIS A CG  1 
ATOM   1065 N ND1 . HIS A 1 160 ? 2.940   -8.379  -13.608 1.00 17.83 ? 134 HIS A ND1 1 
ATOM   1066 C CD2 . HIS A 1 160 ? 2.207   -8.116  -11.570 1.00 10.45 ? 134 HIS A CD2 1 
ATOM   1067 C CE1 . HIS A 1 160 ? 3.422   -9.376  -12.890 1.00 18.39 ? 134 HIS A CE1 1 
ATOM   1068 N NE2 . HIS A 1 160 ? 2.996   -9.239  -11.649 1.00 14.11 ? 134 HIS A NE2 1 
ATOM   1069 N N   . GLY A 1 161 ? 0.949   -3.175  -12.267 1.00 10.01 ? 135 GLY A N   1 
ATOM   1070 C CA  . GLY A 1 161 ? 0.710   -1.825  -12.724 1.00 12.50 ? 135 GLY A CA  1 
ATOM   1071 C C   . GLY A 1 161 ? 1.999   -1.039  -12.840 1.00 9.52  ? 135 GLY A C   1 
ATOM   1072 O O   . GLY A 1 161 ? 3.034   -1.387  -12.259 1.00 8.96  ? 135 GLY A O   1 
ATOM   1073 N N   . TYR A 1 162 ? 1.911   0.039   -13.613 1.00 9.93  ? 136 TYR A N   1 
ATOM   1074 C CA  A TYR A 1 162 ? 2.987   1.012   -13.756 0.50 10.05 ? 136 TYR A CA  1 
ATOM   1075 C CA  B TYR A 1 162 ? 2.981   1.014   -13.748 0.50 10.05 ? 136 TYR A CA  1 
ATOM   1076 C C   . TYR A 1 162 ? 2.335   2.382   -13.819 1.00 8.99  ? 136 TYR A C   1 
ATOM   1077 O O   . TYR A 1 162 ? 1.413   2.587   -14.613 1.00 10.08 ? 136 TYR A O   1 
ATOM   1078 C CB  A TYR A 1 162 ? 3.793   0.746   -15.041 0.50 11.56 ? 136 TYR A CB  1 
ATOM   1079 C CB  B TYR A 1 162 ? 3.781   0.787   -15.031 0.50 11.55 ? 136 TYR A CB  1 
ATOM   1080 C CG  A TYR A 1 162 ? 5.088   1.537   -15.187 0.50 11.63 ? 136 TYR A CG  1 
ATOM   1081 C CG  B TYR A 1 162 ? 4.566   2.006   -15.447 0.50 10.76 ? 136 TYR A CG  1 
ATOM   1082 C CD1 A TYR A 1 162 ? 5.066   2.897   -15.483 0.50 11.97 ? 136 TYR A CD1 1 
ATOM   1083 C CD1 B TYR A 1 162 ? 5.799   2.286   -14.871 0.50 13.86 ? 136 TYR A CD1 1 
ATOM   1084 C CD2 A TYR A 1 162 ? 6.331   0.923   -15.045 0.50 11.14 ? 136 TYR A CD2 1 
ATOM   1085 C CD2 B TYR A 1 162 ? 4.072   2.887   -16.402 0.50 12.12 ? 136 TYR A CD2 1 
ATOM   1086 C CE1 A TYR A 1 162 ? 6.234   3.624   -15.623 0.50 14.67 ? 136 TYR A CE1 1 
ATOM   1087 C CE1 B TYR A 1 162 ? 6.519   3.404   -15.243 0.50 13.12 ? 136 TYR A CE1 1 
ATOM   1088 C CE2 A TYR A 1 162 ? 7.509   1.650   -15.187 0.50 12.77 ? 136 TYR A CE2 1 
ATOM   1089 C CE2 B TYR A 1 162 ? 4.781   4.003   -16.773 0.50 13.66 ? 136 TYR A CE2 1 
ATOM   1090 C CZ  A TYR A 1 162 ? 7.450   2.999   -15.474 0.50 12.33 ? 136 TYR A CZ  1 
ATOM   1091 C CZ  B TYR A 1 162 ? 6.004   4.254   -16.197 0.50 13.47 ? 136 TYR A CZ  1 
ATOM   1092 O OH  A TYR A 1 162 ? 8.611   3.729   -15.620 0.50 11.95 ? 136 TYR A OH  1 
ATOM   1093 O OH  B TYR A 1 162 ? 6.707   5.368   -16.576 0.50 16.91 ? 136 TYR A OH  1 
ATOM   1094 N N   . PHE A 1 163 ? 2.799   3.317   -12.994 1.00 8.44  ? 137 PHE A N   1 
ATOM   1095 C CA  . PHE A 1 163 ? 2.271   4.680   -12.999 1.00 8.72  ? 137 PHE A CA  1 
ATOM   1096 C C   . PHE A 1 163 ? 3.414   5.674   -13.110 1.00 9.07  ? 137 PHE A C   1 
ATOM   1097 O O   . PHE A 1 163 ? 4.358   5.627   -12.320 1.00 10.20 ? 137 PHE A O   1 
ATOM   1098 C CB  . PHE A 1 163 ? 1.455   4.984   -11.740 1.00 9.45  ? 137 PHE A CB  1 
ATOM   1099 C CG  . PHE A 1 163 ? 0.184   4.198   -11.654 1.00 8.78  ? 137 PHE A CG  1 
ATOM   1100 C CD1 . PHE A 1 163 ? 0.193   2.896   -11.178 1.00 10.72 ? 137 PHE A CD1 1 
ATOM   1101 C CD2 . PHE A 1 163 ? -1.015  4.758   -12.056 1.00 8.89  ? 137 PHE A CD2 1 
ATOM   1102 C CE1 . PHE A 1 163 ? -0.984  2.161   -11.123 1.00 11.30 ? 137 PHE A CE1 1 
ATOM   1103 C CE2 . PHE A 1 163 ? -2.191  4.025   -12.006 1.00 10.07 ? 137 PHE A CE2 1 
ATOM   1104 C CZ  . PHE A 1 163 ? -2.176  2.737   -11.542 1.00 10.47 ? 137 PHE A CZ  1 
ATOM   1105 N N   . LYS A 1 164 ? 3.321   6.568   -14.091 1.00 8.73  ? 138 LYS A N   1 
ATOM   1106 C CA  . LYS A 1 164 ? 4.265   7.666   -14.259 1.00 9.28  ? 138 LYS A CA  1 
ATOM   1107 C C   . LYS A 1 164 ? 3.618   8.929   -13.703 1.00 9.21  ? 138 LYS A C   1 
ATOM   1108 O O   . LYS A 1 164 ? 2.574   9.377   -14.211 1.00 10.25 ? 138 LYS A O   1 
ATOM   1109 C CB  . LYS A 1 164 ? 4.589   7.858   -15.736 1.00 10.29 ? 138 LYS A CB  1 
ATOM   1110 C CG  . LYS A 1 164 ? 5.607   8.957   -16.016 1.00 11.58 ? 138 LYS A CG  1 
ATOM   1111 C CD  . LYS A 1 164 ? 5.871   9.106   -17.518 1.00 15.38 ? 138 LYS A CD  1 
ATOM   1112 C CE  . LYS A 1 164 ? 6.800   10.274  -17.836 1.00 16.86 ? 138 LYS A CE  1 
ATOM   1113 N NZ  . LYS A 1 164 ? 7.061   10.455  -19.294 1.00 16.25 ? 138 LYS A NZ  1 
ATOM   1114 N N   . PHE A 1 165 ? 4.242   9.502   -12.680 1.00 8.92  ? 139 PHE A N   1 
ATOM   1115 C CA  . PHE A 1 165 ? 3.744   10.657  -11.957 1.00 8.94  ? 139 PHE A CA  1 
ATOM   1116 C C   . PHE A 1 165 ? 4.581   11.888  -12.274 1.00 11.38 ? 139 PHE A C   1 
ATOM   1117 O O   . PHE A 1 165 ? 5.803   11.812  -12.462 1.00 11.40 ? 139 PHE A O   1 
ATOM   1118 C CB  . PHE A 1 165 ? 3.878   10.434  -10.443 1.00 9.63  ? 139 PHE A CB  1 
ATOM   1119 C CG  . PHE A 1 165 ? 2.681   9.782   -9.799  1.00 8.87  ? 139 PHE A CG  1 
ATOM   1120 C CD1 . PHE A 1 165 ? 2.491   8.410   -9.855  1.00 10.96 ? 139 PHE A CD1 1 
ATOM   1121 C CD2 . PHE A 1 165 ? 1.750   10.550  -9.124  1.00 11.86 ? 139 PHE A CD2 1 
ATOM   1122 C CE1 . PHE A 1 165 ? 1.387   7.826   -9.237  1.00 11.17 ? 139 PHE A CE1 1 
ATOM   1123 C CE2 . PHE A 1 165 ? 0.653   9.963   -8.514  1.00 12.31 ? 139 PHE A CE2 1 
ATOM   1124 C CZ  . PHE A 1 165 ? 0.475   8.605   -8.569  1.00 11.91 ? 139 PHE A CZ  1 
ATOM   1125 N N   . GLN A 1 166 ? 3.915   13.029  -12.285 1.00 10.71 ? 140 GLN A N   1 
ATOM   1126 C CA  . GLN A 1 166 ? 4.585   14.318  -12.184 1.00 13.81 ? 140 GLN A CA  1 
ATOM   1127 C C   . GLN A 1 166 ? 4.209   14.892  -10.828 1.00 16.08 ? 140 GLN A C   1 
ATOM   1128 O O   . GLN A 1 166 ? 3.042   15.220  -10.590 1.00 18.34 ? 140 GLN A O   1 
ATOM   1129 C CB  . GLN A 1 166 ? 4.153   15.244  -13.316 1.00 16.49 ? 140 GLN A CB  1 
ATOM   1130 C CG  . GLN A 1 166 ? 4.961   16.536  -13.401 1.00 24.11 ? 140 GLN A CG  1 
ATOM   1131 C CD  . GLN A 1 166 ? 4.657   17.315  -14.663 1.00 34.09 ? 140 GLN A CD  1 
ATOM   1132 O OE1 . GLN A 1 166 ? 3.639   18.001  -14.751 1.00 39.35 ? 140 GLN A OE1 1 
ATOM   1133 N NE2 . GLN A 1 166 ? 5.533   17.200  -15.656 1.00 40.01 ? 140 GLN A NE2 1 
ATOM   1134 N N   . GLY A 1 167 ? 5.191   14.996  -9.936  1.00 15.72 ? 141 GLY A N   1 
ATOM   1135 C CA  . GLY A 1 167 ? 4.881   15.359  -8.572  1.00 17.65 ? 141 GLY A CA  1 
ATOM   1136 C C   . GLY A 1 167 ? 4.066   14.262  -7.902  1.00 16.53 ? 141 GLY A C   1 
ATOM   1137 O O   . GLY A 1 167 ? 4.063   13.103  -8.317  1.00 19.31 ? 141 GLY A O   1 
ATOM   1138 N N   . GLN A 1 168 ? 3.352   14.648  -6.847  1.00 17.09 ? 142 GLN A N   1 
ATOM   1139 C CA  . GLN A 1 168 ? 2.577   13.684  -6.079  1.00 16.19 ? 142 GLN A CA  1 
ATOM   1140 C C   . GLN A 1 168 ? 1.117   13.581  -6.504  1.00 17.74 ? 142 GLN A C   1 
ATOM   1141 O O   . GLN A 1 168 ? 0.411   12.694  -6.016  1.00 16.22 ? 142 GLN A O   1 
ATOM   1142 C CB  . GLN A 1 168 ? 2.650   14.003  -4.580  1.00 24.46 ? 142 GLN A CB  1 
ATOM   1143 C CG  . GLN A 1 168 ? 3.985   13.670  -3.927  1.00 32.82 ? 142 GLN A CG  1 
ATOM   1144 C CD  . GLN A 1 168 ? 3.862   13.453  -2.429  1.00 31.86 ? 142 GLN A CD  1 
ATOM   1145 N N   . ASP A 1 169 ? 0.645   14.438  -7.409  1.00 14.47 ? 143 ASP A N   1 
ATOM   1146 C CA  . ASP A 1 169 ? -0.781  14.549  -7.669  1.00 16.55 ? 143 ASP A CA  1 
ATOM   1147 C C   . ASP A 1 169 ? -1.209  14.164  -9.075  1.00 14.06 ? 143 ASP A C   1 
ATOM   1148 O O   . ASP A 1 169 ? -2.405  13.946  -9.290  1.00 18.51 ? 143 ASP A O   1 
ATOM   1149 C CB  . ASP A 1 169 ? -1.262  15.986  -7.402  1.00 19.16 ? 143 ASP A CB  1 
ATOM   1150 C CG  . ASP A 1 169 ? -1.036  16.420  -5.970  1.00 25.35 ? 143 ASP A CG  1 
ATOM   1151 O OD1 . ASP A 1 169 ? -0.977  15.544  -5.082  1.00 24.81 ? 143 ASP A OD1 1 
ATOM   1152 O OD2 . ASP A 1 169 ? -0.910  17.643  -5.740  1.00 31.71 ? 143 ASP A OD2 1 
ATOM   1153 N N   . THR A 1 170 ? -0.292  14.087  -10.034 1.00 12.66 ? 144 THR A N   1 
ATOM   1154 C CA  . THR A 1 170 ? -0.650  13.975  -11.443 1.00 11.82 ? 144 THR A CA  1 
ATOM   1155 C C   . THR A 1 170 ? -0.118  12.674  -12.024 1.00 9.30  ? 144 THR A C   1 
ATOM   1156 O O   . THR A 1 170 ? 1.098   12.443  -12.048 1.00 10.79 ? 144 THR A O   1 
ATOM   1157 C CB  . THR A 1 170 ? -0.100  15.158  -12.229 1.00 11.55 ? 144 THR A CB  1 
ATOM   1158 O OG1 . THR A 1 170 ? -0.580  16.372  -11.639 1.00 14.97 ? 144 THR A OG1 1 
ATOM   1159 C CG2 . THR A 1 170 ? -0.563  15.082  -13.673 1.00 14.85 ? 144 THR A CG2 1 
ATOM   1160 N N   . ILE A 1 171 ? -1.025  11.844  -12.523 1.00 8.68  ? 145 ILE A N   1 
ATOM   1161 C CA  . ILE A 1 171 ? -0.659  10.662  -13.295 1.00 9.40  ? 145 ILE A CA  1 
ATOM   1162 C C   . ILE A 1 171 ? -0.549  11.083  -14.758 1.00 9.16  ? 145 ILE A C   1 
ATOM   1163 O O   . ILE A 1 171 ? -1.547  11.458  -15.389 1.00 9.89  ? 145 ILE A O   1 
ATOM   1164 C CB  . ILE A 1 171 ? -1.672  9.522   -13.116 1.00 9.05  ? 145 ILE A CB  1 
ATOM   1165 C CG1 . ILE A 1 171 ? -1.709  9.051   -11.658 1.00 9.79  ? 145 ILE A CG1 1 
ATOM   1166 C CG2 . ILE A 1 171 ? -1.356  8.382   -14.077 1.00 10.42 ? 145 ILE A CG2 1 
ATOM   1167 C CD1 . ILE A 1 171 ? -2.906  8.176   -11.346 1.00 11.65 ? 145 ILE A CD1 1 
ATOM   1168 N N   . LEU A 1 172 ? 0.665   11.034  -15.302 1.00 8.97  ? 146 LEU A N   1 
ATOM   1169 C CA  . LEU A 1 172 ? 0.869   11.346  -16.712 1.00 8.98  ? 146 LEU A CA  1 
ATOM   1170 C C   . LEU A 1 172 ? 0.456   10.188  -17.605 1.00 10.69 ? 146 LEU A C   1 
ATOM   1171 O O   . LEU A 1 172 ? -0.147  10.404  -18.663 1.00 11.57 ? 146 LEU A O   1 
ATOM   1172 C CB  . LEU A 1 172 ? 2.338   11.685  -16.950 1.00 11.24 ? 146 LEU A CB  1 
ATOM   1173 C CG  . LEU A 1 172 ? 2.898   12.884  -16.178 1.00 9.24  ? 146 LEU A CG  1 
ATOM   1174 C CD1 . LEU A 1 172 ? 4.381   13.005  -16.431 1.00 14.08 ? 146 LEU A CD1 1 
ATOM   1175 C CD2 . LEU A 1 172 ? 2.177   14.151  -16.595 1.00 14.13 ? 146 LEU A CD2 1 
ATOM   1176 N N   . ASP A 1 173 ? 0.786   8.961   -17.211 1.00 9.11  ? 147 ASP A N   1 
ATOM   1177 C CA  . ASP A 1 173 ? 0.531   7.762   -17.999 1.00 10.27 ? 147 ASP A CA  1 
ATOM   1178 C C   . ASP A 1 173 ? 0.520   6.584   -17.043 1.00 9.45  ? 147 ASP A C   1 
ATOM   1179 O O   . ASP A 1 173 ? 1.135   6.628   -15.976 1.00 9.49  ? 147 ASP A O   1 
ATOM   1180 C CB  . ASP A 1 173 ? 1.634   7.495   -19.037 1.00 12.88 ? 147 ASP A CB  1 
ATOM   1181 C CG  . ASP A 1 173 ? 1.908   8.678   -19.926 1.00 13.04 ? 147 ASP A CG  1 
ATOM   1182 O OD1 . ASP A 1 173 ? 2.741   9.508   -19.527 1.00 13.56 ? 147 ASP A OD1 1 
ATOM   1183 O OD2 . ASP A 1 173 ? 1.331   8.763   -21.027 1.00 12.63 ? 147 ASP A OD2 1 
ATOM   1184 N N   . TYR A 1 174 ? -0.154  5.515   -17.438 1.00 9.73  ? 148 TYR A N   1 
ATOM   1185 C CA  . TYR A 1 174 ? -0.143  4.320   -16.609 1.00 10.02 ? 148 TYR A CA  1 
ATOM   1186 C C   . TYR A 1 174 ? -0.531  3.122   -17.448 1.00 11.15 ? 148 TYR A C   1 
ATOM   1187 O O   . TYR A 1 174 ? -1.113  3.252   -18.532 1.00 12.44 ? 148 TYR A O   1 
ATOM   1188 C CB  . TYR A 1 174 ? -1.102  4.442   -15.421 1.00 10.37 ? 148 TYR A CB  1 
ATOM   1189 C CG  . TYR A 1 174 ? -2.547  4.193   -15.786 1.00 11.28 ? 148 TYR A CG  1 
ATOM   1190 C CD1 . TYR A 1 174 ? -3.308  5.179   -16.420 1.00 12.82 ? 148 TYR A CD1 1 
ATOM   1191 C CD2 . TYR A 1 174 ? -3.153  2.971   -15.518 1.00 11.63 ? 148 TYR A CD2 1 
ATOM   1192 C CE1 . TYR A 1 174 ? -4.638  4.949   -16.768 1.00 14.63 ? 148 TYR A CE1 1 
ATOM   1193 C CE2 . TYR A 1 174 ? -4.470  2.729   -15.863 1.00 15.87 ? 148 TYR A CE2 1 
ATOM   1194 C CZ  . TYR A 1 174 ? -5.205  3.720   -16.484 1.00 15.68 ? 148 TYR A CZ  1 
ATOM   1195 O OH  . TYR A 1 174 ? -6.516  3.475   -16.825 1.00 22.12 ? 148 TYR A OH  1 
ATOM   1196 N N   . THR A 1 175 ? -0.206  1.949   -16.923 1.00 10.39 ? 149 THR A N   1 
ATOM   1197 C CA  . THR A 1 175 ? -0.767  0.689   -17.380 1.00 12.27 ? 149 THR A CA  1 
ATOM   1198 C C   . THR A 1 175 ? -1.148  -0.134  -16.161 1.00 11.88 ? 149 THR A C   1 
ATOM   1199 O O   . THR A 1 175 ? -0.544  -0.010  -15.093 1.00 10.94 ? 149 THR A O   1 
ATOM   1200 C CB  . THR A 1 175 ? 0.230   -0.110  -18.219 1.00 13.19 ? 149 THR A CB  1 
ATOM   1201 O OG1 . THR A 1 175 ? 1.367   -0.442  -17.420 1.00 17.17 ? 149 THR A OG1 1 
ATOM   1202 C CG2 . THR A 1 175 ? 0.682   0.685   -19.437 1.00 20.35 ? 149 THR A CG2 1 
ATOM   1203 N N   . LEU A 1 176 ? -2.162  -0.969  -16.324 1.00 11.50 ? 150 LEU A N   1 
ATOM   1204 C CA  . LEU A 1 176 ? -2.636  -1.806  -15.232 1.00 11.60 ? 150 LEU A CA  1 
ATOM   1205 C C   . LEU A 1 176 ? -3.325  -3.005  -15.846 1.00 12.82 ? 150 LEU A C   1 
ATOM   1206 O O   . LEU A 1 176 ? -4.225  -2.848  -16.685 1.00 14.93 ? 150 LEU A O   1 
ATOM   1207 C CB  . LEU A 1 176 ? -3.610  -1.036  -14.342 1.00 12.72 ? 150 LEU A CB  1 
ATOM   1208 C CG  . LEU A 1 176 ? -4.122  -1.748  -13.088 1.00 13.13 ? 150 LEU A CG  1 
ATOM   1209 C CD1 . LEU A 1 176 ? -2.989  -2.106  -12.138 1.00 12.99 ? 150 LEU A CD1 1 
ATOM   1210 C CD2 . LEU A 1 176 ? -5.142  -0.867  -12.385 1.00 13.36 ? 150 LEU A CD2 1 
ATOM   1211 N N   . ARG A 1 177 ? -2.905  -4.194  -15.449 1.00 12.26 ? 151 ARG A N   1 
ATOM   1212 C CA  . ARG A 1 177 ? -3.536  -5.403  -15.944 1.00 13.54 ? 151 ARG A CA  1 
ATOM   1213 C C   . ARG A 1 177 ? -3.672  -6.412  -14.816 1.00 12.37 ? 151 ARG A C   1 
ATOM   1214 O O   . ARG A 1 177 ? -2.849  -6.470  -13.895 1.00 12.13 ? 151 ARG A O   1 
ATOM   1215 C CB  . ARG A 1 177 ? -2.790  -6.010  -17.136 1.00 19.40 ? 151 ARG A CB  1 
ATOM   1216 C CG  . ARG A 1 177 ? -1.559  -6.800  -16.779 1.00 19.69 ? 151 ARG A CG  1 
ATOM   1217 C CD  . ARG A 1 177 ? -1.047  -7.545  -18.005 1.00 28.41 ? 151 ARG A CD  1 
ATOM   1218 N NE  . ARG A 1 177 ? 0.109   -8.380  -17.697 1.00 30.52 ? 151 ARG A NE  1 
ATOM   1219 C CZ  . ARG A 1 177 ? 0.043   -9.689  -17.478 1.00 29.04 ? 151 ARG A CZ  1 
ATOM   1220 N NH1 . ARG A 1 177 ? -1.127  -10.316 -17.530 1.00 32.54 ? 151 ARG A NH1 1 
ATOM   1221 N NH2 . ARG A 1 177 ? 1.147   -10.371 -17.202 1.00 35.22 ? 151 ARG A NH2 1 
ATOM   1222 N N   . GLU A 1 178 ? -4.746  -7.184  -14.879 1.00 11.58 ? 152 GLU A N   1 
ATOM   1223 C CA  . GLU A 1 178 ? -4.926  -8.283  -13.950 1.00 11.64 ? 152 GLU A CA  1 
ATOM   1224 C C   . GLU A 1 178 ? -4.047  -9.451  -14.356 1.00 12.05 ? 152 GLU A C   1 
ATOM   1225 O O   . GLU A 1 178 ? -3.785  -9.679  -15.543 1.00 14.72 ? 152 GLU A O   1 
ATOM   1226 C CB  . GLU A 1 178 ? -6.387  -8.722  -13.911 1.00 13.41 ? 152 GLU A CB  1 
ATOM   1227 C CG  . GLU A 1 178 ? -7.286  -7.615  -13.441 1.00 14.91 ? 152 GLU A CG  1 
ATOM   1228 C CD  . GLU A 1 178 ? -8.731  -8.039  -13.253 1.00 15.53 ? 152 GLU A CD  1 
ATOM   1229 O OE1 . GLU A 1 178 ? -9.028  -9.247  -13.276 1.00 17.76 ? 152 GLU A OE1 1 
ATOM   1230 O OE2 . GLU A 1 178 ? -9.575  -7.143  -13.086 1.00 18.85 ? 152 GLU A OE2 1 
ATOM   1231 N N   . VAL A 1 179 ? -3.571  -10.184 -13.355 1.00 11.30 ? 153 VAL A N   1 
ATOM   1232 C CA  . VAL A 1 179 ? -2.658  -11.298 -13.561 1.00 12.62 ? 153 VAL A CA  1 
ATOM   1233 C C   . VAL A 1 179 ? -3.130  -12.480 -12.729 1.00 13.40 ? 153 VAL A C   1 
ATOM   1234 O O   . VAL A 1 179 ? -3.852  -12.335 -11.739 1.00 13.52 ? 153 VAL A O   1 
ATOM   1235 C CB  . VAL A 1 179 ? -1.195  -10.952 -13.195 1.00 11.78 ? 153 VAL A CB  1 
ATOM   1236 C CG1 . VAL A 1 179 ? -0.664  -9.818  -14.066 1.00 14.36 ? 153 VAL A CG1 1 
ATOM   1237 C CG2 . VAL A 1 179 ? -1.077  -10.611 -11.710 1.00 12.93 ? 153 VAL A CG2 1 
ATOM   1238 N N   . ASP A 1 180 ? -2.686  -13.668 -13.135 1.00 14.48 ? 154 ASP A N   1 
ATOM   1239 C CA  . ASP A 1 180 ? -2.911  -14.862 -12.330 1.00 16.86 ? 154 ASP A CA  1 
ATOM   1240 C C   . ASP A 1 180 ? -1.807  -15.107 -11.314 1.00 13.55 ? 154 ASP A C   1 
ATOM   1241 O O   . ASP A 1 180 ? -2.067  -15.693 -10.258 1.00 17.51 ? 154 ASP A O   1 
ATOM   1242 C CB  . ASP A 1 180 ? -3.050  -16.096 -13.228 1.00 18.04 ? 154 ASP A CB  1 
ATOM   1243 C CG  . ASP A 1 180 ? -4.324  -16.081 -14.042 1.00 22.16 ? 154 ASP A CG  1 
ATOM   1244 O OD1 . ASP A 1 180 ? -5.350  -15.587 -13.534 1.00 24.61 ? 154 ASP A OD1 1 
ATOM   1245 O OD2 . ASP A 1 180 ? -4.301  -16.584 -15.184 1.00 30.19 ? 154 ASP A OD2 1 
ATOM   1246 N N   . THR A 1 181 ? -0.582  -14.673 -11.608 1.00 14.38 ? 155 THR A N   1 
ATOM   1247 C CA  . THR A 1 181 ? 0.554   -14.840 -10.710 1.00 14.19 ? 155 THR A CA  1 
ATOM   1248 C C   . THR A 1 181 ? 1.205   -13.479 -10.521 1.00 15.26 ? 155 THR A C   1 
ATOM   1249 O O   . THR A 1 181 ? 1.608   -12.841 -11.499 1.00 16.95 ? 155 THR A O   1 
ATOM   1250 C CB  . THR A 1 181 ? 1.574   -15.838 -11.282 1.00 15.96 ? 155 THR A CB  1 
ATOM   1251 O OG1 . THR A 1 181 ? 0.899   -17.017 -11.749 1.00 20.21 ? 155 THR A OG1 1 
ATOM   1252 C CG2 . THR A 1 181 ? 2.586   -16.229 -10.226 1.00 21.22 ? 155 THR A CG2 1 
ATOM   1253 N N   . VAL A 1 182 ? 1.300   -13.029 -9.277  1.00 13.16 ? 156 VAL A N   1 
ATOM   1254 C CA  . VAL A 1 182 ? 1.928   -11.749 -8.994  1.00 12.18 ? 156 VAL A CA  1 
ATOM   1255 C C   . VAL A 1 182 ? 3.429   -11.817 -9.244  1.00 16.68 ? 156 VAL A C   1 
ATOM   1256 O O   . VAL A 1 182 ? 4.014   -10.920 -9.856  1.00 17.07 ? 156 VAL A O   1 
ATOM   1257 C CB  . VAL A 1 182 ? 1.634   -11.310 -7.555  1.00 13.16 ? 156 VAL A CB  1 
ATOM   1258 C CG1 . VAL A 1 182 ? 2.375   -10.015 -7.229  1.00 15.33 ? 156 VAL A CG1 1 
ATOM   1259 C CG2 . VAL A 1 182 ? 0.136   -11.144 -7.356  1.00 14.18 ? 156 VAL A CG2 1 
ATOM   1260 O OXT . VAL A 1 182 ? 4.078   -12.786 -8.838  1.00 16.76 ? 156 VAL A OXT 1 
HETATM 1261 S S   . SO4 B 2 .   ? 3.391   -7.383  -17.046 1.00 54.99 ? 201 SO4 A S   1 
HETATM 1262 O O1  . SO4 B 2 .   ? 3.157   -8.740  -16.556 1.00 41.97 ? 201 SO4 A O1  1 
HETATM 1263 O O2  . SO4 B 2 .   ? 4.519   -7.387  -17.976 1.00 49.79 ? 201 SO4 A O2  1 
HETATM 1264 O O3  . SO4 B 2 .   ? 2.191   -6.900  -17.724 1.00 46.58 ? 201 SO4 A O3  1 
HETATM 1265 O O4  . SO4 B 2 .   ? 3.699   -6.498  -15.928 1.00 42.57 ? 201 SO4 A O4  1 
HETATM 1266 S S   . SO4 C 2 .   ? -0.037  -14.173 -15.841 1.00 32.74 ? 202 SO4 A S   1 
HETATM 1267 O O1  . SO4 C 2 .   ? 0.018   -15.354 -16.701 1.00 35.24 ? 202 SO4 A O1  1 
HETATM 1268 O O2  . SO4 C 2 .   ? 1.002   -13.224 -16.238 1.00 28.35 ? 202 SO4 A O2  1 
HETATM 1269 O O3  . SO4 C 2 .   ? -1.338  -13.527 -15.997 1.00 26.19 ? 202 SO4 A O3  1 
HETATM 1270 O O4  . SO4 C 2 .   ? 0.164   -14.575 -14.443 1.00 26.57 ? 202 SO4 A O4  1 
HETATM 1271 S S   . SO4 D 2 .   ? 0.112   -16.101 -1.791  1.00 26.34 ? 203 SO4 A S   1 
HETATM 1272 O O1  . SO4 D 2 .   ? 0.034   -16.330 -3.232  1.00 38.89 ? 203 SO4 A O1  1 
HETATM 1273 O O2  . SO4 D 2 .   ? 0.721   -17.260 -1.142  1.00 35.65 ? 203 SO4 A O2  1 
HETATM 1274 O O3  . SO4 D 2 .   ? -1.231  -15.886 -1.259  1.00 29.48 ? 203 SO4 A O3  1 
HETATM 1275 O O4  . SO4 D 2 .   ? 0.952   -14.930 -1.539  1.00 21.24 ? 203 SO4 A O4  1 
HETATM 1276 S S   . SO4 E 2 .   ? 4.484   11.960  -21.337 0.50 13.76 ? 204 SO4 A S   1 
HETATM 1277 O O1  . SO4 E 2 .   ? 5.205   10.734  -21.683 0.50 14.01 ? 204 SO4 A O1  1 
HETATM 1278 O O2  . SO4 E 2 .   ? 4.461   12.837  -22.501 0.50 18.23 ? 204 SO4 A O2  1 
HETATM 1279 O O3  . SO4 E 2 .   ? 3.108   11.661  -20.938 0.50 14.01 ? 204 SO4 A O3  1 
HETATM 1280 O O4  . SO4 E 2 .   ? 5.165   12.611  -20.224 0.50 18.23 ? 204 SO4 A O4  1 
HETATM 1281 C C10 . F3E F 3 .   ? 5.829   2.897   -0.596  1.00 23.67 ? 205 F3E A C10 1 
HETATM 1282 C C02 . F3E F 3 .   ? 0.497   4.465   -3.381  1.00 15.89 ? 205 F3E A C02 1 
HETATM 1283 C C04 . F3E F 3 .   ? 1.858   5.694   -4.781  1.00 16.34 ? 205 F3E A C04 1 
HETATM 1284 C C05 . F3E F 3 .   ? 2.946   5.270   -4.018  1.00 16.89 ? 205 F3E A C05 1 
HETATM 1285 C C06 . F3E F 3 .   ? 2.731   4.432   -2.931  1.00 18.46 ? 205 F3E A C06 1 
HETATM 1286 C C07 . F3E F 3 .   ? 3.782   3.952   -2.152  1.00 19.99 ? 205 F3E A C07 1 
HETATM 1287 C C08 . F3E F 3 .   ? 5.035   4.544   -2.168  1.00 26.63 ? 205 F3E A C08 1 
HETATM 1288 C C09 . F3E F 3 .   ? 6.053   4.018   -1.385  1.00 27.62 ? 205 F3E A C09 1 
HETATM 1289 C C11 . F3E F 3 .   ? 4.581   2.295   -0.581  1.00 19.15 ? 205 F3E A C11 1 
HETATM 1290 C C12 . F3E F 3 .   ? 3.572   2.827   -1.369  1.00 19.10 ? 205 F3E A C12 1 
HETATM 1291 N N01 . F3E F 3 .   ? -0.818  4.017   -2.995  1.00 16.02 ? 205 F3E A N01 1 
HETATM 1292 N N03 . F3E F 3 .   ? 0.665   5.260   -4.421  1.00 18.84 ? 205 F3E A N03 1 
HETATM 1293 N N13 . F3E F 3 .   ? 1.501   4.047   -2.637  1.00 18.26 ? 205 F3E A N13 1 
HETATM 1294 O O   . HOH G 4 .   ? -19.578 -1.096  2.793   1.00 35.69 ? 301 HOH A O   1 
HETATM 1295 O O   . HOH G 4 .   ? -9.244  16.430  1.082   1.00 39.90 ? 302 HOH A O   1 
HETATM 1296 O O   . HOH G 4 .   ? 10.584  -6.920  -7.657  1.00 31.17 ? 303 HOH A O   1 
HETATM 1297 O O   . HOH G 4 .   ? -7.706  12.803  8.461   1.00 27.79 ? 304 HOH A O   1 
HETATM 1298 O O   . HOH G 4 .   ? 2.505   -13.060 -18.013 1.00 29.77 ? 305 HOH A O   1 
HETATM 1299 O O   . HOH G 4 .   ? 10.144  2.730   -17.153 1.00 28.03 ? 306 HOH A O   1 
HETATM 1300 O O   . HOH G 4 .   ? 7.220   5.539   -18.913 1.00 24.56 ? 307 HOH A O   1 
HETATM 1301 O O   . HOH G 4 .   ? -0.815  -15.847 15.156  1.00 25.57 ? 308 HOH A O   1 
HETATM 1302 O O   . HOH G 4 .   ? -14.669 -0.738  12.079  1.00 26.51 ? 309 HOH A O   1 
HETATM 1303 O O   . HOH G 4 .   ? -18.641 -2.435  4.294   1.00 32.02 ? 310 HOH A O   1 
HETATM 1304 O O   . HOH G 4 .   ? -16.287 4.156   7.089   1.00 25.10 ? 311 HOH A O   1 
HETATM 1305 O O   . HOH G 4 .   ? -11.905 -7.824  -12.481 1.00 15.14 ? 312 HOH A O   1 
HETATM 1306 O O   . HOH G 4 .   ? -7.800  -6.293  16.553  1.00 31.94 ? 313 HOH A O   1 
HETATM 1307 O O   . HOH G 4 .   ? 2.714   -14.520 0.416   1.00 33.08 ? 314 HOH A O   1 
HETATM 1308 O O   . HOH G 4 .   ? -14.592 4.825   9.471   1.00 32.02 ? 315 HOH A O   1 
HETATM 1309 O O   . HOH G 4 .   ? 10.816  -3.215  13.295  1.00 26.80 ? 316 HOH A O   1 
HETATM 1310 O O   . HOH G 4 .   ? 8.601   -12.002 9.531   1.00 30.92 ? 317 HOH A O   1 
HETATM 1311 O O   . HOH G 4 .   ? -5.373  -13.424 5.359   1.00 31.11 ? 318 HOH A O   1 
HETATM 1312 O O   . HOH G 4 .   ? 1.465   16.726  -9.153  1.00 22.34 ? 319 HOH A O   1 
HETATM 1313 O O   . HOH G 4 .   ? -1.352  -12.590 13.478  1.00 27.66 ? 320 HOH A O   1 
HETATM 1314 O O   . HOH G 4 .   ? 13.954  -11.928 5.995   1.00 21.63 ? 321 HOH A O   1 
HETATM 1315 O O   . HOH G 4 .   ? 1.634   -18.286 -13.952 1.00 22.22 ? 322 HOH A O   1 
HETATM 1316 O O   . HOH G 4 .   ? -15.634 3.042   -1.791  1.00 31.96 ? 323 HOH A O   1 
HETATM 1317 O O   . HOH G 4 .   ? 1.387   3.832   14.346  1.00 18.25 ? 324 HOH A O   1 
HETATM 1318 O O   . HOH G 4 .   ? -1.805  6.255   20.254  1.00 19.85 ? 325 HOH A O   1 
HETATM 1319 O O   . HOH G 4 .   ? 4.460   4.397   4.708   1.00 27.89 ? 326 HOH A O   1 
HETATM 1320 O O   . HOH G 4 .   ? 5.012   -13.700 -0.279  1.00 29.61 ? 327 HOH A O   1 
HETATM 1321 O O   . HOH G 4 .   ? -14.523 7.994   4.495   1.00 24.50 ? 328 HOH A O   1 
HETATM 1322 O O   . HOH G 4 .   ? 9.317   8.642   15.006  1.00 26.11 ? 329 HOH A O   1 
HETATM 1323 O O   . HOH G 4 .   ? 7.997   14.313  -10.325 1.00 21.69 ? 330 HOH A O   1 
HETATM 1324 O O   . HOH G 4 .   ? 7.191   6.254   16.550  1.00 16.72 ? 331 HOH A O   1 
HETATM 1325 O O   . HOH G 4 .   ? 2.250   -12.201 -14.102 1.00 17.90 ? 332 HOH A O   1 
HETATM 1326 O O   . HOH G 4 .   ? 3.359   13.806  14.591  1.00 30.08 ? 333 HOH A O   1 
HETATM 1327 O O   . HOH G 4 .   ? 17.876  -1.034  -5.819  1.00 33.83 ? 334 HOH A O   1 
HETATM 1328 O O   . HOH G 4 .   ? -0.973  -14.384 -4.795  1.00 20.76 ? 335 HOH A O   1 
HETATM 1329 O O   . HOH G 4 .   ? 11.862  0.920   9.307   1.00 35.68 ? 336 HOH A O   1 
HETATM 1330 O O   . HOH G 4 .   ? 12.322  -8.642  9.005   1.00 27.55 ? 337 HOH A O   1 
HETATM 1331 O O   . HOH G 4 .   ? 7.862   3.555   5.797   1.00 28.09 ? 338 HOH A O   1 
HETATM 1332 O O   . HOH G 4 .   ? -5.490  5.572   15.128  1.00 22.84 ? 339 HOH A O   1 
HETATM 1333 O O   . HOH G 4 .   ? 13.160  4.922   -4.341  1.00 24.29 ? 340 HOH A O   1 
HETATM 1334 O O   . HOH G 4 .   ? -3.846  -1.802  5.814   1.00 11.62 ? 341 HOH A O   1 
HETATM 1335 O O   . HOH G 4 .   ? -2.937  6.186   -0.995  1.00 10.80 ? 342 HOH A O   1 
HETATM 1336 O O   . HOH G 4 .   ? -13.755 -6.381  -0.612  1.00 27.27 ? 343 HOH A O   1 
HETATM 1337 O O   . HOH G 4 .   ? 3.761   -13.037 12.485  1.00 20.77 ? 344 HOH A O   1 
HETATM 1338 O O   . HOH G 4 .   ? -15.680 -6.661  8.198   1.00 26.22 ? 345 HOH A O   1 
HETATM 1339 O O   . HOH G 4 .   ? 5.659   -9.881  -3.999  1.00 23.55 ? 346 HOH A O   1 
HETATM 1340 O O   . HOH G 4 .   ? 18.891  0.573   -8.721  1.00 32.43 ? 347 HOH A O   1 
HETATM 1341 O O   . HOH G 4 .   ? 3.561   -14.935 -7.224  1.00 24.08 ? 348 HOH A O   1 
HETATM 1342 O O   . HOH G 4 .   ? 3.604   -3.781  -15.602 1.00 34.24 ? 349 HOH A O   1 
HETATM 1343 O O   . HOH G 4 .   ? 3.558   20.737  -14.606 1.00 31.18 ? 350 HOH A O   1 
HETATM 1344 O O   . HOH G 4 .   ? -7.292  7.628   -5.178  1.00 12.43 ? 351 HOH A O   1 
HETATM 1345 O O   . HOH G 4 .   ? -8.727  9.128   13.718  1.00 28.94 ? 352 HOH A O   1 
HETATM 1346 O O   . HOH G 4 .   ? 4.959   10.039  9.029   1.00 26.91 ? 353 HOH A O   1 
HETATM 1347 O O   . HOH G 4 .   ? -3.943  2.357   -0.314  1.00 17.37 ? 354 HOH A O   1 
HETATM 1348 O O   . HOH G 4 .   ? -1.341  -3.319  18.817  1.00 22.44 ? 355 HOH A O   1 
HETATM 1349 O O   . HOH G 4 .   ? 22.932  -5.134  6.462   1.00 16.49 ? 356 HOH A O   1 
HETATM 1350 O O   . HOH G 4 .   ? -0.289  7.140   -22.584 1.00 28.82 ? 357 HOH A O   1 
HETATM 1351 O O   . HOH G 4 .   ? 18.060  -2.167  -13.573 1.00 37.17 ? 358 HOH A O   1 
HETATM 1352 O O   . HOH G 4 .   ? 6.776   1.752   15.559  1.00 22.77 ? 359 HOH A O   1 
HETATM 1353 O O   . HOH G 4 .   ? 12.492  6.940   -6.129  1.00 30.38 ? 360 HOH A O   1 
HETATM 1354 O O   . HOH G 4 .   ? 16.719  13.827  -9.077  1.00 27.08 ? 361 HOH A O   1 
HETATM 1355 O O   . HOH G 4 .   ? 9.202   -9.494  9.623   1.00 19.72 ? 362 HOH A O   1 
HETATM 1356 O O   . HOH G 4 .   ? 11.275  15.049  -9.328  1.00 31.68 ? 363 HOH A O   1 
HETATM 1357 O O   . HOH G 4 .   ? -6.437  -11.865 -10.793 1.00 16.62 ? 364 HOH A O   1 
HETATM 1358 O O   . HOH G 4 .   ? -3.996  13.971  -6.986  1.00 34.28 ? 365 HOH A O   1 
HETATM 1359 O O   . HOH G 4 .   ? -8.020  -11.857 -13.034 1.00 25.65 ? 366 HOH A O   1 
HETATM 1360 O O   . HOH G 4 .   ? 9.549   -14.655 3.697   1.00 24.75 ? 367 HOH A O   1 
HETATM 1361 O O   . HOH G 4 .   ? 11.676  -11.793 -1.029  1.00 24.87 ? 368 HOH A O   1 
HETATM 1362 O O   . HOH G 4 .   ? 11.230  7.678   -10.588 1.00 12.31 ? 369 HOH A O   1 
HETATM 1363 O O   . HOH G 4 .   ? -7.473  -8.709  -2.262  1.00 22.23 ? 370 HOH A O   1 
HETATM 1364 O O   . HOH G 4 .   ? -11.509 -9.957  3.530   1.00 28.82 ? 371 HOH A O   1 
HETATM 1365 O O   . HOH G 4 .   ? 9.256   -3.379  3.522   1.00 16.66 ? 372 HOH A O   1 
HETATM 1366 O O   . HOH G 4 .   ? -15.587 5.722   -1.771  1.00 29.69 ? 373 HOH A O   1 
HETATM 1367 O O   . HOH G 4 .   ? 3.029   -7.469  11.388  1.00 12.71 ? 374 HOH A O   1 
HETATM 1368 O O   . HOH G 4 .   ? -12.332 3.992   -8.285  1.00 30.06 ? 375 HOH A O   1 
HETATM 1369 O O   . HOH G 4 .   ? 13.053  -3.634  -7.270  1.00 27.15 ? 376 HOH A O   1 
HETATM 1370 O O   . HOH G 4 .   ? -15.152 0.421   9.618   1.00 26.53 ? 377 HOH A O   1 
HETATM 1371 O O   . HOH G 4 .   ? 16.216  -0.334  2.752   1.00 30.79 ? 378 HOH A O   1 
HETATM 1372 O O   . HOH G 4 .   ? -7.419  8.942   -9.543  1.00 18.58 ? 379 HOH A O   1 
HETATM 1373 O O   . HOH G 4 .   ? 13.482  -1.097  11.162  1.00 36.85 ? 380 HOH A O   1 
HETATM 1374 O O   . HOH G 4 .   ? -13.320 -7.770  1.655   1.00 27.61 ? 381 HOH A O   1 
HETATM 1375 O O   . HOH G 4 .   ? 3.141   -8.733  -3.812  1.00 16.13 ? 382 HOH A O   1 
HETATM 1376 O O   . HOH G 4 .   ? 14.563  -0.968  -0.396  1.00 17.92 ? 383 HOH A O   1 
HETATM 1377 O O   . HOH G 4 .   ? 0.484   -14.783 -7.166  1.00 18.17 ? 384 HOH A O   1 
HETATM 1378 O O   . HOH G 4 .   ? -2.449  9.577   -20.152 1.00 26.86 ? 385 HOH A O   1 
HETATM 1379 O O   . HOH G 4 .   ? -3.973  -13.718 -17.106 1.00 34.47 ? 386 HOH A O   1 
HETATM 1380 O O   . HOH G 4 .   ? 0.594   -16.717 1.674   1.00 38.81 ? 387 HOH A O   1 
HETATM 1381 O O   . HOH G 4 .   ? 10.662  2.829   4.607   1.00 19.11 ? 388 HOH A O   1 
HETATM 1382 O O   . HOH G 4 .   ? -5.488  -9.305  19.224  1.00 29.17 ? 389 HOH A O   1 
HETATM 1383 O O   . HOH G 4 .   ? 4.294   -3.934  -12.716 1.00 26.37 ? 390 HOH A O   1 
HETATM 1384 O O   . HOH G 4 .   ? 2.940   1.498   15.453  1.00 26.27 ? 391 HOH A O   1 
HETATM 1385 O O   . HOH G 4 .   ? 7.087   7.949   -20.711 1.00 22.46 ? 392 HOH A O   1 
HETATM 1386 O O   . HOH G 4 .   ? -4.252  -4.297  21.788  1.00 27.57 ? 393 HOH A O   1 
HETATM 1387 O O   . HOH G 4 .   ? 8.847   14.547  -7.629  1.00 36.65 ? 394 HOH A O   1 
HETATM 1388 O O   . HOH G 4 .   ? -12.828 10.627  -0.996  1.00 28.55 ? 395 HOH A O   1 
HETATM 1389 O O   . HOH G 4 .   ? -6.378  -9.766  -4.389  1.00 21.74 ? 396 HOH A O   1 
HETATM 1390 O O   . HOH G 4 .   ? -4.603  -3.979  -19.321 1.00 29.51 ? 397 HOH A O   1 
HETATM 1391 O O   . HOH G 4 .   ? -3.488  2.224   -19.826 1.00 28.16 ? 398 HOH A O   1 
HETATM 1392 O O   . HOH G 4 .   ? -6.649  -6.962  -17.049 1.00 19.47 ? 399 HOH A O   1 
HETATM 1393 O O   . HOH G 4 .   ? -11.168 9.090   -7.110  1.00 30.93 ? 400 HOH A O   1 
HETATM 1394 O O   . HOH G 4 .   ? 1.938   7.081   1.224   1.00 26.80 ? 401 HOH A O   1 
HETATM 1395 O O   . HOH G 4 .   ? -7.694  -9.766  2.715   1.00 23.42 ? 402 HOH A O   1 
HETATM 1396 O O   . HOH G 4 .   ? -6.409  11.261  -5.401  1.00 24.28 ? 403 HOH A O   1 
HETATM 1397 O O   . HOH G 4 .   ? 19.001  -2.354  5.039   1.00 20.70 ? 404 HOH A O   1 
HETATM 1398 O O   . HOH G 4 .   ? 1.021   -3.006  -16.083 1.00 21.90 ? 405 HOH A O   1 
HETATM 1399 O O   . HOH G 4 .   ? -4.226  0.270   20.171  1.00 31.11 ? 406 HOH A O   1 
HETATM 1400 O O   . HOH G 4 .   ? -3.505  4.322   19.506  1.00 22.88 ? 407 HOH A O   1 
HETATM 1401 O O   . HOH G 4 .   ? 12.985  0.009   6.013   1.00 23.63 ? 408 HOH A O   1 
HETATM 1402 O O   . HOH G 4 .   ? -10.048 -7.711  13.480  1.00 32.01 ? 409 HOH A O   1 
HETATM 1403 O O   . HOH G 4 .   ? 0.363   -18.215 -16.188 1.00 37.19 ? 410 HOH A O   1 
HETATM 1404 O O   . HOH G 4 .   ? -14.477 -3.286  -6.512  1.00 17.65 ? 411 HOH A O   1 
HETATM 1405 O O   . HOH G 4 .   ? -3.305  12.826  11.481  1.00 22.57 ? 412 HOH A O   1 
HETATM 1406 O O   . HOH G 4 .   ? -7.661  0.913   -15.949 1.00 34.25 ? 413 HOH A O   1 
HETATM 1407 O O   . HOH G 4 .   ? -7.894  6.086   -17.176 1.00 29.50 ? 414 HOH A O   1 
HETATM 1408 O O   . HOH G 4 .   ? 0.152   7.984   2.889   1.00 28.35 ? 415 HOH A O   1 
HETATM 1409 O O   . HOH G 4 .   ? 23.682  -0.052  4.401   1.00 38.93 ? 416 HOH A O   1 
HETATM 1410 O O   . HOH G 4 .   ? -10.438 11.674  5.042   1.00 29.22 ? 417 HOH A O   1 
HETATM 1411 O O   . HOH G 4 .   ? -0.061  5.225   5.059   1.00 21.50 ? 418 HOH A O   1 
HETATM 1412 O O   . HOH G 4 .   ? 15.207  8.620   -7.123  1.00 19.45 ? 419 HOH A O   1 
HETATM 1413 O O   . HOH G 4 .   ? -10.773 -13.844 -7.137  1.00 31.36 ? 420 HOH A O   1 
HETATM 1414 O O   . HOH G 4 .   ? -1.775  6.316   -19.794 1.00 19.00 ? 421 HOH A O   1 
HETATM 1415 O O   . HOH G 4 .   ? -18.091 -5.791  -5.734  1.00 20.01 ? 422 HOH A O   1 
HETATM 1416 O O   . HOH G 4 .   ? 4.141   -1.157  -18.212 1.00 33.43 ? 423 HOH A O   1 
HETATM 1417 O O   . HOH G 4 .   ? 9.052   12.650  -19.010 1.00 24.49 ? 424 HOH A O   1 
HETATM 1418 O O   . HOH G 4 .   ? -3.445  18.759  -6.838  1.00 36.52 ? 425 HOH A O   1 
HETATM 1419 O O   . HOH G 4 .   ? -3.542  -0.376  -18.902 1.00 21.94 ? 426 HOH A O   1 
HETATM 1420 O O   . HOH G 4 .   ? -4.955  13.218  -2.532  1.00 30.22 ? 427 HOH A O   1 
HETATM 1421 O O   . HOH G 4 .   ? 7.127   -14.382 5.504   1.00 29.80 ? 428 HOH A O   1 
HETATM 1422 O O   . HOH G 4 .   ? -0.264  16.206  -2.249  1.00 41.96 ? 429 HOH A O   1 
HETATM 1423 O O   . HOH G 4 .   ? -0.843  14.040  16.018  1.00 34.95 ? 430 HOH A O   1 
HETATM 1424 O O   . HOH G 4 .   ? 9.184   -12.603 0.035   1.00 19.73 ? 431 HOH A O   1 
HETATM 1425 O O   . HOH G 4 .   ? 3.362   17.535  -5.984  1.00 26.12 ? 432 HOH A O   1 
HETATM 1426 O O   . HOH G 4 .   ? 6.476   -10.107 -11.414 1.00 31.35 ? 433 HOH A O   1 
HETATM 1427 O O   . HOH G 4 .   ? 20.510  -5.587  7.463   1.00 28.17 ? 434 HOH A O   1 
HETATM 1428 O O   . HOH G 4 .   ? -6.706  -17.777 -16.661 1.00 39.43 ? 435 HOH A O   1 
HETATM 1429 O O   . HOH G 4 .   ? -14.405 -7.657  10.128  1.00 39.76 ? 436 HOH A O   1 
HETATM 1430 O O   . HOH G 4 .   ? -6.135  3.637   16.659  1.00 35.78 ? 437 HOH A O   1 
HETATM 1431 O O   . HOH G 4 .   ? 13.883  15.718  -8.776  1.00 31.38 ? 438 HOH A O   1 
HETATM 1432 O O   . HOH G 4 .   ? 9.981   -8.417  -9.641  1.00 37.61 ? 439 HOH A O   1 
HETATM 1433 O O   . HOH G 4 .   ? -10.192 -14.465 -9.555  1.00 32.58 ? 440 HOH A O   1 
HETATM 1434 O O   . HOH G 4 .   ? -0.548  18.840  -13.510 1.00 30.10 ? 441 HOH A O   1 
HETATM 1435 O O   . HOH G 4 .   ? -4.941  -12.397 19.320  1.00 36.15 ? 442 HOH A O   1 
HETATM 1436 O O   . HOH G 4 .   ? -21.119 -3.224  8.033   1.00 41.31 ? 443 HOH A O   1 
HETATM 1437 O O   . HOH G 4 .   ? 14.976  -3.206  11.354  1.00 39.97 ? 444 HOH A O   1 
HETATM 1438 O O   . HOH G 4 .   ? 0.469   -4.378  -18.562 1.00 34.95 ? 445 HOH A O   1 
HETATM 1439 O O   . HOH G 4 .   ? 5.784   4.593   14.605  1.00 32.75 ? 446 HOH A O   1 
HETATM 1440 O O   . HOH G 4 .   ? 8.234   -4.407  13.411  1.00 33.75 ? 447 HOH A O   1 
HETATM 1441 O O   . HOH G 4 .   ? 6.092   -11.673 -6.622  1.00 31.19 ? 448 HOH A O   1 
HETATM 1442 O O   . HOH G 4 .   ? 17.360  -8.103  7.883   1.00 35.27 ? 449 HOH A O   1 
HETATM 1443 O O   . HOH G 4 .   ? 17.681  4.944   2.340   1.00 44.15 ? 450 HOH A O   1 
HETATM 1444 O O   . HOH G 4 .   ? -6.688  7.094   16.621  1.00 23.17 ? 451 HOH A O   1 
HETATM 1445 O O   . HOH G 4 .   ? 16.905  -2.819  -10.122 1.00 39.44 ? 452 HOH A O   1 
HETATM 1446 O O   . HOH G 4 .   ? 11.115  -2.663  -11.700 1.00 36.95 ? 453 HOH A O   1 
HETATM 1447 O O   . HOH G 4 .   ? 8.283   11.131  -4.621  1.00 39.15 ? 454 HOH A O   1 
HETATM 1448 O O   . HOH G 4 .   ? -3.102  -16.945 14.296  1.00 36.64 ? 455 HOH A O   1 
HETATM 1449 O O   . HOH G 4 .   ? -8.557  -10.446 12.505  1.00 32.01 ? 456 HOH A O   1 
HETATM 1450 O O   . HOH G 4 .   ? 5.719   19.811  -17.700 1.00 35.81 ? 457 HOH A O   1 
HETATM 1451 O O   . HOH G 4 .   ? 3.731   1.285   -18.998 1.00 32.81 ? 458 HOH A O   1 
HETATM 1452 O O   . HOH G 4 .   ? 1.226   -8.537  -20.838 1.00 33.15 ? 459 HOH A O   1 
HETATM 1453 O O   . HOH G 4 .   ? -10.253 7.643   -15.602 1.00 42.54 ? 460 HOH A O   1 
HETATM 1454 O O   . HOH G 4 .   ? -8.409  10.307  -7.339  1.00 31.25 ? 461 HOH A O   1 
HETATM 1455 O O   . HOH G 4 .   ? 1.044   3.959   -21.067 0.50 27.84 ? 462 HOH A O   1 
HETATM 1456 O O   . HOH G 4 .   ? -6.653  -12.107 2.884   1.00 32.89 ? 463 HOH A O   1 
HETATM 1457 O O   . HOH G 4 .   ? 8.847   -14.921 1.367   1.00 32.26 ? 464 HOH A O   1 
HETATM 1458 O O   . HOH G 4 .   ? 21.932  -2.037  -0.770  1.00 37.41 ? 465 HOH A O   1 
HETATM 1459 O O   . HOH G 4 .   ? -6.098  -12.597 -15.255 1.00 37.03 ? 466 HOH A O   1 
HETATM 1460 O O   . HOH G 4 .   ? 15.938  5.120   -3.603  1.00 30.47 ? 467 HOH A O   1 
HETATM 1461 O O   . HOH G 4 .   ? 15.389  7.501   -1.313  1.00 39.97 ? 468 HOH A O   1 
HETATM 1462 O O   . HOH G 4 .   ? -19.845 -6.675  4.205   1.00 49.31 ? 469 HOH A O   1 
HETATM 1463 O O   . HOH G 4 .   ? 6.177   -14.556 11.132  1.00 39.41 ? 470 HOH A O   1 
HETATM 1464 O O   . HOH G 4 .   ? 9.710   11.488  7.453   1.00 43.77 ? 471 HOH A O   1 
HETATM 1465 O O   . HOH G 4 .   ? -15.501 6.922   6.811   1.00 27.18 ? 472 HOH A O   1 
HETATM 1466 O O   . HOH G 4 .   ? -16.089 2.664   9.848   1.00 33.44 ? 473 HOH A O   1 
HETATM 1467 O O   . HOH G 4 .   ? -5.950  -16.012 -9.934  1.00 29.74 ? 474 HOH A O   1 
HETATM 1468 O O   . HOH G 4 .   ? 8.650   10.322  12.328  1.00 38.38 ? 475 HOH A O   1 
HETATM 1469 O O   . HOH G 4 .   ? 11.129  -16.222 4.934   1.00 36.78 ? 476 HOH A O   1 
HETATM 1470 O O   . HOH G 4 .   ? 6.125   4.616   11.656  1.00 35.84 ? 477 HOH A O   1 
HETATM 1471 O O   . HOH G 4 .   ? 14.001  -10.580 8.488   1.00 31.85 ? 478 HOH A O   1 
HETATM 1472 O O   . HOH G 4 .   ? -25.090 2.663   1.781   1.00 36.46 ? 479 HOH A O   1 
HETATM 1473 O O   . HOH G 4 .   ? 19.298  -3.572  7.947   1.00 38.04 ? 480 HOH A O   1 
HETATM 1474 O O   . HOH G 4 .   ? -17.006 8.016   -0.164  1.00 36.87 ? 481 HOH A O   1 
HETATM 1475 O O   . HOH G 4 .   ? -4.618  17.115  -8.927  1.00 35.18 ? 482 HOH A O   1 
HETATM 1476 O O   . HOH G 4 .   ? -15.179 9.424   1.253   1.00 37.20 ? 483 HOH A O   1 
HETATM 1477 O O   . HOH G 4 .   ? -7.563  -14.139 -9.386  1.00 36.18 ? 484 HOH A O   1 
HETATM 1478 O O   . HOH G 4 .   ? -7.497  -7.092  21.578  1.00 27.88 ? 485 HOH A O   1 
HETATM 1479 O O   . HOH G 4 .   ? -2.367  19.155  -9.272  1.00 32.34 ? 486 HOH A O   1 
HETATM 1480 O O   . HOH G 4 .   ? 20.303  6.632   -8.795  1.00 29.85 ? 487 HOH A O   1 
HETATM 1481 O O   . HOH G 4 .   ? 6.858   -11.819 -1.627  1.00 25.43 ? 488 HOH A O   1 
HETATM 1482 O O   . HOH G 4 .   ? -16.191 -3.966  -4.615  1.00 24.27 ? 489 HOH A O   1 
HETATM 1483 O O   . HOH G 4 .   ? -17.639 -8.282  -5.172  1.00 32.25 ? 490 HOH A O   1 
HETATM 1484 O O   . HOH G 4 .   ? 2.403   12.736  17.758  1.00 32.69 ? 491 HOH A O   1 
HETATM 1485 O O   . HOH G 4 .   ? -10.335 6.183   -12.172 1.00 37.08 ? 492 HOH A O   1 
HETATM 1486 O O   . HOH G 4 .   ? 15.522  0.707   4.939   1.00 30.37 ? 493 HOH A O   1 
HETATM 1487 O O   . HOH G 4 .   ? 6.357   -16.507 -1.384  1.00 43.96 ? 494 HOH A O   1 
HETATM 1488 O O   . HOH G 4 .   ? 15.338  11.854  -6.700  1.00 39.81 ? 495 HOH A O   1 
HETATM 1489 O O   . HOH G 4 .   ? 9.273   6.858   0.511   1.00 41.42 ? 496 HOH A O   1 
HETATM 1490 O O   . HOH G 4 .   ? -16.298 -4.362  -2.062  1.00 31.81 ? 497 HOH A O   1 
HETATM 1491 O O   . HOH G 4 .   ? -3.146  -2.387  -21.017 1.00 38.28 ? 498 HOH A O   1 
HETATM 1492 O O   . HOH G 4 .   ? -8.820  -10.007 0.078   1.00 29.07 ? 499 HOH A O   1 
HETATM 1493 O O   . HOH G 4 .   ? -8.446  -5.518  23.770  0.50 34.55 ? 500 HOH A O   1 
HETATM 1494 O O   . HOH G 4 .   ? 7.478   16.579  -5.882  1.00 42.61 ? 501 HOH A O   1 
HETATM 1495 O O   . HOH G 4 .   ? -13.752 8.091   -6.077  1.00 36.73 ? 502 HOH A O   1 
HETATM 1496 O O   . HOH G 4 .   ? -3.649  19.023  -1.853  1.00 44.63 ? 503 HOH A O   1 
HETATM 1497 O O   . HOH G 4 .   ? 13.986  -6.922  -10.333 1.00 40.24 ? 504 HOH A O   1 
HETATM 1498 O O   . HOH G 4 .   ? 7.270   9.925   -2.887  1.00 40.05 ? 505 HOH A O   1 
HETATM 1499 O O   . HOH G 4 .   ? 9.986   -1.248  -14.604 1.00 37.96 ? 506 HOH A O   1 
# 
